data_3M5H
#
_entry.id   3M5H
#
_cell.length_a   67.798
_cell.length_b   116.698
_cell.length_c   249.836
_cell.angle_alpha   90.00
_cell.angle_beta   90.00
_cell.angle_gamma   90.00
#
_symmetry.space_group_name_H-M   'P 21 21 21'
#
loop_
_entity.id
_entity.type
_entity.pdbx_description
1 polymer Hemagglutinin
2 polymer Hemagglutinin
3 branched 'N-acetyl-alpha-neuraminic acid-(2-3)-beta-D-galactopyranose-(1-4)-2-acetamido-2-deoxy-beta-D-glucopyranose'
4 branched 2-acetamido-2-deoxy-beta-D-glucopyranose-(1-4)-2-acetamido-2-deoxy-beta-D-glucopyranose
5 branched 'N-acetyl-alpha-neuraminic acid-(2-3)-beta-D-galactopyranose'
6 non-polymer 2-acetamido-2-deoxy-beta-D-glucopyranose
7 non-polymer GLYCEROL
8 water water
#
loop_
_entity_poly.entity_id
_entity_poly.type
_entity_poly.pdbx_seq_one_letter_code
_entity_poly.pdbx_strand_id
1 'polypeptide(L)'
;ADPGDKICLGHHAVANGTKVNTLTERGIEVVNATETVETTNIKKICTQGKRPTDLGQCGLLGTLIGPPQCDQFLEFSSDL
IIERREGTDICYPGRFTNEESLRQILRRSGGIGKESMGFTYSGIRTNGATSACTRSGSSFYAEMKWLLSNSDNAAFPQMT
KAYRNPRNKPALIIWGVHHSESVSEQTKLYGSGNKLITVRSSKYQQSFTPNPGARRIDFHWLLLDPNDTVTFTFNGAFIA
PDRTSFFRGESLGVQSDAPLDSSCRGDCFHSGGTIVSSLPFQNINSRTVGKCPRYVKQKSLLLATGMRNVPEKPKPR
;
A,C,E
2 'polypeptide(L)'
;GLFGAIAGFIENGWEGLINGWYGFRHQNAQGEGTAADYKSTQSAIDQITGKLNRLIGKTNQQFELIDNEFNEIEQQIGNV
INWTRDAMTEIWSYNAELLVAMENQHTIDLADSEMSKLYERVKKQLRENAEEDGTGCFEIFHKCDDQCMESIRNNTYDHT
QYRTESLQNRIQIDSGRLVPRG
;
B,D,F
#
loop_
_chem_comp.id
_chem_comp.type
_chem_comp.name
_chem_comp.formula
GAL D-saccharide, beta linking beta-D-galactopyranose 'C6 H12 O6'
GOL non-polymer GLYCEROL 'C3 H8 O3'
NAG D-saccharide, beta linking 2-acetamido-2-deoxy-beta-D-glucopyranose 'C8 H15 N O6'
SIA D-saccharide, alpha linking 'N-acetyl-alpha-neuraminic acid' 'C11 H19 N O9'
#
# COMPACT_ATOMS: atom_id res chain seq x y z
N GLY A 4 -50.14 40.62 1.61
CA GLY A 4 -51.06 39.83 0.73
C GLY A 4 -50.65 38.37 0.63
N ASP A 5 -50.60 37.87 -0.61
CA ASP A 5 -50.26 36.47 -0.86
C ASP A 5 -48.75 36.28 -0.98
N LYS A 6 -48.27 35.11 -0.60
CA LYS A 6 -46.85 34.78 -0.70
C LYS A 6 -46.60 33.29 -0.84
N ILE A 7 -45.54 32.94 -1.57
CA ILE A 7 -45.09 31.56 -1.70
C ILE A 7 -43.69 31.40 -1.12
N CYS A 8 -43.47 30.30 -0.41
CA CYS A 8 -42.19 30.06 0.24
C CYS A 8 -41.57 28.77 -0.28
N LEU A 9 -40.26 28.78 -0.46
CA LEU A 9 -39.55 27.58 -0.85
C LEU A 9 -38.82 26.99 0.33
N GLY A 10 -38.86 25.67 0.43
CA GLY A 10 -38.28 24.96 1.57
C GLY A 10 -37.99 23.50 1.27
N HIS A 11 -37.51 22.80 2.29
CA HIS A 11 -37.04 21.43 2.17
C HIS A 11 -37.50 20.61 3.36
N HIS A 12 -37.39 19.29 3.25
CA HIS A 12 -37.85 18.41 4.32
C HIS A 12 -36.88 18.33 5.49
N ALA A 13 -37.38 17.80 6.61
CA ALA A 13 -36.57 17.49 7.77
C ALA A 13 -37.22 16.37 8.57
N VAL A 14 -36.47 15.83 9.53
CA VAL A 14 -37.01 14.85 10.48
C VAL A 14 -36.66 15.29 11.90
N ALA A 15 -37.39 14.77 12.88
CA ALA A 15 -37.17 15.14 14.28
C ALA A 15 -35.77 14.74 14.76
N ASN A 16 -35.39 13.48 14.51
CA ASN A 16 -34.05 13.02 14.82
C ASN A 16 -33.34 12.43 13.61
N GLY A 17 -32.31 13.12 13.16
CA GLY A 17 -31.54 12.69 11.99
C GLY A 17 -30.37 11.82 12.38
N THR A 18 -29.42 11.67 11.46
CA THR A 18 -28.26 10.81 11.69
C THR A 18 -26.96 11.61 11.56
N LYS A 19 -26.13 11.53 12.59
CA LYS A 19 -24.85 12.24 12.61
C LYS A 19 -23.83 11.61 11.66
N VAL A 20 -23.19 12.45 10.85
CA VAL A 20 -22.12 12.03 9.94
C VAL A 20 -20.92 12.97 10.02
N ASN A 21 -19.80 12.57 9.42
CA ASN A 21 -18.60 13.39 9.39
C ASN A 21 -18.30 13.90 7.99
N THR A 22 -17.84 15.15 7.91
CA THR A 22 -17.48 15.76 6.64
C THR A 22 -16.02 16.19 6.69
N LEU A 23 -15.56 16.88 5.66
CA LEU A 23 -14.20 17.42 5.63
C LEU A 23 -14.00 18.50 6.70
N THR A 24 -15.05 19.27 6.96
CA THR A 24 -14.96 20.44 7.82
C THR A 24 -15.66 20.28 9.17
N GLU A 25 -16.50 19.25 9.31
CA GLU A 25 -17.32 19.13 10.50
C GLU A 25 -17.42 17.70 11.02
N ARG A 26 -17.59 17.56 12.33
CA ARG A 26 -17.70 16.27 12.97
C ARG A 26 -19.06 16.15 13.65
N GLY A 27 -19.78 15.07 13.34
CA GLY A 27 -21.11 14.83 13.90
C GLY A 27 -22.16 15.86 13.50
N ILE A 28 -22.17 16.22 12.22
CA ILE A 28 -23.23 17.04 11.65
C ILE A 28 -24.40 16.14 11.26
N GLU A 29 -25.61 16.60 11.52
CA GLU A 29 -26.82 15.79 11.34
C GLU A 29 -27.41 15.90 9.93
N VAL A 30 -27.48 14.78 9.22
CA VAL A 30 -28.16 14.71 7.91
C VAL A 30 -29.50 13.97 8.00
N VAL A 31 -30.35 14.11 6.99
CA VAL A 31 -31.67 13.48 6.99
C VAL A 31 -31.58 11.94 7.03
N ASN A 32 -30.65 11.40 6.24
CA ASN A 32 -30.44 9.97 6.19
C ASN A 32 -29.00 9.63 5.83
N ALA A 33 -28.56 8.45 6.25
CA ALA A 33 -27.19 8.00 6.00
C ALA A 33 -27.13 6.48 5.89
N THR A 34 -26.06 5.95 5.34
CA THR A 34 -25.88 4.50 5.31
C THR A 34 -24.47 4.01 5.65
N GLU A 35 -24.43 2.89 6.35
CA GLU A 35 -23.20 2.24 6.76
C GLU A 35 -22.42 1.73 5.54
N THR A 36 -21.11 1.98 5.54
CA THR A 36 -20.23 1.51 4.48
C THR A 36 -19.24 0.48 5.00
N VAL A 37 -19.27 0.24 6.31
CA VAL A 37 -18.35 -0.69 6.98
C VAL A 37 -19.10 -1.86 7.62
N GLU A 38 -18.87 -3.07 7.12
CA GLU A 38 -19.59 -4.26 7.58
C GLU A 38 -19.04 -4.77 8.91
N THR A 39 -19.95 -5.01 9.85
CA THR A 39 -19.58 -5.52 11.17
C THR A 39 -20.38 -6.76 11.55
N THR A 40 -21.31 -7.17 10.69
CA THR A 40 -22.17 -8.31 10.95
C THR A 40 -21.56 -9.60 10.38
N ASN A 41 -21.07 -10.44 11.29
CA ASN A 41 -20.45 -11.72 10.92
C ASN A 41 -21.43 -12.86 11.07
N ILE A 42 -21.33 -13.84 10.19
CA ILE A 42 -22.08 -15.10 10.33
C ILE A 42 -21.13 -16.18 10.87
N LYS A 43 -21.45 -16.70 12.05
CA LYS A 43 -20.56 -17.63 12.76
C LYS A 43 -20.60 -19.05 12.18
N LYS A 44 -20.63 -19.14 10.86
CA LYS A 44 -20.73 -20.40 10.13
C LYS A 44 -20.02 -20.28 8.79
N ILE A 45 -19.57 -21.40 8.22
CA ILE A 45 -19.06 -21.39 6.86
C ILE A 45 -20.21 -21.68 5.89
N CYS A 46 -20.65 -20.63 5.22
CA CYS A 46 -21.78 -20.70 4.31
C CYS A 46 -21.39 -21.42 3.02
N THR A 47 -21.96 -22.62 2.83
CA THR A 47 -21.55 -23.53 1.78
C THR A 47 -22.61 -23.77 0.72
N GLN A 48 -23.65 -22.93 0.72
CA GLN A 48 -24.75 -23.12 -0.23
C GLN A 48 -24.31 -22.75 -1.64
N GLY A 49 -24.63 -23.64 -2.59
CA GLY A 49 -24.25 -23.46 -3.98
C GLY A 49 -22.78 -23.76 -4.19
N LYS A 50 -22.21 -24.54 -3.27
CA LYS A 50 -20.79 -24.90 -3.31
C LYS A 50 -20.57 -26.38 -3.03
N ARG A 51 -19.36 -26.85 -3.31
CA ARG A 51 -18.99 -28.23 -3.07
C ARG A 51 -17.87 -28.22 -2.04
N PRO A 52 -18.24 -28.15 -0.74
CA PRO A 52 -17.25 -27.98 0.32
C PRO A 52 -16.54 -29.27 0.69
N THR A 53 -15.37 -29.14 1.31
CA THR A 53 -14.65 -30.28 1.87
C THR A 53 -14.18 -29.95 3.27
N ASP A 54 -14.83 -30.53 4.26
CA ASP A 54 -14.45 -30.36 5.66
C ASP A 54 -13.39 -31.40 6.02
N LEU A 55 -12.13 -30.96 6.00
CA LEU A 55 -10.98 -31.85 6.18
C LEU A 55 -10.87 -32.50 7.57
N GLY A 56 -11.55 -31.92 8.55
CA GLY A 56 -11.55 -32.44 9.93
C GLY A 56 -10.19 -32.82 10.48
N GLN A 57 -10.04 -34.10 10.81
CA GLN A 57 -8.80 -34.67 11.35
C GLN A 57 -7.63 -34.61 10.37
N CYS A 58 -7.96 -34.54 9.08
CA CYS A 58 -6.96 -34.64 8.00
C CYS A 58 -6.35 -33.30 7.62
N GLY A 59 -5.03 -33.22 7.70
CA GLY A 59 -4.31 -32.02 7.27
C GLY A 59 -4.29 -31.93 5.77
N LEU A 60 -4.39 -30.71 5.22
CA LEU A 60 -4.44 -30.51 3.78
C LEU A 60 -3.28 -31.19 3.04
N LEU A 61 -2.08 -31.10 3.60
CA LEU A 61 -0.91 -31.73 3.01
C LEU A 61 -0.99 -33.25 3.07
N GLY A 62 -1.63 -33.76 4.12
CA GLY A 62 -1.84 -35.20 4.28
C GLY A 62 -2.51 -35.86 3.08
N THR A 63 -3.35 -35.09 2.39
CA THR A 63 -4.09 -35.58 1.21
C THR A 63 -3.16 -36.05 0.10
N LEU A 64 -1.90 -35.62 0.15
CA LEU A 64 -0.93 -35.96 -0.88
C LEU A 64 -0.19 -37.26 -0.58
N ILE A 65 0.22 -37.42 0.68
CA ILE A 65 1.01 -38.57 1.10
C ILE A 65 0.14 -39.67 1.70
N GLY A 66 -0.92 -39.26 2.38
CA GLY A 66 -1.95 -40.17 2.84
C GLY A 66 -1.70 -40.93 4.14
N PRO A 67 -1.70 -40.22 5.28
CA PRO A 67 -1.75 -40.91 6.57
C PRO A 67 -3.17 -41.41 6.83
N PRO A 68 -3.35 -42.36 7.77
CA PRO A 68 -4.67 -42.96 8.03
C PRO A 68 -5.82 -41.95 8.15
N GLN A 69 -5.53 -40.77 8.70
CA GLN A 69 -6.57 -39.76 8.92
C GLN A 69 -7.04 -39.10 7.62
N CYS A 70 -6.25 -39.24 6.56
CA CYS A 70 -6.58 -38.65 5.27
C CYS A 70 -7.10 -39.66 4.24
N ASP A 71 -7.43 -40.87 4.69
CA ASP A 71 -7.91 -41.94 3.80
C ASP A 71 -9.10 -41.51 2.95
N GLN A 72 -10.01 -40.76 3.54
CA GLN A 72 -11.23 -40.33 2.86
C GLN A 72 -11.02 -39.12 1.96
N PHE A 73 -9.77 -38.65 1.87
CA PHE A 73 -9.46 -37.42 1.12
C PHE A 73 -8.31 -37.59 0.12
N LEU A 74 -7.86 -38.83 -0.10
CA LEU A 74 -6.74 -39.12 -0.99
C LEU A 74 -6.96 -38.57 -2.39
N GLU A 75 -8.21 -38.65 -2.84
CA GLU A 75 -8.68 -37.95 -4.02
C GLU A 75 -9.96 -37.25 -3.59
N PHE A 76 -10.09 -35.98 -3.94
CA PHE A 76 -11.27 -35.21 -3.59
C PHE A 76 -11.49 -34.06 -4.57
N SER A 77 -12.73 -33.61 -4.65
CA SER A 77 -13.12 -32.56 -5.58
C SER A 77 -13.88 -31.46 -4.83
N SER A 78 -13.32 -30.26 -4.81
CA SER A 78 -13.91 -29.16 -4.05
C SER A 78 -13.73 -27.80 -4.70
N ASP A 79 -14.58 -26.85 -4.32
CA ASP A 79 -14.41 -25.44 -4.66
C ASP A 79 -14.24 -24.59 -3.39
N LEU A 80 -14.41 -25.25 -2.24
CA LEU A 80 -14.27 -24.62 -0.93
C LEU A 80 -13.68 -25.61 0.08
N ILE A 81 -12.37 -25.48 0.32
CA ILE A 81 -11.66 -26.38 1.23
C ILE A 81 -11.58 -25.80 2.63
N ILE A 82 -12.13 -26.51 3.61
CA ILE A 82 -12.13 -26.05 5.00
C ILE A 82 -11.12 -26.82 5.86
N GLU A 83 -10.12 -26.10 6.35
CA GLU A 83 -9.09 -26.67 7.22
C GLU A 83 -9.48 -26.46 8.68
N ARG A 84 -9.21 -27.47 9.50
CA ARG A 84 -9.58 -27.43 10.91
C ARG A 84 -8.34 -27.41 11.79
N ARG A 85 -8.48 -26.90 13.01
CA ARG A 85 -7.35 -26.80 13.93
C ARG A 85 -6.73 -28.16 14.23
N GLU A 86 -7.57 -29.19 14.37
CA GLU A 86 -7.08 -30.53 14.73
C GLU A 86 -6.43 -31.30 13.59
N GLY A 87 -6.51 -30.76 12.37
CA GLY A 87 -5.87 -31.35 11.18
C GLY A 87 -4.39 -31.62 11.35
N THR A 88 -3.94 -32.75 10.82
CA THR A 88 -2.57 -33.25 10.95
C THR A 88 -2.14 -33.85 9.62
N ASP A 89 -0.94 -33.48 9.15
CA ASP A 89 -0.42 -33.92 7.85
C ASP A 89 0.27 -35.27 7.93
N ILE A 90 0.65 -35.68 9.13
CA ILE A 90 1.56 -36.80 9.30
C ILE A 90 1.04 -37.87 10.26
N CYS A 91 1.65 -39.05 10.21
CA CYS A 91 1.49 -40.04 11.26
C CYS A 91 2.85 -40.27 11.88
N TYR A 92 3.78 -40.78 11.07
CA TYR A 92 5.18 -40.85 11.45
C TYR A 92 5.70 -39.41 11.63
N PRO A 93 6.62 -39.19 12.59
CA PRO A 93 7.13 -37.82 12.80
C PRO A 93 7.76 -37.23 11.54
N GLY A 94 7.59 -35.93 11.34
CA GLY A 94 8.18 -35.25 10.19
C GLY A 94 7.43 -33.99 9.80
N ARG A 95 7.92 -33.35 8.75
CA ARG A 95 7.28 -32.15 8.21
C ARG A 95 7.58 -32.02 6.72
N PHE A 96 6.71 -31.30 6.02
CA PHE A 96 6.97 -30.90 4.65
C PHE A 96 7.89 -29.70 4.67
N THR A 97 8.88 -29.67 3.78
CA THR A 97 9.65 -28.45 3.54
C THR A 97 8.84 -27.55 2.61
N ASN A 98 8.89 -26.24 2.85
CA ASN A 98 8.04 -25.28 2.14
C ASN A 98 6.55 -25.57 2.35
N GLU A 99 6.20 -26.11 3.52
CA GLU A 99 4.84 -26.54 3.81
C GLU A 99 3.79 -25.46 3.52
N GLU A 100 4.10 -24.21 3.88
CA GLU A 100 3.14 -23.13 3.79
C GLU A 100 2.83 -22.72 2.35
N SER A 101 3.83 -22.74 1.48
CA SER A 101 3.61 -22.40 0.08
C SER A 101 2.90 -23.54 -0.66
N LEU A 102 3.11 -24.76 -0.20
CA LEU A 102 2.39 -25.92 -0.75
C LEU A 102 0.92 -25.90 -0.33
N ARG A 103 0.67 -25.54 0.93
CA ARG A 103 -0.69 -25.36 1.43
C ARG A 103 -1.45 -24.33 0.59
N GLN A 104 -0.75 -23.24 0.25
CA GLN A 104 -1.34 -22.17 -0.55
C GLN A 104 -1.72 -22.65 -1.94
N ILE A 105 -0.87 -23.47 -2.55
CA ILE A 105 -1.15 -24.03 -3.88
C ILE A 105 -2.35 -24.97 -3.84
N LEU A 106 -2.39 -25.83 -2.81
CA LEU A 106 -3.45 -26.81 -2.66
C LEU A 106 -4.81 -26.21 -2.34
N ARG A 107 -4.83 -25.08 -1.65
CA ARG A 107 -6.07 -24.41 -1.26
C ARG A 107 -6.88 -23.97 -2.47
N ARG A 108 -6.19 -23.63 -3.56
CA ARG A 108 -6.84 -23.14 -4.77
C ARG A 108 -6.84 -24.17 -5.91
N SER A 109 -6.48 -25.41 -5.57
CA SER A 109 -6.31 -26.49 -6.56
C SER A 109 -7.61 -26.99 -7.17
N GLY A 110 -8.72 -26.80 -6.46
CA GLY A 110 -9.99 -27.39 -6.88
C GLY A 110 -10.06 -28.87 -6.54
N GLY A 111 -9.13 -29.34 -5.71
CA GLY A 111 -9.07 -30.75 -5.32
C GLY A 111 -7.95 -31.46 -6.06
N ILE A 112 -7.84 -32.77 -5.86
CA ILE A 112 -6.75 -33.56 -6.46
C ILE A 112 -7.21 -34.91 -7.02
N GLY A 113 -6.54 -35.33 -8.08
CA GLY A 113 -6.69 -36.66 -8.64
C GLY A 113 -5.34 -37.36 -8.59
N LYS A 114 -5.36 -38.66 -8.28
CA LYS A 114 -4.13 -39.44 -8.16
C LYS A 114 -3.89 -40.36 -9.36
N GLU A 115 -2.63 -40.50 -9.76
CA GLU A 115 -2.25 -41.43 -10.80
C GLU A 115 -1.00 -42.21 -10.41
N SER A 116 -0.99 -43.50 -10.68
CA SER A 116 0.15 -44.36 -10.38
C SER A 116 1.37 -43.92 -11.18
N MET A 117 2.48 -43.71 -10.48
CA MET A 117 3.74 -43.34 -11.13
C MET A 117 4.41 -44.54 -11.81
N GLY A 118 3.94 -45.74 -11.48
CA GLY A 118 4.40 -46.96 -12.14
C GLY A 118 5.81 -47.41 -11.83
N PHE A 119 6.30 -47.06 -10.64
CA PHE A 119 7.59 -47.55 -10.18
C PHE A 119 7.45 -48.99 -9.68
N THR A 120 8.21 -49.89 -10.29
CA THR A 120 8.34 -51.26 -9.82
C THR A 120 9.77 -51.44 -9.30
N TYR A 121 9.97 -52.41 -8.41
CA TYR A 121 11.26 -52.56 -7.75
C TYR A 121 11.78 -53.99 -7.71
N SER A 122 13.09 -54.12 -7.79
CA SER A 122 13.76 -55.42 -7.77
C SER A 122 14.95 -55.41 -6.80
N GLY A 123 15.07 -56.48 -6.02
CA GLY A 123 16.25 -56.69 -5.16
C GLY A 123 16.24 -55.93 -3.84
N ILE A 124 15.14 -55.22 -3.57
CA ILE A 124 14.94 -54.51 -2.31
C ILE A 124 13.55 -54.82 -1.76
N ARG A 125 13.33 -54.54 -0.48
CA ARG A 125 12.00 -54.65 0.12
C ARG A 125 11.19 -53.37 -0.07
N THR A 126 9.88 -53.53 -0.16
CA THR A 126 8.97 -52.45 -0.52
C THR A 126 7.93 -52.18 0.58
N ASN A 127 7.80 -53.15 1.49
CA ASN A 127 6.74 -53.13 2.50
C ASN A 127 7.13 -52.52 3.85
N GLY A 128 7.88 -51.43 3.81
CA GLY A 128 8.26 -50.71 5.03
C GLY A 128 7.05 -50.10 5.72
N ALA A 129 6.85 -50.49 6.97
CA ALA A 129 5.68 -50.04 7.73
C ALA A 129 6.07 -49.47 9.09
N THR A 130 5.11 -48.83 9.75
CA THR A 130 5.30 -48.27 11.07
C THR A 130 3.99 -48.25 11.85
N SER A 131 4.06 -48.54 13.15
CA SER A 131 2.89 -48.54 14.01
C SER A 131 2.39 -47.13 14.34
N ALA A 132 3.13 -46.12 13.87
CA ALA A 132 2.72 -44.73 14.01
C ALA A 132 1.63 -44.40 13.00
N CYS A 133 1.56 -45.19 11.93
CA CYS A 133 0.55 -45.07 10.90
C CYS A 133 -0.32 -46.32 10.87
N THR A 134 -1.01 -46.57 11.99
CA THR A 134 -1.88 -47.74 12.10
C THR A 134 -3.14 -47.57 11.27
N ARG A 135 -3.45 -48.62 10.52
CA ARG A 135 -4.58 -48.65 9.61
C ARG A 135 -4.75 -50.11 9.23
N SER A 136 -5.41 -50.87 10.11
CA SER A 136 -5.47 -52.31 9.99
C SER A 136 -4.06 -52.87 10.17
N GLY A 137 -3.55 -52.72 11.39
CA GLY A 137 -2.18 -53.10 11.72
C GLY A 137 -1.20 -51.96 11.45
N SER A 138 0.07 -52.30 11.42
CA SER A 138 1.12 -51.35 11.08
C SER A 138 1.10 -51.10 9.59
N SER A 139 0.79 -49.86 9.24
CA SER A 139 0.75 -49.45 7.83
C SER A 139 1.73 -48.31 7.60
N PHE A 140 1.47 -47.51 6.57
CA PHE A 140 2.33 -46.43 6.14
C PHE A 140 1.53 -45.43 5.33
N TYR A 141 2.18 -44.37 4.86
CA TYR A 141 1.56 -43.41 3.96
C TYR A 141 1.06 -44.09 2.69
N ALA A 142 -0.24 -43.91 2.41
CA ALA A 142 -0.93 -44.67 1.36
C ALA A 142 -0.42 -44.42 -0.06
N GLU A 143 0.18 -43.26 -0.27
CA GLU A 143 0.66 -42.87 -1.60
C GLU A 143 2.16 -43.07 -1.72
N MET A 144 2.77 -43.57 -0.64
CA MET A 144 4.21 -43.67 -0.57
C MET A 144 4.64 -45.12 -0.38
N LYS A 145 5.94 -45.37 -0.55
CA LYS A 145 6.53 -46.69 -0.34
C LYS A 145 7.84 -46.54 0.43
N TRP A 146 7.92 -47.20 1.58
CA TRP A 146 9.13 -47.22 2.39
C TRP A 146 10.04 -48.32 1.85
N LEU A 147 11.14 -47.91 1.21
CA LEU A 147 12.10 -48.85 0.62
C LEU A 147 13.25 -49.13 1.59
N LEU A 148 13.61 -50.40 1.69
CA LEU A 148 14.76 -50.83 2.50
C LEU A 148 15.38 -52.12 2.00
N SER A 149 16.56 -52.44 2.53
CA SER A 149 17.30 -53.65 2.17
C SER A 149 16.50 -54.93 2.37
N ASN A 150 16.96 -56.00 1.73
CA ASN A 150 16.30 -57.31 1.79
C ASN A 150 16.30 -57.95 3.18
N SER A 151 17.29 -57.60 4.00
CA SER A 151 17.38 -58.05 5.39
C SER A 151 18.21 -57.07 6.21
N ASP A 152 18.28 -57.29 7.52
CA ASP A 152 19.07 -56.45 8.42
C ASP A 152 20.52 -56.31 7.95
N ASN A 153 20.96 -55.06 7.78
CA ASN A 153 22.36 -54.70 7.47
C ASN A 153 22.82 -54.85 6.01
N ALA A 154 22.00 -55.48 5.18
CA ALA A 154 22.37 -55.72 3.78
C ALA A 154 22.53 -54.43 3.00
N ALA A 155 23.45 -54.43 2.03
CA ALA A 155 23.73 -53.25 1.21
C ALA A 155 22.59 -52.94 0.25
N PHE A 156 21.96 -51.78 0.44
CA PHE A 156 20.94 -51.27 -0.45
C PHE A 156 21.62 -50.79 -1.73
N PRO A 157 21.24 -51.38 -2.87
CA PRO A 157 21.88 -51.06 -4.15
C PRO A 157 21.61 -49.64 -4.64
N GLN A 158 22.62 -49.02 -5.25
CA GLN A 158 22.46 -47.74 -5.93
C GLN A 158 21.41 -47.90 -7.04
N MET A 159 20.46 -46.97 -7.07
CA MET A 159 19.23 -47.16 -7.84
C MET A 159 18.80 -45.88 -8.57
N THR A 160 18.06 -46.04 -9.66
CA THR A 160 17.54 -44.91 -10.44
C THR A 160 16.09 -45.13 -10.87
N LYS A 161 15.23 -44.16 -10.56
CA LYS A 161 13.84 -44.19 -10.98
C LYS A 161 13.45 -42.89 -11.66
N ALA A 162 12.81 -43.01 -12.82
CA ALA A 162 12.42 -41.84 -13.60
C ALA A 162 10.94 -41.88 -13.94
N TYR A 163 10.31 -40.72 -13.87
CA TYR A 163 8.90 -40.58 -14.20
C TYR A 163 8.68 -39.35 -15.05
N ARG A 164 8.00 -39.54 -16.17
CA ARG A 164 7.67 -38.44 -17.07
C ARG A 164 6.19 -38.09 -16.90
N ASN A 165 5.90 -36.80 -16.76
CA ASN A 165 4.52 -36.32 -16.71
C ASN A 165 3.83 -36.57 -18.05
N PRO A 166 2.84 -37.48 -18.07
CA PRO A 166 2.17 -37.83 -19.33
C PRO A 166 0.90 -37.01 -19.56
N ARG A 167 0.64 -36.04 -18.70
CA ARG A 167 -0.59 -35.26 -18.76
C ARG A 167 -0.42 -33.86 -19.34
N ASN A 168 -1.53 -33.12 -19.32
CA ASN A 168 -1.65 -31.79 -19.90
C ASN A 168 -1.40 -30.69 -18.86
N LYS A 169 -1.20 -31.11 -17.61
CA LYS A 169 -1.01 -30.19 -16.49
C LYS A 169 0.14 -30.63 -15.56
N PRO A 170 0.64 -29.72 -14.70
CA PRO A 170 1.77 -30.04 -13.80
C PRO A 170 1.49 -31.22 -12.86
N ALA A 171 2.52 -32.03 -12.63
CA ALA A 171 2.45 -33.14 -11.68
C ALA A 171 3.09 -32.74 -10.36
N LEU A 172 2.36 -32.93 -9.26
CA LEU A 172 2.89 -32.63 -7.94
C LEU A 172 3.65 -33.83 -7.39
N ILE A 173 4.97 -33.83 -7.58
CA ILE A 173 5.82 -34.95 -7.17
C ILE A 173 6.21 -34.79 -5.70
N ILE A 174 6.06 -35.87 -4.94
CA ILE A 174 6.35 -35.88 -3.51
C ILE A 174 7.34 -37.00 -3.22
N TRP A 175 8.30 -36.74 -2.32
CA TRP A 175 9.21 -37.78 -1.85
C TRP A 175 9.61 -37.55 -0.41
N GLY A 176 10.12 -38.58 0.25
CA GLY A 176 10.53 -38.47 1.65
C GLY A 176 11.94 -38.90 1.94
N VAL A 177 12.55 -38.28 2.95
CA VAL A 177 13.85 -38.69 3.43
C VAL A 177 13.68 -39.21 4.86
N HIS A 178 14.04 -40.48 5.06
CA HIS A 178 13.96 -41.07 6.39
C HIS A 178 15.23 -40.81 7.18
N HIS A 179 15.08 -40.13 8.32
CA HIS A 179 16.17 -39.92 9.24
C HIS A 179 15.97 -40.92 10.38
N SER A 180 16.90 -41.87 10.48
CA SER A 180 16.82 -42.96 11.45
C SER A 180 17.07 -42.46 12.88
N GLU A 181 16.70 -43.29 13.86
CA GLU A 181 16.96 -43.01 15.28
C GLU A 181 18.47 -42.87 15.57
N SER A 182 19.28 -43.63 14.84
CA SER A 182 20.71 -43.67 15.08
C SER A 182 21.49 -44.15 13.85
N VAL A 183 22.81 -44.05 13.93
CA VAL A 183 23.70 -44.60 12.91
C VAL A 183 23.48 -46.11 12.73
N SER A 184 23.36 -46.82 13.85
CA SER A 184 23.11 -48.25 13.84
C SER A 184 21.84 -48.62 13.07
N GLU A 185 20.76 -47.87 13.33
CA GLU A 185 19.46 -48.15 12.73
C GLU A 185 19.44 -47.87 11.24
N GLN A 186 20.13 -46.83 10.82
CA GLN A 186 20.29 -46.54 9.38
C GLN A 186 21.01 -47.72 8.73
N THR A 187 22.07 -48.20 9.40
CA THR A 187 22.82 -49.36 8.93
C THR A 187 21.95 -50.61 8.85
N LYS A 188 21.11 -50.83 9.86
CA LYS A 188 20.22 -52.00 9.86
C LYS A 188 19.27 -51.99 8.67
N LEU A 189 18.60 -50.86 8.44
CA LEU A 189 17.59 -50.77 7.39
C LEU A 189 18.19 -50.72 5.97
N TYR A 190 19.29 -50.01 5.80
CA TYR A 190 19.77 -49.66 4.46
C TYR A 190 21.23 -50.06 4.17
N GLY A 191 21.89 -50.70 5.12
CA GLY A 191 23.32 -51.02 5.00
C GLY A 191 24.19 -49.88 5.51
N SER A 192 25.44 -50.19 5.82
CA SER A 192 26.37 -49.20 6.35
C SER A 192 26.84 -48.24 5.26
N GLY A 193 27.56 -47.20 5.66
CA GLY A 193 28.09 -46.23 4.71
C GLY A 193 27.17 -45.03 4.58
N ASN A 194 27.64 -44.01 3.89
CA ASN A 194 26.87 -42.78 3.74
C ASN A 194 25.75 -42.94 2.71
N LYS A 195 24.72 -42.10 2.82
CA LYS A 195 23.56 -42.18 1.95
C LYS A 195 23.30 -40.85 1.25
N LEU A 196 22.98 -40.91 -0.04
CA LEU A 196 22.62 -39.70 -0.79
C LEU A 196 21.41 -39.94 -1.69
N ILE A 197 20.52 -38.95 -1.69
CA ILE A 197 19.32 -38.96 -2.52
C ILE A 197 19.37 -37.74 -3.42
N THR A 198 19.25 -37.95 -4.73
CA THR A 198 19.28 -36.86 -5.69
C THR A 198 18.01 -36.83 -6.54
N VAL A 199 17.39 -35.66 -6.62
CA VAL A 199 16.14 -35.47 -7.34
C VAL A 199 16.33 -34.37 -8.39
N ARG A 200 16.15 -34.74 -9.65
CA ARG A 200 16.42 -33.83 -10.76
C ARG A 200 15.32 -33.80 -11.82
N SER A 201 14.85 -32.59 -12.11
CA SER A 201 14.05 -32.31 -13.31
C SER A 201 14.73 -31.18 -14.07
N SER A 202 14.19 -30.81 -15.23
CA SER A 202 14.77 -29.74 -16.05
C SER A 202 14.63 -28.36 -15.41
N LYS A 203 14.02 -28.29 -14.23
CA LYS A 203 13.88 -27.04 -13.47
C LYS A 203 14.38 -27.16 -12.02
N TYR A 204 14.42 -28.38 -11.49
CA TYR A 204 14.71 -28.64 -10.08
C TYR A 204 15.92 -29.55 -9.92
N GLN A 205 16.76 -29.24 -8.93
CA GLN A 205 17.99 -29.98 -8.66
C GLN A 205 18.41 -29.86 -7.19
N GLN A 206 18.22 -30.94 -6.43
CA GLN A 206 18.57 -30.96 -4.99
C GLN A 206 19.12 -32.30 -4.54
N SER A 207 20.04 -32.25 -3.58
CA SER A 207 20.59 -33.46 -2.95
C SER A 207 20.18 -33.51 -1.48
N PHE A 208 20.00 -34.73 -0.97
CA PHE A 208 19.57 -34.93 0.41
C PHE A 208 20.40 -36.03 1.07
N THR A 209 20.94 -35.72 2.25
CA THR A 209 21.58 -36.74 3.09
C THR A 209 20.79 -36.86 4.38
N PRO A 210 20.55 -38.10 4.85
CA PRO A 210 19.85 -38.28 6.12
C PRO A 210 20.71 -37.86 7.31
N ASN A 211 20.05 -37.26 8.31
CA ASN A 211 20.69 -36.83 9.53
C ASN A 211 20.11 -37.62 10.72
N PRO A 212 20.67 -38.81 10.99
CA PRO A 212 20.14 -39.68 12.05
C PRO A 212 20.26 -39.08 13.45
N GLY A 213 19.34 -39.45 14.34
CA GLY A 213 19.35 -38.98 15.72
C GLY A 213 17.99 -39.08 16.39
N ALA A 214 16.94 -38.73 15.63
CA ALA A 214 15.58 -38.82 16.12
C ALA A 214 14.62 -39.19 14.98
N ARG A 215 14.03 -40.38 15.09
CA ARG A 215 13.04 -40.89 14.14
C ARG A 215 12.17 -39.82 13.47
N ARG A 216 12.27 -39.75 12.14
CA ARG A 216 11.44 -38.82 11.35
C ARG A 216 11.51 -39.11 9.84
N ILE A 217 10.43 -38.79 9.13
CA ILE A 217 10.42 -38.78 7.67
C ILE A 217 10.01 -37.39 7.22
N ASP A 218 10.94 -36.70 6.57
CA ASP A 218 10.69 -35.34 6.07
C ASP A 218 10.34 -35.37 4.60
N PHE A 219 9.29 -34.64 4.22
CA PHE A 219 8.82 -34.66 2.84
C PHE A 219 9.23 -33.44 2.03
N HIS A 220 9.56 -33.69 0.76
CA HIS A 220 9.93 -32.64 -0.18
C HIS A 220 9.09 -32.76 -1.46
N TRP A 221 9.03 -31.68 -2.24
CA TRP A 221 8.15 -31.61 -3.39
C TRP A 221 8.61 -30.67 -4.50
N LEU A 222 8.12 -30.93 -5.72
CA LEU A 222 8.32 -30.07 -6.87
C LEU A 222 7.10 -30.16 -7.79
N LEU A 223 6.94 -29.18 -8.68
CA LEU A 223 5.95 -29.26 -9.73
C LEU A 223 6.62 -29.68 -11.02
N LEU A 224 6.22 -30.83 -11.55
CA LEU A 224 6.80 -31.36 -12.78
C LEU A 224 5.98 -30.92 -13.98
N ASP A 225 6.60 -30.15 -14.87
CA ASP A 225 5.94 -29.70 -16.09
C ASP A 225 5.52 -30.87 -16.98
N PRO A 226 4.42 -30.70 -17.75
CA PRO A 226 4.01 -31.70 -18.73
C PRO A 226 5.16 -32.09 -19.66
N ASN A 227 5.34 -33.39 -19.83
CA ASN A 227 6.36 -33.96 -20.73
C ASN A 227 7.79 -33.95 -20.16
N ASP A 228 7.99 -33.25 -19.05
CA ASP A 228 9.27 -33.24 -18.35
C ASP A 228 9.39 -34.48 -17.45
N THR A 229 10.64 -34.88 -17.17
CA THR A 229 10.92 -36.08 -16.39
C THR A 229 11.56 -35.75 -15.04
N VAL A 230 11.12 -36.45 -14.00
CA VAL A 230 11.77 -36.37 -12.68
C VAL A 230 12.62 -37.63 -12.48
N THR A 231 13.85 -37.44 -11.99
CA THR A 231 14.77 -38.55 -11.80
C THR A 231 15.25 -38.67 -10.34
N PHE A 232 14.98 -39.84 -9.76
CA PHE A 232 15.39 -40.16 -8.39
C PHE A 232 16.57 -41.12 -8.40
N THR A 233 17.68 -40.71 -7.79
CA THR A 233 18.82 -41.61 -7.56
C THR A 233 19.06 -41.70 -6.06
N PHE A 234 19.22 -42.92 -5.56
CA PHE A 234 19.29 -43.16 -4.12
C PHE A 234 19.89 -44.52 -3.76
N ASN A 235 20.61 -44.55 -2.64
CA ASN A 235 21.18 -45.79 -2.13
C ASN A 235 20.63 -46.16 -0.76
N GLY A 236 19.49 -45.56 -0.40
CA GLY A 236 18.82 -45.84 0.88
C GLY A 236 18.19 -44.61 1.52
N ALA A 237 17.52 -44.83 2.65
CA ALA A 237 16.82 -43.78 3.40
C ALA A 237 15.79 -43.01 2.56
N PHE A 238 15.33 -43.66 1.49
CA PHE A 238 14.42 -43.02 0.54
C PHE A 238 12.99 -43.49 0.70
N ILE A 239 12.08 -42.53 0.85
CA ILE A 239 10.65 -42.81 0.85
C ILE A 239 10.12 -42.44 -0.53
N ALA A 240 9.73 -43.46 -1.29
CA ALA A 240 9.38 -43.30 -2.70
C ALA A 240 7.90 -42.98 -2.91
N PRO A 241 7.59 -42.16 -3.93
CA PRO A 241 6.19 -41.99 -4.29
C PRO A 241 5.67 -43.19 -5.07
N ASP A 242 4.41 -43.53 -4.83
CA ASP A 242 3.72 -44.52 -5.64
C ASP A 242 2.78 -43.80 -6.60
N ARG A 243 2.01 -42.87 -6.04
CA ARG A 243 1.10 -42.03 -6.82
C ARG A 243 1.58 -40.59 -6.77
N THR A 244 1.21 -39.82 -7.79
CA THR A 244 1.37 -38.37 -7.81
C THR A 244 -0.01 -37.73 -7.96
N SER A 245 -0.07 -36.40 -7.82
CA SER A 245 -1.35 -35.69 -7.82
C SER A 245 -1.50 -34.74 -8.99
N PHE A 246 -2.74 -34.59 -9.46
CA PHE A 246 -3.08 -33.61 -10.48
C PHE A 246 -4.28 -32.80 -10.03
N PHE A 247 -4.18 -31.48 -10.18
CA PHE A 247 -5.23 -30.57 -9.72
C PHE A 247 -6.43 -30.59 -10.65
N ARG A 248 -7.59 -30.23 -10.11
CA ARG A 248 -8.85 -30.32 -10.85
C ARG A 248 -9.31 -29.00 -11.45
N GLY A 249 -9.14 -27.90 -10.72
CA GLY A 249 -9.57 -26.59 -11.19
C GLY A 249 -9.38 -25.45 -10.22
N GLU A 250 -10.48 -24.94 -9.68
CA GLU A 250 -10.46 -23.74 -8.84
C GLU A 250 -11.16 -23.96 -7.51
N SER A 251 -10.58 -23.40 -6.44
CA SER A 251 -11.16 -23.48 -5.11
C SER A 251 -10.67 -22.39 -4.17
N LEU A 252 -11.33 -22.27 -3.03
CA LEU A 252 -10.85 -21.45 -1.93
C LEU A 252 -10.47 -22.36 -0.77
N GLY A 253 -9.54 -21.89 0.05
CA GLY A 253 -9.17 -22.62 1.26
C GLY A 253 -9.34 -21.70 2.46
N VAL A 254 -10.12 -22.16 3.44
CA VAL A 254 -10.32 -21.43 4.69
C VAL A 254 -9.72 -22.20 5.85
N GLN A 255 -9.11 -21.47 6.78
CA GLN A 255 -8.80 -22.01 8.09
C GLN A 255 -9.86 -21.50 9.04
N SER A 256 -10.62 -22.42 9.64
CA SER A 256 -11.74 -22.05 10.52
C SER A 256 -12.26 -23.24 11.32
N ASP A 257 -12.82 -22.93 12.48
CA ASP A 257 -13.50 -23.93 13.30
C ASP A 257 -15.03 -23.77 13.23
N ALA A 258 -15.48 -22.78 12.44
CA ALA A 258 -16.89 -22.51 12.23
C ALA A 258 -17.61 -23.66 11.53
N PRO A 259 -18.80 -24.04 12.04
CA PRO A 259 -19.60 -25.12 11.43
C PRO A 259 -20.01 -24.79 10.01
N LEU A 260 -20.21 -25.83 9.20
CA LEU A 260 -20.71 -25.63 7.84
C LEU A 260 -22.20 -25.35 7.90
N ASP A 261 -22.68 -24.45 7.04
CA ASP A 261 -24.10 -24.18 6.94
C ASP A 261 -24.51 -24.11 5.48
N SER A 262 -25.33 -25.06 5.06
CA SER A 262 -25.76 -25.19 3.66
C SER A 262 -27.06 -24.43 3.39
N SER A 263 -27.41 -23.51 4.30
CA SER A 263 -28.62 -22.70 4.17
C SER A 263 -28.32 -21.23 3.88
N CYS A 264 -27.03 -20.87 3.90
CA CYS A 264 -26.59 -19.52 3.53
C CYS A 264 -25.52 -19.56 2.44
N ARG A 265 -25.62 -18.60 1.51
CA ARG A 265 -24.65 -18.42 0.43
C ARG A 265 -23.64 -17.36 0.86
N GLY A 266 -22.39 -17.52 0.44
CA GLY A 266 -21.31 -16.56 0.76
C GLY A 266 -20.08 -16.76 -0.10
N ASP A 267 -19.30 -15.70 -0.26
CA ASP A 267 -18.10 -15.73 -1.12
C ASP A 267 -16.87 -15.14 -0.43
N CYS A 268 -17.04 -14.72 0.83
CA CYS A 268 -15.95 -14.16 1.62
C CYS A 268 -15.86 -14.93 2.92
N PHE A 269 -14.73 -15.56 3.17
CA PHE A 269 -14.57 -16.41 4.34
C PHE A 269 -13.35 -16.06 5.17
N HIS A 270 -13.41 -16.42 6.45
CA HIS A 270 -12.33 -16.18 7.40
C HIS A 270 -12.51 -17.12 8.61
N SER A 271 -11.53 -17.13 9.52
CA SER A 271 -11.56 -18.04 10.66
C SER A 271 -12.84 -18.00 11.50
N GLY A 272 -13.51 -16.84 11.53
CA GLY A 272 -14.71 -16.67 12.35
C GLY A 272 -16.01 -16.93 11.60
N GLY A 273 -15.92 -17.37 10.35
CA GLY A 273 -17.10 -17.71 9.56
C GLY A 273 -17.16 -17.02 8.21
N THR A 274 -18.34 -16.52 7.86
CA THR A 274 -18.61 -15.94 6.54
C THR A 274 -19.00 -14.47 6.66
N ILE A 275 -18.47 -13.65 5.76
CA ILE A 275 -18.87 -12.25 5.64
C ILE A 275 -19.76 -12.09 4.40
N VAL A 276 -21.03 -11.77 4.63
CA VAL A 276 -21.98 -11.54 3.56
C VAL A 276 -22.34 -10.07 3.57
N SER A 277 -21.90 -9.36 2.52
CA SER A 277 -22.03 -7.92 2.46
C SER A 277 -21.96 -7.44 1.03
N SER A 278 -22.61 -6.31 0.79
CA SER A 278 -22.43 -5.57 -0.46
C SER A 278 -21.74 -4.23 -0.18
N LEU A 279 -21.21 -4.10 1.04
CA LEU A 279 -20.53 -2.87 1.47
C LEU A 279 -19.06 -2.88 1.06
N PRO A 280 -18.47 -1.69 0.83
CA PRO A 280 -17.09 -1.61 0.36
C PRO A 280 -16.03 -1.97 1.40
N PHE A 281 -16.37 -1.84 2.68
CA PHE A 281 -15.41 -2.08 3.77
C PHE A 281 -15.94 -3.01 4.87
N GLN A 282 -15.01 -3.58 5.64
CA GLN A 282 -15.36 -4.43 6.78
C GLN A 282 -14.37 -4.33 7.92
N ASN A 283 -14.86 -4.50 9.14
CA ASN A 283 -14.08 -4.38 10.36
C ASN A 283 -14.08 -5.72 11.13
N ILE A 284 -14.46 -6.78 10.44
CA ILE A 284 -14.63 -8.08 11.05
C ILE A 284 -13.30 -8.82 11.24
N ASN A 285 -12.55 -9.00 10.16
CA ASN A 285 -11.31 -9.77 10.19
C ASN A 285 -10.35 -9.33 9.08
N SER A 286 -9.07 -9.20 9.41
CA SER A 286 -8.08 -8.74 8.44
C SER A 286 -7.54 -9.86 7.58
N ARG A 287 -7.73 -11.10 8.03
CA ARG A 287 -7.34 -12.29 7.27
C ARG A 287 -8.57 -12.92 6.65
N THR A 288 -8.75 -12.70 5.35
CA THR A 288 -9.92 -13.20 4.63
C THR A 288 -9.54 -13.91 3.33
N VAL A 289 -10.40 -14.83 2.91
CA VAL A 289 -10.25 -15.53 1.64
C VAL A 289 -11.52 -15.32 0.81
N GLY A 290 -11.36 -15.09 -0.49
CA GLY A 290 -12.50 -14.97 -1.40
C GLY A 290 -12.73 -13.57 -1.90
N LYS A 291 -13.98 -13.27 -2.25
CA LYS A 291 -14.38 -11.93 -2.70
C LYS A 291 -14.92 -11.13 -1.52
N CYS A 292 -14.10 -10.19 -1.05
CA CYS A 292 -14.31 -9.52 0.24
C CYS A 292 -14.19 -8.00 0.18
N PRO A 293 -14.92 -7.30 1.07
CA PRO A 293 -14.66 -5.87 1.30
C PRO A 293 -13.28 -5.69 1.92
N ARG A 294 -12.66 -4.52 1.70
CA ARG A 294 -11.32 -4.24 2.23
C ARG A 294 -11.38 -4.01 3.74
N TYR A 295 -10.43 -4.57 4.46
CA TYR A 295 -10.40 -4.41 5.91
C TYR A 295 -10.02 -2.98 6.29
N VAL A 296 -10.77 -2.42 7.23
CA VAL A 296 -10.51 -1.10 7.78
C VAL A 296 -10.54 -1.17 9.31
N LYS A 297 -9.90 -0.23 10.00
CA LYS A 297 -9.82 -0.31 11.46
C LYS A 297 -10.98 0.42 12.15
N GLN A 298 -11.74 1.21 11.40
CA GLN A 298 -12.87 1.96 11.93
C GLN A 298 -14.10 1.07 12.03
N LYS A 299 -14.84 1.22 13.12
CA LYS A 299 -16.06 0.44 13.34
C LYS A 299 -17.22 0.91 12.46
N SER A 300 -17.28 2.21 12.21
CA SER A 300 -18.40 2.81 11.48
C SER A 300 -17.93 3.94 10.57
N LEU A 301 -18.49 3.98 9.36
CA LEU A 301 -18.29 5.11 8.46
C LEU A 301 -19.59 5.43 7.74
N LEU A 302 -20.42 6.26 8.38
CA LEU A 302 -21.74 6.59 7.85
C LEU A 302 -21.63 7.55 6.67
N LEU A 303 -22.24 7.14 5.56
CA LEU A 303 -22.28 7.93 4.34
C LEU A 303 -23.64 8.62 4.20
N ALA A 304 -23.62 9.95 4.07
CA ALA A 304 -24.84 10.74 3.95
C ALA A 304 -25.60 10.40 2.67
N THR A 305 -26.87 10.02 2.84
CA THR A 305 -27.78 9.79 1.71
C THR A 305 -28.95 10.77 1.76
N GLY A 306 -28.68 11.96 2.31
CA GLY A 306 -29.67 13.02 2.42
C GLY A 306 -29.02 14.35 2.73
N MET A 307 -29.83 15.41 2.72
CA MET A 307 -29.36 16.76 3.01
C MET A 307 -29.11 16.98 4.49
N ARG A 308 -28.56 18.15 4.82
CA ARG A 308 -28.43 18.62 6.18
C ARG A 308 -29.79 18.59 6.87
N ASN A 309 -29.83 18.09 8.10
CA ASN A 309 -31.08 18.06 8.85
C ASN A 309 -31.21 19.28 9.73
N VAL A 310 -32.25 20.07 9.48
CA VAL A 310 -32.58 21.24 10.27
C VAL A 310 -34.00 21.09 10.79
N PRO A 311 -34.17 20.45 11.96
CA PRO A 311 -35.51 20.24 12.53
C PRO A 311 -36.23 21.55 12.84
N GLU A 312 -37.56 21.49 12.86
CA GLU A 312 -38.40 22.65 13.14
C GLU A 312 -38.24 23.15 14.57
N LYS A 313 -38.51 24.44 14.78
CA LYS A 313 -38.55 25.03 16.12
C LYS A 313 -39.96 25.50 16.48
N GLY B 1 -23.88 25.00 4.42
CA GLY B 1 -23.70 24.58 2.99
C GLY B 1 -23.12 25.68 2.12
N LEU B 2 -22.47 25.27 1.03
CA LEU B 2 -21.80 26.19 0.10
C LEU B 2 -22.74 27.20 -0.58
N PHE B 3 -24.04 26.89 -0.60
CA PHE B 3 -24.99 27.65 -1.40
C PHE B 3 -25.94 28.52 -0.56
N GLY B 4 -25.80 28.43 0.76
CA GLY B 4 -26.47 29.33 1.68
C GLY B 4 -27.98 29.22 1.80
N ALA B 5 -28.56 28.19 1.21
CA ALA B 5 -30.00 27.99 1.34
C ALA B 5 -30.33 27.09 2.56
N ILE B 6 -30.06 25.79 2.42
CA ILE B 6 -30.24 24.85 3.51
C ILE B 6 -29.28 25.20 4.65
N ALA B 7 -29.82 25.35 5.86
CA ALA B 7 -29.10 25.84 7.02
C ALA B 7 -28.55 27.26 6.78
N GLY B 8 -29.25 28.02 5.93
CA GLY B 8 -28.84 29.36 5.57
C GLY B 8 -30.02 30.30 5.68
N PHE B 9 -30.38 30.95 4.58
CA PHE B 9 -31.46 31.93 4.61
C PHE B 9 -32.83 31.30 4.84
N ILE B 10 -32.95 30.02 4.49
CA ILE B 10 -34.12 29.23 4.87
C ILE B 10 -33.92 28.73 6.30
N GLU B 11 -34.70 29.28 7.22
CA GLU B 11 -34.55 29.06 8.66
C GLU B 11 -34.40 27.57 9.03
N ASN B 12 -35.39 26.77 8.62
CA ASN B 12 -35.42 25.36 9.00
C ASN B 12 -36.20 24.50 8.00
N GLY B 13 -36.08 23.19 8.14
CA GLY B 13 -36.79 22.25 7.28
C GLY B 13 -38.25 22.12 7.66
N TRP B 14 -39.03 21.47 6.80
CA TRP B 14 -40.43 21.20 7.08
C TRP B 14 -40.62 19.71 7.35
N GLU B 15 -40.88 19.37 8.61
CA GLU B 15 -41.05 17.98 9.03
C GLU B 15 -42.30 17.34 8.41
N GLY B 16 -43.25 18.18 8.00
CA GLY B 16 -44.49 17.72 7.40
C GLY B 16 -44.43 17.49 5.89
N LEU B 17 -43.30 17.80 5.28
CA LEU B 17 -43.09 17.54 3.85
C LEU B 17 -42.58 16.10 3.65
N ILE B 18 -43.53 15.16 3.69
CA ILE B 18 -43.18 13.74 3.57
C ILE B 18 -43.24 13.24 2.12
N ASN B 19 -43.77 14.09 1.24
CA ASN B 19 -43.98 13.74 -0.16
C ASN B 19 -42.79 14.08 -1.09
N GLY B 20 -41.71 14.59 -0.50
CA GLY B 20 -40.51 14.95 -1.27
C GLY B 20 -39.42 15.66 -0.48
N TRP B 21 -38.34 16.01 -1.17
CA TRP B 21 -37.17 16.67 -0.56
C TRP B 21 -37.31 18.18 -0.53
N TYR B 22 -37.88 18.74 -1.59
CA TYR B 22 -38.04 20.19 -1.72
C TYR B 22 -39.50 20.51 -1.98
N GLY B 23 -39.92 21.70 -1.55
CA GLY B 23 -41.34 22.03 -1.60
C GLY B 23 -41.72 23.50 -1.66
N PHE B 24 -43.02 23.74 -1.81
CA PHE B 24 -43.60 25.07 -1.84
C PHE B 24 -44.63 25.17 -0.74
N ARG B 25 -44.53 26.22 0.08
CA ARG B 25 -45.58 26.53 1.05
C ARG B 25 -46.13 27.91 0.76
N HIS B 26 -47.40 27.96 0.36
CA HIS B 26 -48.05 29.21 -0.03
C HIS B 26 -49.05 29.70 1.02
N GLN B 27 -49.31 31.00 1.02
CA GLN B 27 -50.35 31.59 1.85
C GLN B 27 -51.16 32.54 0.97
N ASN B 28 -52.47 32.29 0.89
CA ASN B 28 -53.39 33.16 0.15
C ASN B 28 -54.76 33.27 0.83
N ALA B 29 -55.72 33.95 0.20
CA ALA B 29 -57.03 34.17 0.81
C ALA B 29 -57.80 32.87 1.09
N GLN B 30 -57.44 31.81 0.37
CA GLN B 30 -58.07 30.50 0.51
C GLN B 30 -57.41 29.66 1.62
N GLY B 31 -56.21 30.07 2.05
CA GLY B 31 -55.53 29.42 3.16
C GLY B 31 -54.07 29.09 2.90
N GLU B 32 -53.56 28.12 3.66
CA GLU B 32 -52.20 27.61 3.47
C GLU B 32 -52.23 26.29 2.72
N GLY B 33 -51.11 25.95 2.07
CA GLY B 33 -50.98 24.69 1.36
C GLY B 33 -49.53 24.36 1.07
N THR B 34 -49.20 23.07 1.19
CA THR B 34 -47.84 22.58 0.94
C THR B 34 -47.84 21.48 -0.11
N ALA B 35 -46.91 21.59 -1.07
CA ALA B 35 -46.75 20.59 -2.11
C ALA B 35 -45.27 20.34 -2.39
N ALA B 36 -44.96 19.10 -2.75
CA ALA B 36 -43.58 18.72 -3.07
C ALA B 36 -43.21 19.15 -4.49
N ASP B 37 -41.92 19.35 -4.73
CA ASP B 37 -41.42 19.54 -6.10
C ASP B 37 -40.67 18.32 -6.58
N TYR B 38 -41.17 17.73 -7.67
CA TYR B 38 -40.66 16.46 -8.18
C TYR B 38 -39.30 16.57 -8.88
N LYS B 39 -39.18 17.53 -9.80
CA LYS B 39 -37.98 17.70 -10.61
C LYS B 39 -36.71 17.86 -9.75
N SER B 40 -36.79 18.70 -8.73
CA SER B 40 -35.67 18.99 -7.84
C SER B 40 -35.36 17.83 -6.90
N THR B 41 -36.42 17.22 -6.36
CA THR B 41 -36.28 16.08 -5.46
C THR B 41 -35.58 14.92 -6.17
N GLN B 42 -36.03 14.59 -7.38
CA GLN B 42 -35.49 13.48 -8.15
C GLN B 42 -34.08 13.72 -8.65
N SER B 43 -33.73 14.98 -8.92
CA SER B 43 -32.37 15.32 -9.31
C SER B 43 -31.39 15.09 -8.15
N ALA B 44 -31.81 15.40 -6.93
CA ALA B 44 -30.99 15.17 -5.75
C ALA B 44 -30.88 13.68 -5.43
N ILE B 45 -31.97 12.94 -5.62
CA ILE B 45 -31.98 11.49 -5.39
C ILE B 45 -31.12 10.76 -6.42
N ASP B 46 -31.30 11.09 -7.70
CA ASP B 46 -30.50 10.50 -8.79
C ASP B 46 -28.99 10.65 -8.52
N GLN B 47 -28.58 11.79 -7.98
CA GLN B 47 -27.18 12.06 -7.70
C GLN B 47 -26.66 11.26 -6.51
N ILE B 48 -27.48 11.16 -5.46
CA ILE B 48 -27.20 10.31 -4.31
C ILE B 48 -27.13 8.83 -4.73
N THR B 49 -28.11 8.40 -5.52
CA THR B 49 -28.16 7.03 -6.00
C THR B 49 -26.88 6.71 -6.79
N GLY B 50 -26.46 7.68 -7.61
CA GLY B 50 -25.20 7.58 -8.34
C GLY B 50 -24.02 7.24 -7.44
N LYS B 51 -23.93 7.92 -6.30
CA LYS B 51 -22.89 7.64 -5.30
C LYS B 51 -23.00 6.23 -4.76
N LEU B 52 -24.23 5.83 -4.42
CA LEU B 52 -24.46 4.48 -3.90
C LEU B 52 -24.10 3.38 -4.90
N ASN B 53 -24.35 3.62 -6.19
CA ASN B 53 -23.96 2.69 -7.25
C ASN B 53 -22.45 2.47 -7.34
N ARG B 54 -21.70 3.53 -7.03
CA ARG B 54 -20.24 3.51 -7.08
C ARG B 54 -19.63 2.75 -5.91
N LEU B 55 -20.33 2.72 -4.79
CA LEU B 55 -19.76 2.20 -3.54
C LEU B 55 -20.41 0.90 -3.04
N ILE B 56 -21.73 0.77 -3.24
CA ILE B 56 -22.45 -0.42 -2.80
C ILE B 56 -22.62 -1.39 -3.96
N GLY B 57 -22.41 -2.68 -3.69
CA GLY B 57 -22.64 -3.73 -4.69
C GLY B 57 -21.51 -3.91 -5.70
N LYS B 58 -20.44 -3.12 -5.56
CA LYS B 58 -19.20 -3.29 -6.33
C LYS B 58 -18.73 -4.74 -6.36
N THR B 59 -18.01 -5.09 -7.42
CA THR B 59 -17.24 -6.33 -7.45
C THR B 59 -16.07 -6.17 -6.48
N ASN B 60 -16.05 -7.00 -5.43
CA ASN B 60 -14.99 -6.96 -4.43
C ASN B 60 -13.67 -7.49 -5.02
N GLN B 61 -12.56 -7.11 -4.40
CA GLN B 61 -11.26 -7.66 -4.81
C GLN B 61 -11.02 -9.05 -4.20
N GLN B 62 -10.20 -9.86 -4.88
CA GLN B 62 -9.97 -11.25 -4.49
C GLN B 62 -8.96 -11.35 -3.34
N PHE B 63 -9.16 -12.31 -2.44
CA PHE B 63 -8.27 -12.47 -1.29
C PHE B 63 -7.84 -13.92 -1.06
N GLU B 64 -6.62 -14.08 -0.56
CA GLU B 64 -6.06 -15.38 -0.21
C GLU B 64 -5.22 -15.32 1.07
N LEU B 65 -5.25 -16.40 1.84
CA LEU B 65 -4.48 -16.51 3.08
C LEU B 65 -3.00 -16.71 2.77
N ILE B 66 -2.15 -15.89 3.41
CA ILE B 66 -0.70 -16.01 3.35
C ILE B 66 -0.16 -16.35 4.73
N ASP B 67 -1.02 -16.20 5.73
CA ASP B 67 -0.71 -16.57 7.10
C ASP B 67 -1.20 -17.97 7.41
N ASN B 68 -0.81 -18.46 8.58
CA ASN B 68 -1.35 -19.69 9.13
C ASN B 68 -1.84 -19.38 10.54
N GLU B 69 -3.15 -19.49 10.74
CA GLU B 69 -3.78 -19.18 12.03
C GLU B 69 -3.71 -20.35 13.03
N PHE B 70 -3.31 -21.53 12.57
CA PHE B 70 -3.21 -22.70 13.44
C PHE B 70 -1.78 -22.95 13.92
N ASN B 71 -0.83 -22.85 13.00
CA ASN B 71 0.59 -23.06 13.31
C ASN B 71 1.47 -21.95 12.73
N GLU B 72 1.86 -21.02 13.60
CA GLU B 72 2.73 -19.88 13.25
C GLU B 72 3.86 -20.23 12.30
N ILE B 73 3.92 -19.49 11.18
CA ILE B 73 5.03 -19.60 10.23
C ILE B 73 6.29 -19.00 10.83
N GLU B 74 7.42 -19.11 10.12
CA GLU B 74 8.69 -18.56 10.59
C GLU B 74 8.55 -17.09 10.94
N GLN B 75 9.22 -16.69 12.02
CA GLN B 75 9.09 -15.35 12.58
C GLN B 75 9.41 -14.22 11.60
N GLN B 76 10.51 -14.35 10.87
CA GLN B 76 10.98 -13.25 10.00
C GLN B 76 10.01 -12.92 8.88
N ILE B 77 9.71 -13.90 8.03
CA ILE B 77 8.75 -13.72 6.95
C ILE B 77 7.35 -13.41 7.51
N GLY B 78 7.06 -13.97 8.67
CA GLY B 78 5.80 -13.71 9.38
C GLY B 78 5.69 -12.26 9.79
N ASN B 79 6.80 -11.67 10.21
CA ASN B 79 6.85 -10.27 10.62
C ASN B 79 6.76 -9.32 9.43
N VAL B 80 7.33 -9.74 8.30
CA VAL B 80 7.23 -9.00 7.05
C VAL B 80 5.78 -8.95 6.57
N ILE B 81 5.11 -10.10 6.64
CA ILE B 81 3.70 -10.21 6.26
C ILE B 81 2.82 -9.28 7.10
N ASN B 82 2.94 -9.40 8.43
CA ASN B 82 2.23 -8.51 9.34
C ASN B 82 2.50 -7.04 9.02
N TRP B 83 3.78 -6.68 8.88
CA TRP B 83 4.18 -5.32 8.53
C TRP B 83 3.44 -4.82 7.29
N THR B 84 3.49 -5.61 6.21
CA THR B 84 2.84 -5.27 4.95
C THR B 84 1.32 -5.16 5.11
N ARG B 85 0.71 -6.11 5.82
CA ARG B 85 -0.74 -6.10 6.02
C ARG B 85 -1.19 -4.86 6.77
N ASP B 86 -0.52 -4.57 7.87
CA ASP B 86 -0.87 -3.40 8.69
C ASP B 86 -0.76 -2.11 7.87
N ALA B 87 0.25 -2.04 7.02
CA ALA B 87 0.42 -0.92 6.08
C ALA B 87 -0.76 -0.81 5.13
N MET B 88 -1.23 -1.95 4.60
CA MET B 88 -2.44 -1.98 3.79
C MET B 88 -3.66 -1.48 4.57
N THR B 89 -3.79 -1.95 5.81
CA THR B 89 -4.87 -1.53 6.71
C THR B 89 -4.82 -0.02 6.91
N GLU B 90 -3.61 0.50 7.06
CA GLU B 90 -3.40 1.93 7.24
C GLU B 90 -3.91 2.70 6.03
N ILE B 91 -3.52 2.24 4.84
CA ILE B 91 -3.90 2.88 3.59
C ILE B 91 -5.42 2.85 3.36
N TRP B 92 -6.02 1.67 3.51
CA TRP B 92 -7.46 1.52 3.29
C TRP B 92 -8.34 2.22 4.33
N SER B 93 -7.88 2.30 5.57
CA SER B 93 -8.59 3.05 6.59
C SER B 93 -8.58 4.53 6.25
N TYR B 94 -7.42 5.02 5.81
CA TYR B 94 -7.30 6.40 5.36
C TYR B 94 -8.20 6.66 4.14
N ASN B 95 -8.10 5.80 3.13
CA ASN B 95 -8.94 5.92 1.94
C ASN B 95 -10.41 6.00 2.31
N ALA B 96 -10.87 5.03 3.09
CA ALA B 96 -12.27 4.92 3.51
C ALA B 96 -12.74 6.13 4.29
N GLU B 97 -11.95 6.53 5.30
CA GLU B 97 -12.28 7.70 6.08
C GLU B 97 -12.44 8.92 5.18
N LEU B 98 -11.43 9.16 4.33
CA LEU B 98 -11.42 10.32 3.44
C LEU B 98 -12.53 10.29 2.39
N LEU B 99 -12.66 9.16 1.69
CA LEU B 99 -13.72 9.02 0.70
C LEU B 99 -15.05 9.45 1.30
N VAL B 100 -15.43 8.84 2.42
CA VAL B 100 -16.71 9.08 3.06
C VAL B 100 -16.85 10.54 3.46
N ALA B 101 -15.79 11.12 4.04
CA ALA B 101 -15.81 12.50 4.48
C ALA B 101 -16.02 13.43 3.29
N MET B 102 -15.27 13.18 2.22
CA MET B 102 -15.29 13.99 1.02
C MET B 102 -16.64 13.93 0.33
N GLU B 103 -17.20 12.71 0.25
CA GLU B 103 -18.52 12.49 -0.32
C GLU B 103 -19.59 13.22 0.46
N ASN B 104 -19.56 13.08 1.80
CA ASN B 104 -20.55 13.74 2.67
C ASN B 104 -20.54 15.26 2.54
N GLN B 105 -19.36 15.84 2.36
CA GLN B 105 -19.26 17.26 2.09
C GLN B 105 -20.01 17.58 0.81
N HIS B 106 -19.64 16.88 -0.28
CA HIS B 106 -20.26 17.10 -1.59
C HIS B 106 -21.76 16.85 -1.55
N THR B 107 -22.17 15.77 -0.88
CA THR B 107 -23.58 15.43 -0.73
C THR B 107 -24.42 16.55 -0.10
N ILE B 108 -23.98 17.07 1.04
CA ILE B 108 -24.65 18.17 1.73
C ILE B 108 -24.74 19.42 0.84
N ASP B 109 -23.63 19.76 0.20
CA ASP B 109 -23.55 20.92 -0.69
C ASP B 109 -24.38 20.75 -1.96
N LEU B 110 -24.40 19.53 -2.46
CA LEU B 110 -25.22 19.14 -3.61
C LEU B 110 -26.69 19.38 -3.31
N ALA B 111 -27.14 18.93 -2.14
CA ALA B 111 -28.54 19.06 -1.75
C ALA B 111 -28.90 20.53 -1.58
N ASP B 112 -27.97 21.28 -0.97
CA ASP B 112 -28.08 22.72 -0.82
C ASP B 112 -28.16 23.40 -2.20
N SER B 113 -27.33 22.93 -3.13
CA SER B 113 -27.33 23.45 -4.49
C SER B 113 -28.73 23.36 -5.10
N GLU B 114 -29.34 22.18 -5.05
CA GLU B 114 -30.68 21.98 -5.64
C GLU B 114 -31.74 22.90 -5.04
N MET B 115 -31.65 23.14 -3.73
CA MET B 115 -32.56 24.07 -3.07
C MET B 115 -32.40 25.47 -3.65
N SER B 116 -31.16 25.90 -3.81
CA SER B 116 -30.86 27.19 -4.44
C SER B 116 -31.37 27.26 -5.88
N LYS B 117 -31.14 26.20 -6.65
CA LYS B 117 -31.60 26.13 -8.04
C LYS B 117 -33.10 26.31 -8.16
N LEU B 118 -33.86 25.60 -7.32
CA LEU B 118 -35.31 25.67 -7.35
C LEU B 118 -35.78 27.06 -6.95
N TYR B 119 -35.06 27.65 -5.99
CA TYR B 119 -35.34 29.01 -5.52
C TYR B 119 -35.11 30.04 -6.63
N GLU B 120 -33.94 30.01 -7.23
CA GLU B 120 -33.61 30.91 -8.35
C GLU B 120 -34.56 30.74 -9.53
N ARG B 121 -34.98 29.50 -9.78
CA ARG B 121 -35.90 29.19 -10.87
C ARG B 121 -37.24 29.92 -10.67
N VAL B 122 -37.77 29.81 -9.44
CA VAL B 122 -39.02 30.48 -9.07
C VAL B 122 -38.86 32.01 -9.16
N LYS B 123 -37.72 32.50 -8.68
CA LYS B 123 -37.41 33.93 -8.73
C LYS B 123 -37.52 34.46 -10.15
N LYS B 124 -36.95 33.72 -11.09
CA LYS B 124 -36.97 34.09 -12.49
C LYS B 124 -38.37 34.02 -13.09
N GLN B 125 -39.18 33.08 -12.61
CA GLN B 125 -40.57 32.92 -13.06
C GLN B 125 -41.41 34.14 -12.73
N LEU B 126 -41.28 34.62 -11.49
CA LEU B 126 -42.12 35.70 -10.97
C LEU B 126 -41.76 37.09 -11.52
N ARG B 127 -40.55 37.22 -12.07
CA ARG B 127 -40.08 38.45 -12.71
C ARG B 127 -40.15 39.70 -11.83
N GLU B 128 -41.09 40.60 -12.16
CA GLU B 128 -41.24 41.86 -11.45
C GLU B 128 -42.52 41.88 -10.63
N ASN B 129 -43.12 40.71 -10.46
CA ASN B 129 -44.40 40.56 -9.75
C ASN B 129 -44.25 40.19 -8.26
N ALA B 130 -43.02 39.96 -7.82
CA ALA B 130 -42.75 39.51 -6.46
C ALA B 130 -41.38 39.95 -5.93
N GLU B 131 -41.26 40.03 -4.60
CA GLU B 131 -39.99 40.35 -3.98
C GLU B 131 -39.58 39.26 -2.98
N GLU B 132 -38.27 39.14 -2.74
CA GLU B 132 -37.74 38.16 -1.81
C GLU B 132 -37.71 38.75 -0.41
N ASP B 133 -38.35 38.09 0.55
CA ASP B 133 -38.36 38.59 1.93
C ASP B 133 -37.08 38.26 2.70
N GLY B 134 -36.25 37.40 2.11
CA GLY B 134 -34.97 37.04 2.68
C GLY B 134 -34.99 35.77 3.51
N THR B 135 -36.19 35.21 3.71
CA THR B 135 -36.35 33.95 4.46
C THR B 135 -36.64 32.75 3.55
N GLY B 136 -36.62 32.98 2.23
CA GLY B 136 -36.96 31.94 1.27
C GLY B 136 -38.34 32.09 0.68
N CYS B 137 -39.09 33.09 1.13
CA CYS B 137 -40.40 33.38 0.55
C CYS B 137 -40.33 34.48 -0.50
N PHE B 138 -41.32 34.48 -1.39
CA PHE B 138 -41.55 35.58 -2.30
C PHE B 138 -42.87 36.22 -1.95
N GLU B 139 -42.84 37.52 -1.66
CA GLU B 139 -44.05 38.31 -1.47
C GLU B 139 -44.64 38.63 -2.84
N ILE B 140 -45.78 38.04 -3.14
CA ILE B 140 -46.45 38.24 -4.43
C ILE B 140 -47.32 39.48 -4.36
N PHE B 141 -47.15 40.37 -5.34
CA PHE B 141 -47.82 41.69 -5.32
C PHE B 141 -49.13 41.75 -6.10
N HIS B 142 -49.75 40.59 -6.28
CA HIS B 142 -51.04 40.49 -6.94
C HIS B 142 -51.81 39.33 -6.32
N LYS B 143 -53.14 39.35 -6.45
CA LYS B 143 -53.94 38.24 -5.96
C LYS B 143 -53.54 36.97 -6.71
N CYS B 144 -53.05 36.00 -5.94
CA CYS B 144 -52.65 34.72 -6.49
C CYS B 144 -53.43 33.61 -5.80
N ASP B 145 -54.52 33.18 -6.43
CA ASP B 145 -55.37 32.13 -5.87
C ASP B 145 -54.74 30.74 -6.00
N ASP B 146 -55.47 29.72 -5.56
CA ASP B 146 -54.95 28.35 -5.57
C ASP B 146 -54.46 27.89 -6.94
N GLN B 147 -55.13 28.33 -7.99
CA GLN B 147 -54.75 27.99 -9.37
C GLN B 147 -53.51 28.75 -9.80
N CYS B 148 -53.45 30.03 -9.44
CA CYS B 148 -52.26 30.84 -9.68
C CYS B 148 -51.04 30.23 -8.99
N MET B 149 -51.21 29.86 -7.73
CA MET B 149 -50.16 29.19 -6.95
C MET B 149 -49.70 27.92 -7.66
N GLU B 150 -50.67 27.15 -8.16
CA GLU B 150 -50.41 25.94 -8.92
C GLU B 150 -49.53 26.21 -10.14
N SER B 151 -49.85 27.28 -10.88
CA SER B 151 -49.10 27.64 -12.09
C SER B 151 -47.64 27.96 -11.81
N ILE B 152 -47.36 28.51 -10.63
CA ILE B 152 -45.99 28.78 -10.21
C ILE B 152 -45.25 27.47 -9.96
N ARG B 153 -45.94 26.53 -9.29
CA ARG B 153 -45.37 25.22 -8.97
C ARG B 153 -45.05 24.38 -10.22
N ASN B 154 -46.01 24.28 -11.14
CA ASN B 154 -45.81 23.44 -12.33
C ASN B 154 -45.20 24.20 -13.52
N ASN B 155 -44.69 25.40 -13.24
CA ASN B 155 -43.92 26.20 -14.20
C ASN B 155 -44.70 26.70 -15.41
N THR B 156 -45.99 26.97 -15.23
CA THR B 156 -46.82 27.51 -16.31
C THR B 156 -47.26 28.95 -16.05
N TYR B 157 -46.83 29.50 -14.91
CA TYR B 157 -47.10 30.89 -14.53
C TYR B 157 -46.62 31.89 -15.58
N ASP B 158 -47.56 32.70 -16.06
CA ASP B 158 -47.27 33.72 -17.05
C ASP B 158 -47.29 35.09 -16.37
N HIS B 159 -46.11 35.68 -16.18
CA HIS B 159 -45.97 36.92 -15.42
C HIS B 159 -46.67 38.11 -16.09
N THR B 160 -46.85 38.02 -17.40
CA THR B 160 -47.53 39.04 -18.20
C THR B 160 -48.98 39.24 -17.72
N GLN B 161 -49.59 38.15 -17.28
CA GLN B 161 -50.97 38.14 -16.82
C GLN B 161 -51.17 39.06 -15.62
N TYR B 162 -50.13 39.22 -14.80
CA TYR B 162 -50.25 39.91 -13.51
C TYR B 162 -49.39 41.16 -13.35
N ARG B 163 -48.64 41.52 -14.37
CA ARG B 163 -47.67 42.59 -14.27
C ARG B 163 -48.28 43.93 -13.83
N THR B 164 -49.33 44.38 -14.50
CA THR B 164 -49.97 45.66 -14.22
C THR B 164 -50.46 45.80 -12.77
N GLU B 165 -51.12 44.77 -12.25
CA GLU B 165 -51.55 44.77 -10.85
C GLU B 165 -50.34 44.80 -9.93
N SER B 166 -49.30 44.07 -10.31
CA SER B 166 -48.10 43.94 -9.49
C SER B 166 -47.36 45.27 -9.35
N LEU B 167 -47.08 45.93 -10.48
CA LEU B 167 -46.35 47.20 -10.49
C LEU B 167 -47.11 48.30 -9.76
N GLN B 168 -48.44 48.24 -9.79
CA GLN B 168 -49.28 49.16 -9.03
C GLN B 168 -49.10 49.00 -7.53
N ASN B 169 -48.93 47.75 -7.09
CA ASN B 169 -48.72 47.46 -5.67
C ASN B 169 -47.27 47.60 -5.24
N ARG B 170 -46.35 47.36 -6.15
CA ARG B 170 -44.91 47.51 -5.88
C ARG B 170 -44.45 48.97 -5.87
N ILE B 171 -44.65 49.67 -6.98
CA ILE B 171 -44.30 51.08 -7.10
C ILE B 171 -45.45 51.90 -6.52
N GLN B 172 -45.42 52.12 -5.21
CA GLN B 172 -46.45 52.91 -4.56
C GLN B 172 -46.03 54.36 -4.35
N ILE B 173 -45.63 55.00 -5.46
CA ILE B 173 -45.37 56.43 -5.57
C ILE B 173 -45.90 56.94 -6.91
N ASP B 174 -45.90 58.26 -7.10
CA ASP B 174 -46.31 58.87 -8.37
C ASP B 174 -45.20 58.82 -9.41
N SER B 175 -45.52 58.36 -10.61
CA SER B 175 -44.55 58.28 -11.70
C SER B 175 -44.68 59.44 -12.71
N GLY B 176 -43.65 60.29 -12.77
CA GLY B 176 -43.64 61.45 -13.66
C GLY B 176 -42.48 61.43 -14.63
N ASP C 5 -35.47 43.90 -28.28
CA ASP C 5 -34.01 43.62 -28.31
C ASP C 5 -33.59 42.84 -27.08
N LYS C 6 -32.69 41.86 -27.26
CA LYS C 6 -32.24 41.01 -26.15
C LYS C 6 -30.80 40.48 -26.32
N ILE C 7 -30.12 40.26 -25.20
CA ILE C 7 -28.80 39.63 -25.20
C ILE C 7 -28.84 38.32 -24.40
N CYS C 8 -28.40 37.25 -25.03
CA CYS C 8 -28.52 35.92 -24.46
C CYS C 8 -27.15 35.31 -24.17
N LEU C 9 -27.00 34.72 -23.00
CA LEU C 9 -25.76 34.08 -22.64
C LEU C 9 -25.84 32.57 -22.81
N GLY C 10 -24.71 31.98 -23.20
CA GLY C 10 -24.67 30.57 -23.52
C GLY C 10 -23.24 30.08 -23.62
N HIS C 11 -23.09 28.84 -24.08
CA HIS C 11 -21.82 28.15 -24.03
C HIS C 11 -21.72 27.19 -25.22
N HIS C 12 -20.51 26.71 -25.50
CA HIS C 12 -20.30 25.86 -26.66
C HIS C 12 -20.75 24.41 -26.44
N ALA C 13 -20.93 23.69 -27.54
CA ALA C 13 -21.22 22.26 -27.51
C ALA C 13 -20.80 21.63 -28.83
N VAL C 14 -20.58 20.32 -28.82
CA VAL C 14 -20.31 19.59 -30.07
C VAL C 14 -21.42 18.58 -30.34
N ALA C 15 -21.45 18.06 -31.57
CA ALA C 15 -22.42 17.03 -31.92
C ALA C 15 -22.13 15.71 -31.19
N ASN C 16 -20.89 15.25 -31.27
CA ASN C 16 -20.45 14.01 -30.63
C ASN C 16 -19.46 14.29 -29.50
N GLY C 17 -19.94 14.22 -28.27
CA GLY C 17 -19.09 14.41 -27.10
C GLY C 17 -18.39 13.12 -26.67
N THR C 18 -17.73 13.18 -25.51
CA THR C 18 -17.02 12.03 -24.96
C THR C 18 -17.63 11.66 -23.62
N LYS C 19 -17.96 10.38 -23.46
CA LYS C 19 -18.56 9.89 -22.22
C LYS C 19 -17.51 9.67 -21.14
N VAL C 20 -17.73 10.28 -19.97
CA VAL C 20 -16.86 10.10 -18.82
C VAL C 20 -17.67 9.76 -17.57
N ASN C 21 -16.97 9.29 -16.54
CA ASN C 21 -17.62 9.00 -15.26
C ASN C 21 -17.28 10.05 -14.20
N THR C 22 -18.26 10.35 -13.36
CA THR C 22 -18.07 11.27 -12.24
C THR C 22 -18.47 10.58 -10.94
N LEU C 23 -18.50 11.33 -9.84
CA LEU C 23 -18.94 10.79 -8.55
C LEU C 23 -20.43 10.45 -8.52
N THR C 24 -21.23 11.17 -9.30
CA THR C 24 -22.68 10.98 -9.28
C THR C 24 -23.25 10.31 -10.54
N GLU C 25 -22.49 10.28 -11.63
CA GLU C 25 -23.00 9.78 -12.91
C GLU C 25 -22.05 8.83 -13.64
N ARG C 26 -22.63 7.95 -14.44
CA ARG C 26 -21.87 7.07 -15.34
C ARG C 26 -22.14 7.41 -16.80
N GLY C 27 -21.07 7.63 -17.55
CA GLY C 27 -21.16 7.90 -18.99
C GLY C 27 -21.80 9.23 -19.34
N ILE C 28 -21.59 10.23 -18.50
CA ILE C 28 -22.04 11.59 -18.78
C ILE C 28 -21.16 12.19 -19.87
N GLU C 29 -21.77 12.93 -20.80
CA GLU C 29 -21.10 13.40 -22.00
C GLU C 29 -20.46 14.78 -21.79
N VAL C 30 -19.15 14.87 -22.03
CA VAL C 30 -18.42 16.14 -21.97
C VAL C 30 -17.90 16.55 -23.34
N VAL C 31 -17.48 17.81 -23.48
CA VAL C 31 -16.99 18.37 -24.74
C VAL C 31 -15.72 17.68 -25.24
N ASN C 32 -14.79 17.43 -24.33
CA ASN C 32 -13.51 16.78 -24.64
C ASN C 32 -12.92 16.11 -23.40
N ALA C 33 -12.10 15.10 -23.63
CA ALA C 33 -11.47 14.32 -22.55
C ALA C 33 -10.11 13.77 -22.97
N THR C 34 -9.26 13.47 -21.99
CA THR C 34 -7.95 12.89 -22.25
C THR C 34 -7.77 11.59 -21.48
N GLU C 35 -7.19 10.60 -22.14
CA GLU C 35 -6.83 9.32 -21.54
C GLU C 35 -5.73 9.50 -20.50
N THR C 36 -5.88 8.82 -19.36
CA THR C 36 -4.88 8.84 -18.30
C THR C 36 -4.18 7.49 -18.13
N VAL C 37 -4.69 6.47 -18.80
CA VAL C 37 -4.10 5.12 -18.75
C VAL C 37 -3.35 4.83 -20.06
N GLU C 38 -2.03 4.68 -19.97
CA GLU C 38 -1.24 4.36 -21.16
C GLU C 38 -1.45 2.90 -21.57
N THR C 39 -1.69 2.68 -22.86
CA THR C 39 -1.89 1.34 -23.38
C THR C 39 -1.07 1.04 -24.63
N THR C 40 -0.29 2.03 -25.08
CA THR C 40 0.59 1.84 -26.23
C THR C 40 1.99 1.39 -25.78
N ASN C 41 2.29 0.13 -26.05
CA ASN C 41 3.59 -0.43 -25.75
C ASN C 41 4.53 -0.39 -26.95
N ILE C 42 5.81 -0.13 -26.69
CA ILE C 42 6.84 -0.29 -27.71
C ILE C 42 7.48 -1.64 -27.50
N LYS C 43 7.36 -2.51 -28.50
CA LYS C 43 7.81 -3.91 -28.40
C LYS C 43 9.31 -4.06 -28.59
N LYS C 44 10.06 -3.10 -28.02
CA LYS C 44 11.51 -3.06 -28.15
C LYS C 44 12.12 -2.57 -26.83
N ILE C 45 13.38 -2.89 -26.60
CA ILE C 45 14.13 -2.28 -25.51
C ILE C 45 14.79 -1.02 -26.08
N CYS C 46 14.28 0.14 -25.69
CA CYS C 46 14.77 1.41 -26.21
C CYS C 46 16.08 1.80 -25.53
N THR C 47 17.18 1.64 -26.26
CA THR C 47 18.52 1.77 -25.70
C THR C 47 19.26 3.06 -26.09
N GLN C 48 18.56 4.00 -26.73
CA GLN C 48 19.18 5.29 -27.07
C GLN C 48 19.56 6.07 -25.82
N GLY C 49 20.79 6.60 -25.82
CA GLY C 49 21.31 7.34 -24.68
C GLY C 49 22.00 6.45 -23.67
N LYS C 50 21.77 5.14 -23.79
CA LYS C 50 22.28 4.16 -22.84
C LYS C 50 23.53 3.44 -23.37
N ARG C 51 24.17 2.68 -22.48
CA ARG C 51 25.19 1.72 -22.87
C ARG C 51 24.71 0.32 -22.47
N PRO C 52 23.90 -0.33 -23.34
CA PRO C 52 23.27 -1.59 -22.96
C PRO C 52 24.19 -2.81 -23.08
N THR C 53 23.92 -3.82 -22.26
CA THR C 53 24.55 -5.14 -22.42
C THR C 53 23.48 -6.22 -22.58
N ASP C 54 23.46 -6.82 -23.76
CA ASP C 54 22.61 -7.97 -24.04
C ASP C 54 23.43 -9.22 -23.77
N LEU C 55 23.12 -9.89 -22.67
CA LEU C 55 23.88 -11.05 -22.22
C LEU C 55 23.73 -12.27 -23.13
N GLY C 56 22.60 -12.36 -23.82
CA GLY C 56 22.33 -13.45 -24.75
C GLY C 56 22.39 -14.83 -24.12
N GLN C 57 23.34 -15.64 -24.58
CA GLN C 57 23.51 -17.02 -24.12
C GLN C 57 24.11 -17.09 -22.72
N CYS C 58 24.65 -15.96 -22.27
CA CYS C 58 25.35 -15.87 -21.00
C CYS C 58 24.41 -15.53 -19.83
N GLY C 59 24.50 -16.32 -18.77
CA GLY C 59 23.76 -16.03 -17.55
C GLY C 59 24.48 -14.98 -16.74
N LEU C 60 23.72 -14.07 -16.14
CA LEU C 60 24.28 -12.95 -15.38
C LEU C 60 25.34 -13.37 -14.35
N LEU C 61 25.10 -14.47 -13.65
CA LEU C 61 26.05 -14.98 -12.64
C LEU C 61 27.26 -15.67 -13.26
N GLY C 62 27.08 -16.18 -14.48
CA GLY C 62 28.19 -16.76 -15.24
C GLY C 62 29.30 -15.78 -15.50
N THR C 63 28.96 -14.50 -15.64
CA THR C 63 29.96 -13.44 -15.86
C THR C 63 31.02 -13.40 -14.77
N LEU C 64 30.67 -13.89 -13.58
CA LEU C 64 31.56 -13.86 -12.42
C LEU C 64 32.58 -14.99 -12.40
N ILE C 65 32.19 -16.15 -12.93
CA ILE C 65 33.02 -17.36 -12.85
C ILE C 65 33.58 -17.76 -14.22
N GLY C 66 32.83 -17.43 -15.27
CA GLY C 66 33.29 -17.56 -16.65
C GLY C 66 33.25 -18.93 -17.31
N PRO C 67 32.04 -19.51 -17.47
CA PRO C 67 31.90 -20.65 -18.37
C PRO C 67 32.01 -20.17 -19.83
N PRO C 68 32.32 -21.08 -20.78
CA PRO C 68 32.57 -20.70 -22.17
C PRO C 68 31.58 -19.68 -22.75
N GLN C 69 30.29 -19.81 -22.41
CA GLN C 69 29.23 -18.92 -22.91
C GLN C 69 29.44 -17.46 -22.49
N CYS C 70 30.05 -17.26 -21.32
CA CYS C 70 30.26 -15.92 -20.77
C CYS C 70 31.68 -15.39 -20.96
N ASP C 71 32.48 -16.05 -21.79
CA ASP C 71 33.84 -15.59 -22.11
C ASP C 71 33.82 -14.15 -22.64
N GLN C 72 32.74 -13.82 -23.33
CA GLN C 72 32.53 -12.51 -23.93
C GLN C 72 32.08 -11.45 -22.91
N PHE C 73 31.81 -11.86 -21.67
CA PHE C 73 31.21 -10.95 -20.68
C PHE C 73 31.94 -10.88 -19.34
N LEU C 74 33.17 -11.38 -19.28
CA LEU C 74 33.96 -11.42 -18.04
C LEU C 74 34.11 -10.05 -17.38
N GLU C 75 34.32 -9.02 -18.21
CA GLU C 75 34.30 -7.63 -17.77
C GLU C 75 33.34 -6.88 -18.68
N PHE C 76 32.17 -6.50 -18.16
CA PHE C 76 31.25 -5.68 -18.93
C PHE C 76 31.01 -4.34 -18.26
N SER C 77 30.64 -3.35 -19.05
CA SER C 77 30.31 -2.02 -18.53
C SER C 77 29.04 -1.55 -19.20
N SER C 78 27.95 -1.47 -18.42
CA SER C 78 26.68 -1.02 -18.96
C SER C 78 25.85 -0.29 -17.91
N ASP C 79 24.84 0.43 -18.38
CA ASP C 79 23.85 1.04 -17.49
C ASP C 79 22.47 0.37 -17.65
N LEU C 80 22.39 -0.58 -18.58
CA LEU C 80 21.15 -1.33 -18.84
C LEU C 80 21.47 -2.79 -19.17
N ILE C 81 21.35 -3.65 -18.16
CA ILE C 81 21.68 -5.07 -18.32
C ILE C 81 20.44 -5.85 -18.73
N ILE C 82 20.47 -6.40 -19.95
CA ILE C 82 19.35 -7.19 -20.46
C ILE C 82 19.63 -8.69 -20.34
N GLU C 83 18.85 -9.35 -19.50
CA GLU C 83 18.90 -10.80 -19.33
C GLU C 83 18.02 -11.50 -20.36
N ARG C 84 18.51 -12.61 -20.90
CA ARG C 84 17.74 -13.38 -21.89
C ARG C 84 17.38 -14.77 -21.38
N ARG C 85 16.31 -15.34 -21.94
CA ARG C 85 15.79 -16.65 -21.57
C ARG C 85 16.82 -17.79 -21.67
N GLU C 86 17.69 -17.72 -22.68
CA GLU C 86 18.63 -18.81 -22.96
C GLU C 86 19.96 -18.73 -22.19
N GLY C 87 20.06 -17.76 -21.29
CA GLY C 87 21.25 -17.58 -20.47
C GLY C 87 21.41 -18.65 -19.41
N THR C 88 22.63 -19.16 -19.28
CA THR C 88 22.97 -20.11 -18.23
C THR C 88 24.21 -19.65 -17.51
N ASP C 89 24.26 -19.89 -16.20
CA ASP C 89 25.34 -19.41 -15.36
C ASP C 89 26.47 -20.44 -15.29
N ILE C 90 26.12 -21.70 -15.52
CA ILE C 90 27.05 -22.83 -15.32
C ILE C 90 27.32 -23.63 -16.58
N CYS C 91 28.38 -24.45 -16.54
CA CYS C 91 28.62 -25.48 -17.53
C CYS C 91 28.61 -26.85 -16.84
N TYR C 92 29.51 -27.02 -15.87
CA TYR C 92 29.51 -28.18 -14.99
C TYR C 92 28.32 -28.04 -14.04
N PRO C 93 27.59 -29.14 -13.77
CA PRO C 93 26.39 -29.07 -12.91
C PRO C 93 26.67 -28.38 -11.59
N GLY C 94 25.68 -27.64 -11.10
CA GLY C 94 25.79 -26.92 -9.84
C GLY C 94 24.92 -25.68 -9.83
N ARG C 95 24.97 -24.93 -8.73
CA ARG C 95 24.20 -23.70 -8.60
C ARG C 95 24.74 -22.80 -7.50
N PHE C 96 24.49 -21.50 -7.63
CA PHE C 96 24.87 -20.50 -6.63
C PHE C 96 23.90 -20.54 -5.46
N THR C 97 24.44 -20.49 -4.25
CA THR C 97 23.60 -20.29 -3.07
C THR C 97 23.22 -18.82 -3.01
N ASN C 98 21.96 -18.56 -2.68
CA ASN C 98 21.37 -17.22 -2.68
C ASN C 98 21.45 -16.56 -4.07
N GLU C 99 21.24 -17.38 -5.10
CA GLU C 99 21.48 -16.97 -6.49
C GLU C 99 20.76 -15.68 -6.89
N GLU C 100 19.53 -15.51 -6.43
CA GLU C 100 18.74 -14.34 -6.80
C GLU C 100 19.22 -13.05 -6.12
N SER C 101 19.65 -13.17 -4.86
CA SER C 101 20.28 -12.06 -4.15
C SER C 101 21.46 -11.52 -4.96
N LEU C 102 22.30 -12.44 -5.46
CA LEU C 102 23.46 -12.06 -6.26
C LEU C 102 23.08 -11.43 -7.59
N ARG C 103 22.05 -11.97 -8.26
CA ARG C 103 21.53 -11.38 -9.49
C ARG C 103 21.06 -9.95 -9.25
N GLN C 104 20.35 -9.75 -8.13
CA GLN C 104 19.79 -8.45 -7.80
C GLN C 104 20.86 -7.40 -7.53
N ILE C 105 21.97 -7.83 -6.92
CA ILE C 105 23.14 -6.96 -6.72
C ILE C 105 23.84 -6.66 -8.05
N LEU C 106 23.89 -7.66 -8.94
CA LEU C 106 24.55 -7.52 -10.23
C LEU C 106 23.81 -6.61 -11.20
N ARG C 107 22.48 -6.71 -11.22
CA ARG C 107 21.65 -5.96 -12.18
C ARG C 107 21.81 -4.44 -12.04
N ARG C 108 22.09 -3.98 -10.83
CA ARG C 108 22.25 -2.56 -10.56
C ARG C 108 23.72 -2.15 -10.36
N SER C 109 24.63 -3.09 -10.59
CA SER C 109 26.05 -2.90 -10.30
C SER C 109 26.77 -1.92 -11.23
N GLY C 110 26.22 -1.69 -12.42
CA GLY C 110 26.86 -0.85 -13.44
C GLY C 110 27.91 -1.61 -14.25
N GLY C 111 27.91 -2.92 -14.11
CA GLY C 111 28.93 -3.77 -14.73
C GLY C 111 29.96 -4.21 -13.71
N ILE C 112 30.81 -5.15 -14.11
CA ILE C 112 31.84 -5.68 -13.22
C ILE C 112 33.23 -5.53 -13.82
N GLY C 113 34.17 -5.10 -12.98
CA GLY C 113 35.57 -5.08 -13.33
C GLY C 113 36.27 -6.18 -12.57
N LYS C 114 37.07 -6.97 -13.27
CA LYS C 114 37.81 -8.07 -12.65
C LYS C 114 39.23 -7.65 -12.30
N GLU C 115 39.73 -8.19 -11.19
CA GLU C 115 41.08 -7.89 -10.71
C GLU C 115 41.67 -9.16 -10.12
N SER C 116 42.93 -9.43 -10.44
CA SER C 116 43.61 -10.64 -9.97
C SER C 116 43.87 -10.59 -8.47
N MET C 117 43.44 -11.64 -7.76
CA MET C 117 43.67 -11.76 -6.32
C MET C 117 45.12 -12.12 -6.01
N GLY C 118 45.75 -12.83 -6.95
CA GLY C 118 47.18 -13.15 -6.84
C GLY C 118 47.50 -14.31 -5.92
N PHE C 119 46.84 -15.44 -6.17
CA PHE C 119 47.15 -16.67 -5.44
C PHE C 119 48.07 -17.54 -6.29
N THR C 120 49.17 -17.98 -5.68
CA THR C 120 50.10 -18.91 -6.32
C THR C 120 50.15 -20.21 -5.53
N TYR C 121 50.49 -21.30 -6.23
CA TYR C 121 50.46 -22.63 -5.63
C TYR C 121 51.71 -23.46 -5.95
N SER C 122 52.04 -24.36 -5.02
CA SER C 122 53.11 -25.34 -5.21
C SER C 122 52.79 -26.62 -4.43
N GLY C 123 53.16 -27.76 -5.01
CA GLY C 123 52.90 -29.06 -4.40
C GLY C 123 51.54 -29.65 -4.75
N ILE C 124 50.77 -28.90 -5.54
CA ILE C 124 49.45 -29.33 -6.00
C ILE C 124 49.22 -28.96 -7.47
N ARG C 125 48.12 -29.45 -8.04
CA ARG C 125 47.70 -29.11 -9.40
C ARG C 125 46.78 -27.90 -9.41
N THR C 126 46.75 -27.20 -10.54
CA THR C 126 45.84 -26.06 -10.75
C THR C 126 45.14 -26.17 -12.11
N ASN C 127 45.40 -27.27 -12.81
CA ASN C 127 44.95 -27.47 -14.19
C ASN C 127 43.68 -28.31 -14.37
N GLY C 128 42.80 -28.28 -13.36
CA GLY C 128 41.57 -29.06 -13.39
C GLY C 128 40.60 -28.65 -14.49
N ALA C 129 40.17 -29.63 -15.29
CA ALA C 129 39.31 -29.39 -16.44
C ALA C 129 38.22 -30.45 -16.59
N THR C 130 37.17 -30.13 -17.35
CA THR C 130 36.02 -31.02 -17.55
C THR C 130 35.47 -30.93 -18.98
N SER C 131 34.89 -32.04 -19.45
CA SER C 131 34.33 -32.11 -20.80
C SER C 131 33.00 -31.38 -20.93
N ALA C 132 32.36 -31.08 -19.80
CA ALA C 132 31.12 -30.31 -19.79
C ALA C 132 31.37 -28.83 -20.11
N CYS C 133 32.52 -28.32 -19.66
CA CYS C 133 32.94 -26.96 -19.97
C CYS C 133 33.95 -26.98 -21.11
N THR C 134 33.45 -27.15 -22.33
CA THR C 134 34.32 -27.28 -23.50
C THR C 134 34.67 -25.94 -24.15
N ARG C 135 35.97 -25.71 -24.31
CA ARG C 135 36.51 -24.45 -24.82
C ARG C 135 37.88 -24.76 -25.45
N SER C 136 37.85 -25.14 -26.73
CA SER C 136 39.03 -25.65 -27.45
C SER C 136 39.64 -26.84 -26.69
N GLY C 137 38.89 -27.95 -26.65
CA GLY C 137 39.25 -29.10 -25.83
C GLY C 137 38.48 -29.08 -24.52
N SER C 138 39.11 -29.59 -23.46
CA SER C 138 38.50 -29.56 -22.13
C SER C 138 39.12 -28.46 -21.28
N SER C 139 38.28 -27.65 -20.65
CA SER C 139 38.75 -26.59 -19.76
C SER C 139 37.80 -26.36 -18.57
N PHE C 140 37.76 -25.13 -18.07
CA PHE C 140 37.09 -24.82 -16.81
C PHE C 140 36.48 -23.41 -16.81
N TYR C 141 36.04 -22.96 -15.64
CA TYR C 141 35.57 -21.60 -15.44
C TYR C 141 36.77 -20.66 -15.48
N ALA C 142 36.71 -19.66 -16.36
CA ALA C 142 37.85 -18.79 -16.67
C ALA C 142 38.42 -18.03 -15.46
N GLU C 143 37.57 -17.76 -14.46
CA GLU C 143 37.99 -17.01 -13.28
C GLU C 143 38.30 -17.93 -12.10
N MET C 144 38.14 -19.23 -12.32
CA MET C 144 38.28 -20.22 -11.25
C MET C 144 39.40 -21.22 -11.52
N LYS C 145 40.01 -21.70 -10.44
CA LYS C 145 41.08 -22.68 -10.52
C LYS C 145 40.65 -23.96 -9.83
N TRP C 146 40.74 -25.09 -10.53
CA TRP C 146 40.42 -26.40 -9.96
C TRP C 146 41.68 -26.99 -9.32
N LEU C 147 41.64 -27.16 -8.01
CA LEU C 147 42.79 -27.64 -7.25
C LEU C 147 42.70 -29.14 -6.97
N LEU C 148 43.73 -29.87 -7.36
CA LEU C 148 43.83 -31.32 -7.13
C LEU C 148 45.09 -31.66 -6.35
N SER C 149 45.27 -32.96 -6.07
CA SER C 149 46.55 -33.47 -5.58
C SER C 149 47.44 -33.79 -6.78
N ASN C 150 48.74 -33.91 -6.53
CA ASN C 150 49.74 -34.10 -7.59
C ASN C 150 49.50 -35.31 -8.50
N SER C 151 48.92 -36.38 -7.95
CA SER C 151 48.51 -37.55 -8.72
C SER C 151 47.31 -38.25 -8.05
N ASP C 152 46.90 -39.38 -8.61
CA ASP C 152 45.74 -40.13 -8.11
C ASP C 152 45.94 -40.59 -6.67
N ASN C 153 44.97 -40.24 -5.82
CA ASN C 153 44.91 -40.66 -4.41
C ASN C 153 46.00 -40.09 -3.49
N ALA C 154 46.72 -39.07 -3.95
CA ALA C 154 47.71 -38.38 -3.13
C ALA C 154 47.06 -37.42 -2.13
N ALA C 155 47.76 -37.14 -1.03
CA ALA C 155 47.23 -36.29 0.03
C ALA C 155 47.29 -34.81 -0.31
N PHE C 156 46.15 -34.13 -0.20
CA PHE C 156 46.07 -32.69 -0.38
C PHE C 156 46.44 -31.98 0.92
N PRO C 157 47.48 -31.14 0.90
CA PRO C 157 47.98 -30.50 2.12
C PRO C 157 47.09 -29.36 2.59
N GLN C 158 46.93 -29.25 3.91
CA GLN C 158 46.19 -28.16 4.54
C GLN C 158 46.80 -26.83 4.11
N MET C 159 45.95 -25.94 3.58
CA MET C 159 46.41 -24.75 2.90
C MET C 159 45.69 -23.50 3.41
N THR C 160 46.37 -22.37 3.34
CA THR C 160 45.76 -21.09 3.72
C THR C 160 46.10 -19.99 2.70
N LYS C 161 45.06 -19.50 2.02
CA LYS C 161 45.22 -18.38 1.06
C LYS C 161 44.36 -17.20 1.50
N ALA C 162 44.98 -16.03 1.61
CA ALA C 162 44.30 -14.83 2.09
C ALA C 162 44.41 -13.65 1.12
N TYR C 163 43.34 -12.86 1.05
CA TYR C 163 43.27 -11.70 0.16
C TYR C 163 42.73 -10.46 0.86
N ARG C 164 43.53 -9.40 0.87
CA ARG C 164 43.11 -8.11 1.42
C ARG C 164 42.63 -7.20 0.29
N ASN C 165 41.49 -6.55 0.50
CA ASN C 165 40.89 -5.65 -0.48
C ASN C 165 41.62 -4.31 -0.56
N PRO C 166 42.38 -4.08 -1.65
CA PRO C 166 43.17 -2.87 -1.79
C PRO C 166 42.35 -1.64 -2.19
N ARG C 167 41.31 -1.86 -3.00
CA ARG C 167 40.47 -0.78 -3.53
C ARG C 167 39.62 -0.12 -2.44
N ASN C 168 38.94 0.95 -2.80
CA ASN C 168 38.12 1.72 -1.87
C ASN C 168 36.62 1.42 -2.00
N LYS C 169 36.32 0.29 -2.64
CA LYS C 169 34.95 -0.20 -2.80
C LYS C 169 34.92 -1.74 -2.66
N PRO C 170 33.79 -2.29 -2.18
CA PRO C 170 33.72 -3.72 -1.83
C PRO C 170 34.04 -4.68 -2.98
N ALA C 171 34.64 -5.82 -2.64
CA ALA C 171 35.01 -6.84 -3.62
C ALA C 171 34.12 -8.06 -3.49
N LEU C 172 33.64 -8.56 -4.63
CA LEU C 172 32.83 -9.77 -4.64
C LEU C 172 33.71 -11.01 -4.74
N ILE C 173 33.74 -11.80 -3.68
CA ILE C 173 34.54 -13.02 -3.63
C ILE C 173 33.68 -14.24 -3.91
N ILE C 174 34.09 -15.06 -4.89
CA ILE C 174 33.41 -16.32 -5.21
C ILE C 174 34.34 -17.50 -4.97
N TRP C 175 33.77 -18.62 -4.52
CA TRP C 175 34.51 -19.88 -4.41
C TRP C 175 33.58 -21.06 -4.64
N GLY C 176 34.15 -22.20 -5.01
CA GLY C 176 33.36 -23.37 -5.34
C GLY C 176 33.69 -24.58 -4.50
N VAL C 177 32.65 -25.37 -4.23
CA VAL C 177 32.78 -26.63 -3.51
C VAL C 177 32.46 -27.77 -4.48
N HIS C 178 33.46 -28.56 -4.82
CA HIS C 178 33.24 -29.69 -5.72
C HIS C 178 32.77 -30.93 -4.99
N HIS C 179 31.51 -31.29 -5.22
CA HIS C 179 30.94 -32.54 -4.73
C HIS C 179 31.24 -33.62 -5.77
N SER C 180 32.01 -34.62 -5.37
CA SER C 180 32.47 -35.66 -6.29
C SER C 180 31.34 -36.64 -6.70
N GLU C 181 31.63 -37.48 -7.70
CA GLU C 181 30.65 -38.42 -8.22
C GLU C 181 30.38 -39.57 -7.25
N SER C 182 31.44 -40.11 -6.65
CA SER C 182 31.32 -41.17 -5.66
C SER C 182 32.35 -41.01 -4.54
N VAL C 183 32.23 -41.85 -3.51
CA VAL C 183 33.10 -41.81 -2.33
C VAL C 183 34.59 -41.92 -2.68
N SER C 184 34.92 -42.83 -3.61
CA SER C 184 36.31 -43.05 -4.02
C SER C 184 36.79 -42.08 -5.11
N GLU C 185 35.85 -41.33 -5.71
CA GLU C 185 36.19 -40.27 -6.65
C GLU C 185 36.85 -39.09 -5.92
N GLN C 186 36.35 -38.81 -4.72
CA GLN C 186 36.89 -37.76 -3.87
C GLN C 186 38.32 -38.05 -3.44
N THR C 187 38.62 -39.31 -3.10
CA THR C 187 39.97 -39.72 -2.71
C THR C 187 40.94 -39.76 -3.90
N LYS C 188 40.42 -39.96 -5.10
CA LYS C 188 41.25 -39.97 -6.32
C LYS C 188 41.74 -38.57 -6.69
N LEU C 189 40.90 -37.57 -6.47
CA LEU C 189 41.24 -36.18 -6.79
C LEU C 189 42.04 -35.53 -5.67
N TYR C 190 41.57 -35.71 -4.43
CA TYR C 190 42.16 -35.07 -3.25
C TYR C 190 42.68 -36.12 -2.27
N GLY C 191 42.77 -35.77 -0.98
CA GLY C 191 43.26 -36.70 0.02
C GLY C 191 42.21 -37.71 0.46
N SER C 192 42.55 -38.51 1.48
CA SER C 192 41.61 -39.47 2.05
C SER C 192 40.85 -38.83 3.21
N GLY C 193 39.67 -39.38 3.51
CA GLY C 193 38.88 -38.96 4.67
C GLY C 193 38.21 -37.60 4.58
N ASN C 194 37.82 -37.08 5.74
CA ASN C 194 37.03 -35.84 5.87
C ASN C 194 37.66 -34.62 5.22
N LYS C 195 36.85 -33.89 4.45
CA LYS C 195 37.28 -32.65 3.83
C LYS C 195 36.53 -31.46 4.41
N LEU C 196 37.21 -30.31 4.50
CA LEU C 196 36.61 -29.11 5.08
C LEU C 196 37.16 -27.82 4.47
N ILE C 197 36.25 -26.90 4.12
CA ILE C 197 36.60 -25.57 3.62
C ILE C 197 36.06 -24.51 4.58
N THR C 198 36.94 -23.67 5.11
CA THR C 198 36.54 -22.55 5.96
C THR C 198 36.82 -21.21 5.28
N VAL C 199 35.80 -20.36 5.22
CA VAL C 199 35.93 -19.04 4.64
C VAL C 199 35.66 -17.99 5.72
N ARG C 200 36.68 -17.18 6.03
CA ARG C 200 36.58 -16.16 7.08
C ARG C 200 36.83 -14.73 6.59
N SER C 201 36.16 -13.78 7.23
CA SER C 201 36.48 -12.36 7.12
C SER C 201 36.18 -11.69 8.47
N SER C 202 36.05 -10.36 8.48
CA SER C 202 35.73 -9.64 9.72
C SER C 202 34.26 -9.75 10.09
N LYS C 203 33.42 -10.12 9.12
CA LYS C 203 31.98 -10.25 9.35
C LYS C 203 31.31 -11.43 8.61
N TYR C 204 32.11 -12.45 8.29
CA TYR C 204 31.58 -13.66 7.66
C TYR C 204 32.39 -14.89 8.06
N GLN C 205 31.71 -15.91 8.59
CA GLN C 205 32.26 -17.26 8.62
C GLN C 205 31.23 -18.33 8.28
N GLN C 206 31.71 -19.34 7.56
CA GLN C 206 30.92 -20.50 7.19
C GLN C 206 31.88 -21.60 6.76
N SER C 207 31.60 -22.83 7.17
CA SER C 207 32.39 -23.98 6.76
C SER C 207 31.62 -24.82 5.75
N PHE C 208 32.35 -25.63 4.98
CA PHE C 208 31.75 -26.41 3.91
C PHE C 208 32.31 -27.82 3.85
N THR C 209 31.41 -28.80 3.74
CA THR C 209 31.80 -30.19 3.50
C THR C 209 31.28 -30.64 2.14
N PRO C 210 32.06 -31.47 1.43
CA PRO C 210 31.57 -32.06 0.18
C PRO C 210 30.67 -33.27 0.43
N ASN C 211 29.62 -33.40 -0.38
CA ASN C 211 28.71 -34.54 -0.31
C ASN C 211 28.75 -35.31 -1.63
N PRO C 212 29.52 -36.43 -1.66
CA PRO C 212 29.69 -37.20 -2.88
C PRO C 212 28.45 -38.04 -3.21
N GLY C 213 28.31 -38.41 -4.48
CA GLY C 213 27.17 -39.20 -4.96
C GLY C 213 26.56 -38.67 -6.26
N ALA C 214 26.52 -37.36 -6.39
CA ALA C 214 26.07 -36.72 -7.62
C ALA C 214 26.98 -35.54 -7.93
N ARG C 215 27.75 -35.68 -9.00
CA ARG C 215 28.78 -34.71 -9.35
C ARG C 215 28.20 -33.34 -9.61
N ARG C 216 28.85 -32.34 -9.01
CA ARG C 216 28.44 -30.96 -9.13
C ARG C 216 29.46 -30.04 -8.47
N ILE C 217 29.55 -28.81 -8.96
CA ILE C 217 30.30 -27.75 -8.31
C ILE C 217 29.35 -26.61 -7.94
N ASP C 218 29.16 -26.41 -6.64
CA ASP C 218 28.31 -25.33 -6.15
C ASP C 218 29.14 -24.12 -5.81
N PHE C 219 28.65 -22.94 -6.16
CA PHE C 219 29.37 -21.70 -5.94
C PHE C 219 28.78 -20.88 -4.79
N HIS C 220 29.67 -20.33 -3.96
CA HIS C 220 29.27 -19.49 -2.84
C HIS C 220 30.03 -18.17 -2.88
N TRP C 221 29.54 -17.18 -2.14
CA TRP C 221 30.05 -15.82 -2.30
C TRP C 221 29.90 -14.95 -1.06
N LEU C 222 30.67 -13.85 -1.04
CA LEU C 222 30.59 -12.83 0.00
C LEU C 222 31.06 -11.48 -0.56
N LEU C 223 30.71 -10.41 0.14
CA LEU C 223 31.18 -9.06 -0.18
C LEU C 223 32.22 -8.60 0.82
N LEU C 224 33.47 -8.50 0.39
CA LEU C 224 34.57 -8.11 1.25
C LEU C 224 34.77 -6.60 1.30
N ASP C 225 34.76 -6.04 2.51
CA ASP C 225 34.95 -4.61 2.75
C ASP C 225 36.35 -4.12 2.38
N PRO C 226 36.49 -2.81 2.07
CA PRO C 226 37.82 -2.20 1.85
C PRO C 226 38.73 -2.40 3.06
N ASN C 227 40.01 -2.69 2.78
CA ASN C 227 41.05 -2.92 3.80
C ASN C 227 40.81 -4.17 4.69
N ASP C 228 39.79 -4.95 4.34
CA ASP C 228 39.46 -6.19 5.06
C ASP C 228 40.04 -7.41 4.32
N THR C 229 40.01 -8.58 4.97
CA THR C 229 40.69 -9.78 4.47
C THR C 229 39.79 -11.02 4.44
N VAL C 230 39.85 -11.77 3.34
CA VAL C 230 39.20 -13.08 3.25
C VAL C 230 40.25 -14.16 3.48
N THR C 231 39.96 -15.08 4.40
CA THR C 231 40.85 -16.20 4.68
C THR C 231 40.20 -17.50 4.25
N PHE C 232 40.85 -18.19 3.31
CA PHE C 232 40.44 -19.51 2.87
C PHE C 232 41.33 -20.58 3.52
N THR C 233 40.70 -21.57 4.13
CA THR C 233 41.40 -22.76 4.63
C THR C 233 40.70 -24.00 4.10
N PHE C 234 41.48 -24.91 3.51
CA PHE C 234 40.91 -26.03 2.76
C PHE C 234 41.91 -27.17 2.59
N ASN C 235 41.39 -28.40 2.55
CA ASN C 235 42.21 -29.60 2.35
C ASN C 235 41.78 -30.42 1.15
N GLY C 236 41.09 -29.76 0.21
CA GLY C 236 40.54 -30.41 -0.97
C GLY C 236 39.12 -29.96 -1.28
N ALA C 237 38.57 -30.49 -2.38
CA ALA C 237 37.21 -30.18 -2.85
C ALA C 237 36.93 -28.68 -3.02
N PHE C 238 38.00 -27.91 -3.26
CA PHE C 238 37.93 -26.46 -3.26
C PHE C 238 38.27 -25.86 -4.63
N ILE C 239 37.31 -25.14 -5.18
CA ILE C 239 37.50 -24.39 -6.41
C ILE C 239 37.87 -22.95 -6.03
N ALA C 240 39.09 -22.56 -6.39
CA ALA C 240 39.67 -21.30 -5.93
C ALA C 240 39.44 -20.15 -6.91
N PRO C 241 39.18 -18.95 -6.38
CA PRO C 241 39.08 -17.76 -7.23
C PRO C 241 40.44 -17.29 -7.73
N ASP C 242 40.51 -16.97 -9.02
CA ASP C 242 41.71 -16.41 -9.63
C ASP C 242 41.59 -14.89 -9.76
N ARG C 243 40.35 -14.42 -9.96
CA ARG C 243 40.04 -13.01 -10.03
C ARG C 243 38.78 -12.67 -9.23
N THR C 244 38.71 -11.44 -8.71
CA THR C 244 37.54 -10.95 -7.99
C THR C 244 36.86 -9.84 -8.80
N SER C 245 35.65 -9.44 -8.39
CA SER C 245 34.89 -8.43 -9.13
C SER C 245 34.66 -7.13 -8.34
N PHE C 246 34.83 -6.00 -9.01
CA PHE C 246 34.54 -4.69 -8.44
C PHE C 246 33.48 -4.01 -9.28
N PHE C 247 32.45 -3.49 -8.62
CA PHE C 247 31.34 -2.85 -9.32
C PHE C 247 31.71 -1.46 -9.85
N ARG C 248 31.15 -1.10 -11.00
CA ARG C 248 31.57 0.11 -11.71
C ARG C 248 30.79 1.36 -11.32
N GLY C 249 29.46 1.24 -11.23
CA GLY C 249 28.60 2.39 -10.90
C GLY C 249 27.13 2.03 -10.74
N GLU C 250 26.31 2.54 -11.67
CA GLU C 250 24.85 2.35 -11.66
C GLU C 250 24.37 1.66 -12.93
N SER C 251 23.39 0.77 -12.79
CA SER C 251 22.71 0.15 -13.93
C SER C 251 21.29 -0.29 -13.58
N LEU C 252 20.51 -0.61 -14.61
CA LEU C 252 19.17 -1.14 -14.44
C LEU C 252 19.06 -2.49 -15.13
N GLY C 253 18.64 -3.51 -14.39
CA GLY C 253 18.49 -4.85 -14.93
C GLY C 253 17.11 -5.11 -15.50
N VAL C 254 17.08 -5.64 -16.72
CA VAL C 254 15.83 -5.99 -17.39
C VAL C 254 15.85 -7.47 -17.78
N GLN C 255 14.69 -8.12 -17.68
CA GLN C 255 14.49 -9.43 -18.26
C GLN C 255 13.51 -9.27 -19.42
N SER C 256 13.94 -9.63 -20.64
CA SER C 256 13.09 -9.43 -21.81
C SER C 256 13.43 -10.30 -23.02
N ASP C 257 12.42 -10.56 -23.83
CA ASP C 257 12.56 -11.25 -25.12
C ASP C 257 12.58 -10.23 -26.27
N ALA C 258 12.48 -8.95 -25.93
CA ALA C 258 12.40 -7.87 -26.91
C ALA C 258 13.77 -7.52 -27.47
N PRO C 259 13.82 -7.19 -28.78
CA PRO C 259 15.05 -6.71 -29.40
C PRO C 259 15.44 -5.32 -28.91
N LEU C 260 16.74 -5.02 -28.90
CA LEU C 260 17.21 -3.68 -28.56
C LEU C 260 17.03 -2.75 -29.75
N ASP C 261 16.69 -1.49 -29.45
CA ASP C 261 16.62 -0.47 -30.48
C ASP C 261 17.24 0.83 -29.99
N SER C 262 18.35 1.22 -30.62
CA SER C 262 19.10 2.40 -30.21
C SER C 262 18.58 3.69 -30.86
N SER C 263 17.40 3.63 -31.47
CA SER C 263 16.81 4.80 -32.12
C SER C 263 15.59 5.36 -31.39
N CYS C 264 15.17 4.67 -30.32
CA CYS C 264 14.13 5.19 -29.43
C CYS C 264 14.67 5.32 -28.01
N ARG C 265 14.29 6.40 -27.33
CA ARG C 265 14.68 6.63 -25.95
C ARG C 265 13.58 6.16 -24.99
N GLY C 266 13.99 5.58 -23.86
CA GLY C 266 13.06 5.09 -22.84
C GLY C 266 13.68 5.01 -21.45
N ASP C 267 12.82 4.87 -20.44
CA ASP C 267 13.27 4.79 -19.04
C ASP C 267 12.51 3.74 -18.23
N CYS C 268 11.44 3.23 -18.82
CA CYS C 268 10.61 2.21 -18.18
C CYS C 268 10.59 0.97 -19.06
N PHE C 269 10.92 -0.17 -18.47
CA PHE C 269 11.03 -1.42 -19.22
C PHE C 269 10.31 -2.57 -18.55
N HIS C 270 9.92 -3.55 -19.36
CA HIS C 270 9.30 -4.78 -18.89
C HIS C 270 9.62 -5.88 -19.88
N SER C 271 9.17 -7.09 -19.62
CA SER C 271 9.48 -8.24 -20.49
C SER C 271 9.02 -8.05 -21.93
N GLY C 272 7.94 -7.30 -22.12
CA GLY C 272 7.37 -7.06 -23.44
C GLY C 272 7.86 -5.80 -24.14
N GLY C 273 8.88 -5.16 -23.58
CA GLY C 273 9.51 -4.00 -24.25
C GLY C 273 9.66 -2.74 -23.41
N THR C 274 9.36 -1.60 -24.03
CA THR C 274 9.53 -0.29 -23.40
C THR C 274 8.21 0.47 -23.36
N ILE C 275 7.95 1.13 -22.22
CA ILE C 275 6.80 2.02 -22.09
C ILE C 275 7.28 3.46 -22.09
N VAL C 276 6.85 4.21 -23.10
CA VAL C 276 7.16 5.62 -23.22
C VAL C 276 5.84 6.38 -23.13
N SER C 277 5.71 7.17 -22.06
CA SER C 277 4.45 7.85 -21.76
C SER C 277 4.64 8.94 -20.71
N SER C 278 3.89 10.01 -20.85
CA SER C 278 3.82 11.05 -19.83
C SER C 278 2.62 10.82 -18.89
N LEU C 279 1.80 9.84 -19.23
CA LEU C 279 0.56 9.55 -18.49
C LEU C 279 0.84 8.92 -17.12
N PRO C 280 -0.01 9.20 -16.12
CA PRO C 280 0.18 8.72 -14.74
C PRO C 280 0.04 7.20 -14.57
N PHE C 281 -0.81 6.57 -15.37
CA PHE C 281 -1.08 5.13 -15.22
C PHE C 281 -0.85 4.34 -16.52
N GLN C 282 -0.78 3.02 -16.39
CA GLN C 282 -0.62 2.12 -17.54
C GLN C 282 -1.29 0.77 -17.31
N ASN C 283 -1.83 0.19 -18.39
CA ASN C 283 -2.45 -1.14 -18.34
C ASN C 283 -1.65 -2.14 -19.19
N ILE C 284 -0.35 -1.89 -19.29
CA ILE C 284 0.51 -2.67 -20.19
C ILE C 284 1.12 -3.91 -19.52
N ASN C 285 1.73 -3.71 -18.35
CA ASN C 285 2.36 -4.79 -17.61
C ASN C 285 2.46 -4.47 -16.12
N SER C 286 1.98 -5.40 -15.28
CA SER C 286 2.02 -5.21 -13.82
C SER C 286 3.42 -5.37 -13.23
N ARG C 287 4.32 -5.99 -14.00
CA ARG C 287 5.72 -6.13 -13.59
C ARG C 287 6.57 -5.28 -14.52
N THR C 288 7.13 -4.20 -13.96
CA THR C 288 7.96 -3.27 -14.72
C THR C 288 9.25 -2.98 -13.95
N VAL C 289 10.19 -2.32 -14.61
CA VAL C 289 11.44 -1.90 -13.98
C VAL C 289 11.80 -0.50 -14.47
N GLY C 290 12.53 0.26 -13.65
CA GLY C 290 12.90 1.63 -14.00
C GLY C 290 11.87 2.63 -13.52
N LYS C 291 11.79 3.77 -14.21
CA LYS C 291 10.89 4.86 -13.82
C LYS C 291 9.61 4.84 -14.64
N CYS C 292 8.53 4.35 -14.02
CA CYS C 292 7.32 3.95 -14.73
C CYS C 292 6.02 4.58 -14.22
N PRO C 293 5.03 4.74 -15.12
CA PRO C 293 3.67 5.00 -14.63
C PRO C 293 3.19 3.80 -13.82
N ARG C 294 2.33 4.07 -12.84
CA ARG C 294 1.80 3.03 -11.98
C ARG C 294 0.80 2.15 -12.72
N TYR C 295 0.93 0.83 -12.54
CA TYR C 295 0.02 -0.11 -13.19
C TYR C 295 -1.37 -0.04 -12.57
N VAL C 296 -2.39 -0.10 -13.42
CA VAL C 296 -3.79 -0.17 -13.00
C VAL C 296 -4.51 -1.29 -13.75
N LYS C 297 -5.62 -1.76 -13.20
CA LYS C 297 -6.43 -2.81 -13.82
C LYS C 297 -7.28 -2.29 -15.00
N GLN C 298 -7.66 -1.02 -14.94
CA GLN C 298 -8.55 -0.42 -15.95
C GLN C 298 -7.86 -0.18 -17.29
N LYS C 299 -8.62 -0.40 -18.37
CA LYS C 299 -8.11 -0.27 -19.73
C LYS C 299 -8.01 1.20 -20.11
N SER C 300 -8.91 2.01 -19.57
CA SER C 300 -9.05 3.42 -19.91
C SER C 300 -9.70 4.17 -18.75
N LEU C 301 -9.17 5.35 -18.45
CA LEU C 301 -9.76 6.26 -17.45
C LEU C 301 -9.72 7.69 -17.98
N LEU C 302 -10.87 8.14 -18.48
CA LEU C 302 -10.93 9.43 -19.17
C LEU C 302 -11.13 10.62 -18.22
N LEU C 303 -10.15 11.52 -18.23
CA LEU C 303 -10.23 12.78 -17.49
C LEU C 303 -10.88 13.84 -18.38
N ALA C 304 -11.98 14.42 -17.89
CA ALA C 304 -12.69 15.46 -18.61
C ALA C 304 -11.81 16.70 -18.73
N THR C 305 -11.77 17.26 -19.94
CA THR C 305 -11.03 18.50 -20.18
C THR C 305 -11.94 19.57 -20.77
N GLY C 306 -13.24 19.38 -20.62
CA GLY C 306 -14.24 20.33 -21.11
C GLY C 306 -15.54 20.24 -20.32
N MET C 307 -16.43 21.19 -20.57
CA MET C 307 -17.71 21.26 -19.85
C MET C 307 -18.65 20.10 -20.18
N ARG C 308 -19.79 20.05 -19.48
CA ARG C 308 -20.83 19.09 -19.80
C ARG C 308 -21.40 19.42 -21.17
N ASN C 309 -21.36 18.45 -22.08
CA ASN C 309 -21.83 18.65 -23.44
C ASN C 309 -23.36 18.56 -23.52
N VAL C 310 -23.99 19.68 -23.89
CA VAL C 310 -25.43 19.72 -24.09
C VAL C 310 -25.70 20.20 -25.52
N PRO C 311 -25.85 19.25 -26.45
CA PRO C 311 -26.00 19.57 -27.87
C PRO C 311 -27.34 20.18 -28.23
N GLU C 312 -27.42 20.74 -29.43
CA GLU C 312 -28.64 21.35 -29.95
C GLU C 312 -29.56 20.26 -30.51
N LYS C 313 -30.88 20.46 -30.35
CA LYS C 313 -31.88 19.51 -30.84
C LYS C 313 -32.62 20.04 -32.06
N GLY D 1 -24.92 21.14 -13.34
CA GLY D 1 -23.93 21.01 -12.24
C GLY D 1 -24.40 21.71 -10.99
N LEU D 2 -23.47 22.01 -10.09
CA LEU D 2 -23.80 22.67 -8.82
C LEU D 2 -24.36 24.09 -8.97
N PHE D 3 -24.11 24.74 -10.11
CA PHE D 3 -24.42 26.16 -10.25
C PHE D 3 -25.65 26.49 -11.09
N GLY D 4 -26.23 25.46 -11.71
CA GLY D 4 -27.54 25.57 -12.34
C GLY D 4 -27.61 26.17 -13.72
N ALA D 5 -26.49 26.60 -14.27
CA ALA D 5 -26.48 27.20 -15.61
C ALA D 5 -26.40 26.16 -16.73
N ILE D 6 -25.19 25.63 -16.96
CA ILE D 6 -24.97 24.61 -18.00
C ILE D 6 -25.75 23.35 -17.66
N ALA D 7 -26.66 22.98 -18.55
CA ALA D 7 -27.61 21.87 -18.35
C ALA D 7 -28.65 22.20 -17.28
N GLY D 8 -28.90 23.50 -17.08
CA GLY D 8 -29.88 23.99 -16.13
C GLY D 8 -30.83 24.98 -16.77
N PHE D 9 -30.82 26.22 -16.28
CA PHE D 9 -31.72 27.25 -16.82
C PHE D 9 -31.39 27.62 -18.27
N ILE D 10 -30.12 27.43 -18.66
CA ILE D 10 -29.72 27.50 -20.06
C ILE D 10 -29.97 26.11 -20.68
N GLU D 11 -30.96 26.05 -21.56
CA GLU D 11 -31.45 24.80 -22.18
C GLU D 11 -30.32 23.93 -22.75
N ASN D 12 -29.58 24.47 -23.70
CA ASN D 12 -28.50 23.73 -24.37
C ASN D 12 -27.34 24.62 -24.82
N GLY D 13 -26.29 23.98 -25.32
CA GLY D 13 -25.13 24.68 -25.84
C GLY D 13 -25.29 25.09 -27.29
N TRP D 14 -24.38 25.96 -27.74
CA TRP D 14 -24.38 26.41 -29.12
C TRP D 14 -23.23 25.76 -29.87
N GLU D 15 -23.56 24.91 -30.85
CA GLU D 15 -22.57 24.23 -31.67
C GLU D 15 -21.84 25.20 -32.61
N GLY D 16 -22.48 26.33 -32.90
CA GLY D 16 -21.91 27.37 -33.76
C GLY D 16 -20.94 28.32 -33.07
N LEU D 17 -20.75 28.14 -31.78
CA LEU D 17 -19.75 28.91 -31.03
C LEU D 17 -18.42 28.15 -31.03
N ILE D 18 -17.75 28.18 -32.18
CA ILE D 18 -16.46 27.52 -32.37
C ILE D 18 -15.31 28.39 -31.85
N ASN D 19 -15.63 29.66 -31.55
CA ASN D 19 -14.64 30.67 -31.17
C ASN D 19 -14.24 30.69 -29.68
N GLY D 20 -14.97 29.95 -28.85
CA GLY D 20 -14.72 29.92 -27.41
C GLY D 20 -15.57 28.94 -26.62
N TRP D 21 -15.51 29.04 -25.30
CA TRP D 21 -16.28 28.16 -24.40
C TRP D 21 -17.62 28.77 -24.02
N TYR D 22 -17.63 30.09 -23.88
CA TYR D 22 -18.82 30.84 -23.47
C TYR D 22 -19.00 32.03 -24.39
N GLY D 23 -20.22 32.59 -24.44
CA GLY D 23 -20.46 33.72 -25.33
C GLY D 23 -21.78 34.45 -25.18
N PHE D 24 -22.00 35.39 -26.09
CA PHE D 24 -23.22 36.20 -26.14
C PHE D 24 -23.92 35.99 -27.47
N ARG D 25 -25.24 35.98 -27.45
CA ARG D 25 -26.02 35.96 -28.68
C ARG D 25 -27.05 37.08 -28.65
N HIS D 26 -26.75 38.17 -29.34
CA HIS D 26 -27.64 39.33 -29.35
C HIS D 26 -28.71 39.23 -30.43
N GLN D 27 -29.71 40.08 -30.33
CA GLN D 27 -30.84 40.13 -31.24
C GLN D 27 -31.38 41.55 -31.21
N ASN D 28 -31.25 42.27 -32.32
CA ASN D 28 -31.80 43.62 -32.41
C ASN D 28 -32.49 43.89 -33.76
N ALA D 29 -32.55 45.16 -34.17
CA ALA D 29 -33.16 45.53 -35.44
C ALA D 29 -32.26 45.22 -36.64
N GLN D 30 -30.96 45.07 -36.37
CA GLN D 30 -29.96 44.80 -37.40
C GLN D 30 -29.76 43.30 -37.64
N GLY D 31 -30.40 42.47 -36.82
CA GLY D 31 -30.29 41.02 -36.93
C GLY D 31 -29.61 40.40 -35.73
N GLU D 32 -29.34 39.10 -35.79
CA GLU D 32 -28.66 38.40 -34.70
C GLU D 32 -27.16 38.21 -34.97
N GLY D 33 -26.39 38.03 -33.90
CA GLY D 33 -24.96 37.80 -33.99
C GLY D 33 -24.43 37.12 -32.75
N THR D 34 -23.29 36.44 -32.88
CA THR D 34 -22.71 35.69 -31.77
C THR D 34 -21.23 36.02 -31.60
N ALA D 35 -20.81 36.26 -30.36
CA ALA D 35 -19.42 36.56 -30.03
C ALA D 35 -18.98 35.81 -28.77
N ALA D 36 -17.73 35.35 -28.76
CA ALA D 36 -17.19 34.59 -27.64
C ALA D 36 -16.54 35.49 -26.59
N ASP D 37 -16.73 35.13 -25.32
CA ASP D 37 -16.10 35.86 -24.21
C ASP D 37 -14.75 35.25 -23.88
N TYR D 38 -13.68 36.01 -24.12
CA TYR D 38 -12.30 35.56 -23.90
C TYR D 38 -12.03 35.27 -22.43
N LYS D 39 -12.34 36.25 -21.58
CA LYS D 39 -12.02 36.22 -20.15
C LYS D 39 -12.56 34.98 -19.43
N SER D 40 -13.84 34.69 -19.62
CA SER D 40 -14.47 33.52 -19.00
C SER D 40 -13.92 32.21 -19.55
N THR D 41 -13.72 32.17 -20.86
CA THR D 41 -13.21 31.01 -21.57
C THR D 41 -11.77 30.68 -21.17
N GLN D 42 -10.92 31.70 -21.14
CA GLN D 42 -9.53 31.54 -20.74
C GLN D 42 -9.42 31.09 -19.27
N SER D 43 -10.30 31.62 -18.43
CA SER D 43 -10.32 31.26 -17.02
C SER D 43 -10.56 29.77 -16.86
N ALA D 44 -11.51 29.25 -17.62
CA ALA D 44 -11.88 27.83 -17.58
C ALA D 44 -10.75 26.95 -18.10
N ILE D 45 -10.19 27.32 -19.26
CA ILE D 45 -9.11 26.57 -19.90
C ILE D 45 -7.87 26.50 -19.00
N ASP D 46 -7.52 27.62 -18.38
CA ASP D 46 -6.36 27.68 -17.48
C ASP D 46 -6.51 26.70 -16.32
N GLN D 47 -7.74 26.56 -15.81
CA GLN D 47 -8.02 25.64 -14.70
C GLN D 47 -7.91 24.18 -15.14
N ILE D 48 -8.43 23.86 -16.32
CA ILE D 48 -8.28 22.51 -16.87
C ILE D 48 -6.81 22.20 -17.19
N THR D 49 -6.09 23.20 -17.71
CA THR D 49 -4.64 23.09 -17.92
C THR D 49 -3.95 22.77 -16.59
N GLY D 50 -4.36 23.48 -15.54
CA GLY D 50 -3.86 23.23 -14.18
C GLY D 50 -3.93 21.76 -13.80
N LYS D 51 -5.09 21.15 -14.00
CA LYS D 51 -5.29 19.73 -13.75
C LYS D 51 -4.33 18.87 -14.55
N LEU D 52 -4.13 19.23 -15.83
CA LEU D 52 -3.24 18.47 -16.70
C LEU D 52 -1.78 18.58 -16.27
N ASN D 53 -1.37 19.76 -15.84
CA ASN D 53 -0.01 19.99 -15.36
C ASN D 53 0.32 19.15 -14.14
N ARG D 54 -0.70 18.83 -13.35
CA ARG D 54 -0.56 18.01 -12.15
C ARG D 54 -0.39 16.54 -12.46
N LEU D 55 -1.19 16.03 -13.40
CA LEU D 55 -1.30 14.60 -13.67
C LEU D 55 -0.37 14.10 -14.76
N ILE D 56 -0.08 14.94 -15.75
CA ILE D 56 0.71 14.54 -16.90
C ILE D 56 2.18 14.98 -16.74
N GLY D 57 3.11 14.08 -17.08
CA GLY D 57 4.54 14.39 -17.08
C GLY D 57 5.18 14.43 -15.70
N LYS D 58 4.68 13.58 -14.80
CA LYS D 58 5.24 13.46 -13.46
C LYS D 58 6.56 12.70 -13.49
N THR D 59 7.39 12.94 -12.48
CA THR D 59 8.65 12.22 -12.32
C THR D 59 8.41 11.02 -11.42
N ASN D 60 8.32 9.83 -12.02
CA ASN D 60 8.09 8.60 -11.28
C ASN D 60 9.36 8.08 -10.62
N GLN D 61 9.21 7.37 -9.52
CA GLN D 61 10.37 6.81 -8.81
C GLN D 61 10.74 5.41 -9.31
N GLN D 62 12.03 5.10 -9.21
CA GLN D 62 12.57 3.86 -9.77
C GLN D 62 12.17 2.62 -8.96
N PHE D 63 11.90 1.54 -9.68
CA PHE D 63 11.74 0.22 -9.08
C PHE D 63 12.56 -0.81 -9.83
N GLU D 64 13.11 -1.76 -9.08
CA GLU D 64 13.92 -2.83 -9.65
C GLU D 64 13.13 -4.13 -9.71
N LEU D 65 13.69 -5.13 -10.39
CA LEU D 65 13.19 -6.51 -10.32
C LEU D 65 13.34 -7.05 -8.90
N ILE D 66 12.31 -7.76 -8.45
CA ILE D 66 12.38 -8.47 -7.17
C ILE D 66 12.05 -9.95 -7.32
N ASP D 67 11.60 -10.33 -8.51
CA ASP D 67 11.43 -11.75 -8.86
C ASP D 67 12.07 -12.05 -10.21
N ASN D 68 11.86 -13.27 -10.70
CA ASN D 68 12.58 -13.78 -11.86
C ASN D 68 11.66 -14.58 -12.77
N GLU D 69 11.57 -14.16 -14.03
CA GLU D 69 10.75 -14.83 -15.04
C GLU D 69 11.37 -16.12 -15.57
N PHE D 70 12.69 -16.21 -15.51
CA PHE D 70 13.42 -17.31 -16.14
C PHE D 70 13.83 -18.38 -15.14
N ASN D 71 13.78 -18.04 -13.87
CA ASN D 71 14.23 -18.93 -12.81
C ASN D 71 13.43 -18.65 -11.54
N GLU D 72 12.33 -19.39 -11.37
CA GLU D 72 11.40 -19.15 -10.26
C GLU D 72 12.11 -19.09 -8.91
N ILE D 73 11.81 -18.03 -8.15
CA ILE D 73 12.40 -17.81 -6.82
C ILE D 73 11.77 -18.75 -5.79
N GLU D 74 12.32 -18.76 -4.58
CA GLU D 74 11.77 -19.63 -3.52
C GLU D 74 10.30 -19.31 -3.27
N GLN D 75 9.49 -20.36 -3.14
CA GLN D 75 8.04 -20.27 -3.16
C GLN D 75 7.43 -19.31 -2.12
N GLN D 76 8.05 -19.22 -0.95
CA GLN D 76 7.50 -18.43 0.15
C GLN D 76 7.60 -16.92 -0.12
N ILE D 77 8.79 -16.45 -0.46
CA ILE D 77 9.02 -15.06 -0.85
C ILE D 77 8.17 -14.70 -2.09
N GLY D 78 8.16 -15.60 -3.07
CA GLY D 78 7.40 -15.41 -4.29
C GLY D 78 5.94 -15.10 -4.06
N ASN D 79 5.31 -15.91 -3.21
CA ASN D 79 3.90 -15.71 -2.82
C ASN D 79 3.65 -14.39 -2.10
N VAL D 80 4.57 -13.99 -1.24
CA VAL D 80 4.48 -12.70 -0.55
C VAL D 80 4.59 -11.55 -1.55
N ILE D 81 5.52 -11.67 -2.50
CA ILE D 81 5.66 -10.66 -3.55
C ILE D 81 4.37 -10.55 -4.36
N ASN D 82 3.83 -11.70 -4.80
CA ASN D 82 2.58 -11.73 -5.57
C ASN D 82 1.42 -11.10 -4.81
N TRP D 83 1.32 -11.44 -3.52
CA TRP D 83 0.31 -10.88 -2.62
C TRP D 83 0.46 -9.37 -2.46
N THR D 84 1.70 -8.89 -2.31
CA THR D 84 1.97 -7.46 -2.10
C THR D 84 1.65 -6.69 -3.36
N ARG D 85 2.21 -7.13 -4.49
CA ARG D 85 2.03 -6.47 -5.78
C ARG D 85 0.54 -6.31 -6.12
N ASP D 86 -0.22 -7.39 -6.02
CA ASP D 86 -1.64 -7.37 -6.36
C ASP D 86 -2.42 -6.40 -5.48
N ALA D 87 -2.06 -6.35 -4.19
CA ALA D 87 -2.67 -5.42 -3.25
C ALA D 87 -2.34 -3.97 -3.62
N MET D 88 -1.12 -3.75 -4.10
CA MET D 88 -0.71 -2.43 -4.61
C MET D 88 -1.55 -2.05 -5.82
N THR D 89 -1.69 -3.00 -6.73
CA THR D 89 -2.49 -2.82 -7.94
C THR D 89 -3.93 -2.43 -7.58
N GLU D 90 -4.49 -3.09 -6.58
CA GLU D 90 -5.86 -2.81 -6.14
C GLU D 90 -6.00 -1.41 -5.56
N ILE D 91 -5.02 -0.98 -4.77
CA ILE D 91 -5.00 0.37 -4.22
C ILE D 91 -4.85 1.40 -5.33
N TRP D 92 -3.91 1.17 -6.24
CA TRP D 92 -3.67 2.12 -7.33
C TRP D 92 -4.83 2.20 -8.30
N SER D 93 -5.47 1.08 -8.57
CA SER D 93 -6.66 1.05 -9.41
C SER D 93 -7.79 1.86 -8.77
N TYR D 94 -7.98 1.65 -7.46
CA TYR D 94 -8.93 2.41 -6.67
C TYR D 94 -8.62 3.92 -6.74
N ASN D 95 -7.36 4.27 -6.45
CA ASN D 95 -6.93 5.67 -6.47
C ASN D 95 -7.16 6.33 -7.82
N ALA D 96 -6.83 5.61 -8.89
CA ALA D 96 -6.93 6.15 -10.24
C ALA D 96 -8.38 6.44 -10.61
N GLU D 97 -9.26 5.48 -10.35
CA GLU D 97 -10.67 5.63 -10.70
C GLU D 97 -11.35 6.75 -9.91
N LEU D 98 -11.04 6.82 -8.61
CA LEU D 98 -11.56 7.87 -7.74
C LEU D 98 -11.08 9.24 -8.20
N LEU D 99 -9.77 9.34 -8.45
CA LEU D 99 -9.16 10.57 -8.92
C LEU D 99 -9.91 11.14 -10.12
N VAL D 100 -10.10 10.30 -11.14
CA VAL D 100 -10.77 10.72 -12.36
C VAL D 100 -12.22 11.13 -12.07
N ALA D 101 -12.92 10.30 -11.29
CA ALA D 101 -14.33 10.56 -10.96
C ALA D 101 -14.49 11.89 -10.23
N MET D 102 -13.66 12.09 -9.21
CA MET D 102 -13.69 13.29 -8.41
C MET D 102 -13.33 14.53 -9.24
N GLU D 103 -12.25 14.43 -10.01
CA GLU D 103 -11.78 15.54 -10.82
C GLU D 103 -12.82 15.96 -11.85
N ASN D 104 -13.43 14.97 -12.52
CA ASN D 104 -14.48 15.21 -13.50
C ASN D 104 -15.70 15.91 -12.93
N GLN D 105 -16.13 15.48 -11.74
CA GLN D 105 -17.23 16.14 -11.03
C GLN D 105 -16.90 17.61 -10.80
N HIS D 106 -15.65 17.87 -10.42
CA HIS D 106 -15.20 19.23 -10.15
C HIS D 106 -15.10 20.04 -11.43
N THR D 107 -14.59 19.43 -12.49
CA THR D 107 -14.44 20.08 -13.80
C THR D 107 -15.77 20.59 -14.37
N ILE D 108 -16.76 19.71 -14.39
CA ILE D 108 -18.09 20.07 -14.85
C ILE D 108 -18.67 21.21 -14.02
N ASP D 109 -18.56 21.12 -12.70
CA ASP D 109 -19.02 22.17 -11.79
C ASP D 109 -18.25 23.48 -11.97
N LEU D 110 -16.97 23.35 -12.27
CA LEU D 110 -16.09 24.48 -12.54
C LEU D 110 -16.53 25.22 -13.81
N ALA D 111 -16.88 24.46 -14.85
CA ALA D 111 -17.32 25.04 -16.11
C ALA D 111 -18.67 25.75 -15.95
N ASP D 112 -19.55 25.11 -15.15
CA ASP D 112 -20.86 25.63 -14.83
C ASP D 112 -20.74 26.92 -14.01
N SER D 113 -19.77 26.93 -13.09
CA SER D 113 -19.45 28.10 -12.28
C SER D 113 -19.08 29.31 -13.14
N GLU D 114 -18.20 29.09 -14.11
CA GLU D 114 -17.74 30.16 -14.99
C GLU D 114 -18.86 30.71 -15.85
N MET D 115 -19.82 29.86 -16.19
CA MET D 115 -21.02 30.29 -16.92
C MET D 115 -21.88 31.16 -16.02
N SER D 116 -22.10 30.70 -14.78
CA SER D 116 -22.89 31.42 -13.81
C SER D 116 -22.27 32.79 -13.49
N LYS D 117 -20.96 32.84 -13.32
CA LYS D 117 -20.26 34.09 -13.05
C LYS D 117 -20.46 35.11 -14.16
N LEU D 118 -20.30 34.66 -15.40
CA LEU D 118 -20.44 35.52 -16.58
C LEU D 118 -21.86 36.07 -16.71
N TYR D 119 -22.84 35.19 -16.58
CA TYR D 119 -24.25 35.57 -16.57
C TYR D 119 -24.50 36.65 -15.51
N GLU D 120 -24.04 36.39 -14.29
CA GLU D 120 -24.22 37.33 -13.17
C GLU D 120 -23.50 38.66 -13.41
N ARG D 121 -22.36 38.63 -14.10
CA ARG D 121 -21.63 39.85 -14.44
C ARG D 121 -22.48 40.76 -15.30
N VAL D 122 -23.05 40.19 -16.37
CA VAL D 122 -23.94 40.91 -17.27
C VAL D 122 -25.13 41.50 -16.53
N LYS D 123 -25.76 40.71 -15.65
CA LYS D 123 -26.92 41.18 -14.89
C LYS D 123 -26.60 42.44 -14.07
N LYS D 124 -25.49 42.40 -13.33
CA LYS D 124 -25.04 43.53 -12.52
C LYS D 124 -24.62 44.72 -13.37
N GLN D 125 -24.21 44.43 -14.61
CA GLN D 125 -23.79 45.45 -15.55
C GLN D 125 -25.00 46.19 -16.08
N LEU D 126 -26.03 45.44 -16.46
CA LEU D 126 -27.23 45.98 -17.09
C LEU D 126 -28.17 46.73 -16.13
N ARG D 127 -27.95 46.56 -14.82
CA ARG D 127 -28.71 47.29 -13.79
C ARG D 127 -30.22 47.18 -13.96
N GLU D 128 -30.89 48.33 -14.10
CA GLU D 128 -32.36 48.38 -14.24
C GLU D 128 -32.81 48.57 -15.69
N ASN D 129 -31.90 48.33 -16.62
CA ASN D 129 -32.20 48.50 -18.04
C ASN D 129 -32.67 47.21 -18.71
N ALA D 130 -32.67 46.12 -17.95
CA ALA D 130 -32.97 44.80 -18.50
C ALA D 130 -33.62 43.86 -17.49
N GLU D 131 -34.43 42.95 -18.00
CA GLU D 131 -35.02 41.89 -17.19
C GLU D 131 -34.56 40.54 -17.72
N GLU D 132 -34.21 39.64 -16.82
CA GLU D 132 -33.84 38.28 -17.20
C GLU D 132 -35.08 37.44 -17.46
N ASP D 133 -35.06 36.69 -18.56
CA ASP D 133 -36.24 35.93 -18.99
C ASP D 133 -36.28 34.49 -18.46
N GLY D 134 -35.20 34.06 -17.82
CA GLY D 134 -35.14 32.74 -17.21
C GLY D 134 -34.58 31.64 -18.09
N THR D 135 -34.24 31.98 -19.33
CA THR D 135 -33.60 31.04 -20.25
C THR D 135 -32.14 31.40 -20.49
N GLY D 136 -31.64 32.37 -19.71
CA GLY D 136 -30.27 32.85 -19.84
C GLY D 136 -30.17 34.14 -20.63
N CYS D 137 -31.31 34.63 -21.12
CA CYS D 137 -31.35 35.86 -21.92
C CYS D 137 -31.68 37.09 -21.08
N PHE D 138 -31.29 38.26 -21.56
CA PHE D 138 -31.65 39.54 -20.95
C PHE D 138 -32.48 40.37 -21.92
N GLU D 139 -33.74 40.58 -21.58
CA GLU D 139 -34.59 41.47 -22.35
C GLU D 139 -34.19 42.92 -22.08
N ILE D 140 -33.55 43.55 -23.07
CA ILE D 140 -33.17 44.94 -22.97
C ILE D 140 -34.40 45.79 -23.21
N PHE D 141 -34.67 46.72 -22.29
CA PHE D 141 -35.87 47.55 -22.38
C PHE D 141 -35.64 48.90 -23.06
N HIS D 142 -34.54 49.00 -23.78
CA HIS D 142 -34.28 50.13 -24.66
C HIS D 142 -33.81 49.59 -26.00
N LYS D 143 -33.46 50.49 -26.92
CA LYS D 143 -32.89 50.06 -28.19
C LYS D 143 -31.37 50.02 -28.11
N CYS D 144 -30.81 48.86 -28.47
CA CYS D 144 -29.38 48.60 -28.31
C CYS D 144 -28.81 48.10 -29.63
N ASP D 145 -28.16 49.00 -30.37
CA ASP D 145 -27.57 48.67 -31.66
C ASP D 145 -26.29 47.83 -31.52
N ASP D 146 -25.65 47.53 -32.65
CA ASP D 146 -24.44 46.69 -32.67
C ASP D 146 -23.29 47.24 -31.83
N GLN D 147 -23.15 48.57 -31.80
CA GLN D 147 -22.15 49.22 -30.94
C GLN D 147 -22.53 49.13 -29.47
N CYS D 148 -23.83 49.27 -29.19
CA CYS D 148 -24.37 49.15 -27.84
C CYS D 148 -24.20 47.73 -27.32
N MET D 149 -24.58 46.76 -28.14
CA MET D 149 -24.37 45.35 -27.83
C MET D 149 -22.90 45.06 -27.57
N GLU D 150 -22.03 45.59 -28.44
CA GLU D 150 -20.59 45.55 -28.24
C GLU D 150 -20.23 45.99 -26.82
N SER D 151 -20.69 47.19 -26.43
CA SER D 151 -20.35 47.78 -25.14
C SER D 151 -20.76 46.93 -23.93
N ILE D 152 -21.74 46.04 -24.12
CA ILE D 152 -22.12 45.08 -23.09
C ILE D 152 -21.07 43.96 -22.99
N ARG D 153 -20.73 43.35 -24.12
CA ARG D 153 -19.70 42.31 -24.17
C ARG D 153 -18.35 42.86 -23.76
N ASN D 154 -18.04 44.06 -24.25
CA ASN D 154 -16.80 44.76 -23.97
C ASN D 154 -16.69 45.21 -22.52
N ASN D 155 -17.84 45.23 -21.83
CA ASN D 155 -17.95 45.69 -20.44
C ASN D 155 -17.75 47.21 -20.29
N THR D 156 -18.20 47.95 -21.30
CA THR D 156 -18.09 49.41 -21.31
C THR D 156 -19.48 50.08 -21.38
N TYR D 157 -20.51 49.28 -21.12
CA TYR D 157 -21.90 49.72 -21.11
C TYR D 157 -22.18 50.70 -19.97
N ASP D 158 -22.54 51.92 -20.33
CA ASP D 158 -22.95 52.92 -19.35
C ASP D 158 -24.47 52.86 -19.22
N HIS D 159 -24.94 52.37 -18.08
CA HIS D 159 -26.36 52.15 -17.85
C HIS D 159 -27.15 53.45 -17.69
N THR D 160 -26.45 54.52 -17.30
CA THR D 160 -27.07 55.84 -17.09
C THR D 160 -27.59 56.42 -18.40
N GLN D 161 -26.87 56.13 -19.48
CA GLN D 161 -27.19 56.58 -20.84
C GLN D 161 -28.56 56.09 -21.31
N TYR D 162 -28.95 54.89 -20.85
CA TYR D 162 -30.17 54.23 -21.33
C TYR D 162 -31.25 54.05 -20.26
N ARG D 163 -30.99 54.55 -19.04
CA ARG D 163 -31.84 54.25 -17.87
C ARG D 163 -33.26 54.81 -17.97
N THR D 164 -33.37 56.10 -18.30
CA THR D 164 -34.68 56.77 -18.35
C THR D 164 -35.62 56.12 -19.36
N GLU D 165 -35.11 55.87 -20.57
CA GLU D 165 -35.87 55.21 -21.63
C GLU D 165 -36.37 53.83 -21.21
N SER D 166 -35.48 53.04 -20.60
CA SER D 166 -35.81 51.67 -20.23
C SER D 166 -36.79 51.58 -19.06
N LEU D 167 -36.73 52.52 -18.13
CA LEU D 167 -37.67 52.58 -17.02
C LEU D 167 -39.09 52.90 -17.48
N GLN D 168 -39.20 53.73 -18.53
CA GLN D 168 -40.49 54.07 -19.12
C GLN D 168 -41.14 52.85 -19.79
N ASN D 169 -40.31 52.03 -20.43
CA ASN D 169 -40.79 50.85 -21.13
C ASN D 169 -41.16 49.72 -20.17
N ARG D 170 -40.43 49.64 -19.05
CA ARG D 170 -40.68 48.60 -18.04
C ARG D 170 -41.96 48.83 -17.26
N ILE D 171 -42.33 50.09 -17.10
CA ILE D 171 -43.47 50.48 -16.27
C ILE D 171 -44.79 50.58 -17.06
N GLN D 172 -44.71 51.02 -18.32
CA GLN D 172 -45.92 51.29 -19.12
C GLN D 172 -46.84 50.07 -19.25
N GLY E 4 -23.97 60.20 -3.20
CA GLY E 4 -24.98 59.30 -2.56
C GLY E 4 -24.37 58.25 -1.66
N ASP E 5 -25.07 57.94 -0.57
CA ASP E 5 -24.64 56.93 0.41
C ASP E 5 -24.52 55.54 -0.22
N LYS E 6 -23.57 54.75 0.30
CA LYS E 6 -23.37 53.37 -0.16
C LYS E 6 -22.74 52.49 0.92
N ILE E 7 -23.06 51.19 0.86
CA ILE E 7 -22.42 50.19 1.71
C ILE E 7 -21.70 49.16 0.84
N CYS E 8 -20.43 48.93 1.14
CA CYS E 8 -19.61 48.02 0.34
C CYS E 8 -19.23 46.78 1.12
N LEU E 9 -19.31 45.63 0.47
CA LEU E 9 -18.90 44.39 1.10
C LEU E 9 -17.54 43.94 0.60
N GLY E 10 -16.78 43.32 1.49
CA GLY E 10 -15.44 42.88 1.17
C GLY E 10 -14.86 41.93 2.20
N HIS E 11 -13.59 41.61 2.01
CA HIS E 11 -12.90 40.65 2.85
C HIS E 11 -11.54 41.20 3.21
N HIS E 12 -10.89 40.58 4.19
CA HIS E 12 -9.56 40.99 4.62
C HIS E 12 -8.49 40.45 3.67
N ALA E 13 -7.29 41.02 3.78
CA ALA E 13 -6.13 40.55 3.02
C ALA E 13 -4.85 41.02 3.69
N VAL E 14 -3.75 40.33 3.39
CA VAL E 14 -2.43 40.76 3.81
C VAL E 14 -1.61 41.10 2.57
N ALA E 15 -0.63 41.98 2.72
CA ALA E 15 0.25 42.35 1.61
C ALA E 15 1.18 41.19 1.27
N ASN E 16 1.42 40.34 2.26
CA ASN E 16 2.42 39.30 2.20
C ASN E 16 1.84 37.93 2.56
N GLY E 17 1.21 37.28 1.58
CA GLY E 17 0.56 35.99 1.80
C GLY E 17 1.47 34.78 1.60
N THR E 18 0.90 33.59 1.77
CA THR E 18 1.62 32.33 1.58
C THR E 18 1.15 31.63 0.30
N LYS E 19 2.10 31.20 -0.51
CA LYS E 19 1.78 30.49 -1.75
C LYS E 19 1.53 29.00 -1.50
N VAL E 20 0.37 28.52 -1.93
CA VAL E 20 0.00 27.10 -1.80
C VAL E 20 -0.43 26.52 -3.16
N ASN E 21 -0.54 25.21 -3.22
CA ASN E 21 -0.99 24.54 -4.43
C ASN E 21 -2.41 24.03 -4.29
N THR E 22 -3.18 24.13 -5.37
CA THR E 22 -4.51 23.56 -5.43
C THR E 22 -4.54 22.51 -6.53
N LEU E 23 -5.72 21.99 -6.85
CA LEU E 23 -5.90 21.03 -7.95
C LEU E 23 -5.78 21.72 -9.29
N THR E 24 -5.89 23.04 -9.27
CA THR E 24 -6.09 23.86 -10.44
C THR E 24 -4.90 24.78 -10.69
N GLU E 25 -4.15 25.05 -9.62
CA GLU E 25 -3.16 26.11 -9.65
C GLU E 25 -1.96 25.79 -8.79
N ARG E 26 -0.78 26.18 -9.28
CA ARG E 26 0.45 26.03 -8.53
C ARG E 26 0.88 27.41 -8.01
N GLY E 27 1.23 27.48 -6.74
CA GLY E 27 1.69 28.72 -6.12
C GLY E 27 0.70 29.87 -6.15
N ILE E 28 -0.54 29.58 -5.77
CA ILE E 28 -1.56 30.63 -5.61
C ILE E 28 -1.47 31.16 -4.17
N GLU E 29 -1.62 32.47 -4.03
CA GLU E 29 -1.41 33.13 -2.73
C GLU E 29 -2.66 33.08 -1.84
N VAL E 30 -2.52 32.50 -0.66
CA VAL E 30 -3.58 32.57 0.35
C VAL E 30 -3.13 33.39 1.57
N VAL E 31 -4.09 33.78 2.39
CA VAL E 31 -3.83 34.63 3.57
C VAL E 31 -2.89 33.93 4.57
N ASN E 32 -3.20 32.67 4.86
CA ASN E 32 -2.45 31.89 5.83
C ASN E 32 -2.43 30.41 5.45
N ALA E 33 -1.38 29.70 5.88
CA ALA E 33 -1.22 28.28 5.60
C ALA E 33 -0.36 27.61 6.66
N THR E 34 -0.67 26.36 6.98
CA THR E 34 0.11 25.60 7.95
C THR E 34 0.69 24.31 7.37
N GLU E 35 1.94 24.03 7.73
CA GLU E 35 2.69 22.88 7.23
C GLU E 35 2.09 21.56 7.69
N THR E 36 2.18 20.53 6.85
CA THR E 36 1.67 19.19 7.16
C THR E 36 2.78 18.14 7.08
N VAL E 37 3.94 18.55 6.61
CA VAL E 37 5.11 17.67 6.54
C VAL E 37 6.15 18.07 7.60
N GLU E 38 6.36 17.19 8.57
CA GLU E 38 7.37 17.43 9.60
C GLU E 38 8.78 17.19 9.06
N THR E 39 9.65 18.18 9.22
CA THR E 39 11.04 18.07 8.79
C THR E 39 12.00 18.31 9.94
N THR E 40 11.46 18.73 11.09
CA THR E 40 12.28 19.06 12.25
C THR E 40 12.53 17.82 13.12
N ASN E 41 13.77 17.36 13.09
CA ASN E 41 14.22 16.18 13.81
C ASN E 41 14.81 16.54 15.18
N ILE E 42 14.76 15.59 16.11
CA ILE E 42 15.53 15.70 17.34
C ILE E 42 16.60 14.61 17.36
N LYS E 43 17.87 15.02 17.31
CA LYS E 43 19.00 14.09 17.22
C LYS E 43 19.27 13.38 18.55
N LYS E 44 18.20 12.88 19.16
CA LYS E 44 18.25 12.12 20.40
C LYS E 44 17.16 11.05 20.42
N ILE E 45 17.36 10.01 21.22
CA ILE E 45 16.30 9.06 21.53
C ILE E 45 15.57 9.59 22.76
N CYS E 46 14.38 10.13 22.55
CA CYS E 46 13.57 10.70 23.63
C CYS E 46 12.98 9.63 24.53
N THR E 47 13.42 9.61 25.78
CA THR E 47 13.08 8.52 26.70
C THR E 47 12.19 8.92 27.89
N GLN E 48 11.72 10.17 27.91
CA GLN E 48 10.83 10.62 28.98
C GLN E 48 9.56 9.78 29.04
N GLY E 49 9.14 9.42 30.25
CA GLY E 49 7.95 8.60 30.47
C GLY E 49 8.13 7.14 30.12
N LYS E 50 9.35 6.79 29.71
CA LYS E 50 9.65 5.43 29.27
C LYS E 50 10.74 4.78 30.12
N ARG E 51 10.86 3.45 29.98
CA ARG E 51 11.89 2.70 30.69
C ARG E 51 12.85 2.09 29.67
N PRO E 52 13.92 2.83 29.32
CA PRO E 52 14.82 2.46 28.23
C PRO E 52 15.95 1.53 28.67
N THR E 53 16.44 0.74 27.72
CA THR E 53 17.63 -0.07 27.92
C THR E 53 18.59 0.19 26.76
N ASP E 54 19.70 0.84 27.05
CA ASP E 54 20.73 1.11 26.04
C ASP E 54 21.76 0.00 26.07
N LEU E 55 21.58 -0.98 25.19
CA LEU E 55 22.40 -2.20 25.17
C LEU E 55 23.88 -1.95 24.92
N GLY E 56 24.21 -0.88 24.19
CA GLY E 56 25.60 -0.47 23.98
C GLY E 56 26.49 -1.54 23.36
N GLN E 57 27.52 -1.93 24.10
CA GLN E 57 28.47 -2.95 23.66
C GLN E 57 27.88 -4.36 23.69
N CYS E 58 26.76 -4.50 24.39
CA CYS E 58 26.04 -5.76 24.46
C CYS E 58 25.08 -5.92 23.29
N GLY E 59 25.25 -7.02 22.54
CA GLY E 59 24.30 -7.38 21.47
C GLY E 59 23.07 -8.04 22.07
N LEU E 60 21.90 -7.76 21.48
CA LEU E 60 20.62 -8.20 22.02
C LEU E 60 20.54 -9.71 22.32
N LEU E 61 21.07 -10.51 21.41
CA LEU E 61 21.08 -11.96 21.60
C LEU E 61 22.02 -12.37 22.74
N GLY E 62 23.10 -11.60 22.90
CA GLY E 62 24.03 -11.79 24.00
C GLY E 62 23.37 -11.86 25.37
N THR E 63 22.23 -11.18 25.52
CA THR E 63 21.49 -11.17 26.79
C THR E 63 21.04 -12.55 27.24
N LEU E 64 20.93 -13.48 26.29
CA LEU E 64 20.44 -14.83 26.56
C LEU E 64 21.55 -15.77 27.00
N ILE E 65 22.73 -15.64 26.39
CA ILE E 65 23.84 -16.54 26.63
C ILE E 65 24.83 -15.95 27.63
N GLY E 66 25.05 -14.64 27.52
CA GLY E 66 25.84 -13.91 28.50
C GLY E 66 27.34 -13.86 28.28
N PRO E 67 27.80 -13.20 27.20
CA PRO E 67 29.23 -12.85 27.13
C PRO E 67 29.51 -11.70 28.11
N PRO E 68 30.79 -11.40 28.38
CA PRO E 68 31.06 -10.33 29.36
C PRO E 68 30.36 -9.00 29.05
N GLN E 69 30.21 -8.66 27.76
CA GLN E 69 29.55 -7.41 27.34
C GLN E 69 28.12 -7.30 27.85
N CYS E 70 27.50 -8.44 28.13
CA CYS E 70 26.07 -8.49 28.45
C CYS E 70 25.78 -8.89 29.90
N ASP E 71 26.82 -8.92 30.74
CA ASP E 71 26.68 -9.25 32.15
C ASP E 71 25.64 -8.39 32.87
N GLN E 72 25.58 -7.11 32.52
CA GLN E 72 24.68 -6.16 33.17
C GLN E 72 23.29 -6.14 32.54
N PHE E 73 23.09 -6.99 31.54
CA PHE E 73 21.78 -7.11 30.90
C PHE E 73 21.27 -8.54 30.86
N LEU E 74 21.81 -9.39 31.73
CA LEU E 74 21.33 -10.78 31.84
C LEU E 74 19.85 -10.85 32.14
N GLU E 75 19.40 -9.94 33.00
CA GLU E 75 17.99 -9.71 33.25
C GLU E 75 17.81 -8.21 33.19
N PHE E 76 16.70 -7.78 32.60
CA PHE E 76 16.40 -6.36 32.47
C PHE E 76 14.93 -6.19 32.13
N SER E 77 14.38 -5.03 32.52
CA SER E 77 12.99 -4.69 32.25
C SER E 77 12.94 -3.39 31.46
N SER E 78 12.23 -3.41 30.34
CA SER E 78 12.20 -2.27 29.44
C SER E 78 10.93 -2.18 28.60
N ASP E 79 10.60 -0.96 28.17
CA ASP E 79 9.58 -0.74 27.16
C ASP E 79 10.20 -0.14 25.89
N LEU E 80 11.51 0.10 25.94
CA LEU E 80 12.24 0.66 24.80
C LEU E 80 13.68 0.12 24.75
N ILE E 81 13.89 -0.91 23.93
CA ILE E 81 15.19 -1.54 23.79
C ILE E 81 15.98 -0.89 22.66
N ILE E 82 17.13 -0.31 22.98
CA ILE E 82 17.97 0.37 21.98
C ILE E 82 19.23 -0.43 21.61
N GLU E 83 19.34 -0.76 20.34
CA GLU E 83 20.49 -1.48 19.80
C GLU E 83 21.53 -0.50 19.27
N ARG E 84 22.80 -0.83 19.44
CA ARG E 84 23.89 0.02 18.97
C ARG E 84 24.82 -0.73 18.02
N ARG E 85 25.38 0.00 17.06
CA ARG E 85 26.26 -0.56 16.03
C ARG E 85 27.40 -1.41 16.60
N GLU E 86 27.92 -1.01 17.76
CA GLU E 86 29.05 -1.69 18.36
C GLU E 86 28.68 -2.91 19.21
N GLY E 87 27.38 -3.22 19.28
CA GLY E 87 26.92 -4.37 20.05
C GLY E 87 27.29 -5.70 19.42
N THR E 88 27.78 -6.63 20.23
CA THR E 88 28.09 -7.99 19.77
C THR E 88 27.44 -9.03 20.66
N ASP E 89 27.08 -10.18 20.07
CA ASP E 89 26.34 -11.24 20.78
C ASP E 89 27.26 -12.27 21.43
N ILE E 90 28.44 -12.45 20.84
CA ILE E 90 29.31 -13.57 21.20
C ILE E 90 30.69 -13.13 21.69
N CYS E 91 31.39 -14.02 22.38
CA CYS E 91 32.82 -13.83 22.67
C CYS E 91 33.63 -14.91 21.96
N TYR E 92 33.21 -16.15 22.08
CA TYR E 92 33.78 -17.26 21.31
C TYR E 92 33.10 -17.30 19.94
N PRO E 93 33.88 -17.38 18.85
CA PRO E 93 33.33 -17.41 17.48
C PRO E 93 32.15 -18.37 17.33
N GLY E 94 31.16 -17.97 16.54
CA GLY E 94 29.94 -18.74 16.37
C GLY E 94 28.73 -17.83 16.20
N ARG E 95 27.62 -18.41 15.74
CA ARG E 95 26.42 -17.64 15.42
C ARG E 95 25.16 -18.31 15.97
N PHE E 96 24.09 -17.53 16.07
CA PHE E 96 22.78 -18.07 16.44
C PHE E 96 22.07 -18.54 15.19
N THR E 97 21.27 -19.61 15.34
CA THR E 97 20.39 -20.06 14.27
C THR E 97 19.16 -19.15 14.22
N ASN E 98 18.83 -18.70 13.01
CA ASN E 98 17.72 -17.76 12.78
C ASN E 98 17.83 -16.54 13.70
N GLU E 99 19.00 -15.91 13.66
CA GLU E 99 19.36 -14.80 14.55
C GLU E 99 18.37 -13.64 14.52
N GLU E 100 17.92 -13.27 13.33
CA GLU E 100 17.03 -12.12 13.20
C GLU E 100 15.64 -12.39 13.76
N SER E 101 15.13 -13.59 13.55
CA SER E 101 13.84 -13.99 14.10
C SER E 101 13.82 -13.79 15.61
N LEU E 102 14.88 -14.28 16.26
CA LEU E 102 15.05 -14.16 17.70
C LEU E 102 15.14 -12.70 18.12
N ARG E 103 15.87 -11.90 17.34
CA ARG E 103 16.01 -10.47 17.64
C ARG E 103 14.67 -9.77 17.63
N GLN E 104 13.77 -10.22 16.76
CA GLN E 104 12.44 -9.63 16.62
C GLN E 104 11.52 -9.92 17.80
N ILE E 105 11.58 -11.14 18.34
CA ILE E 105 10.74 -11.49 19.50
C ILE E 105 11.26 -10.84 20.77
N LEU E 106 12.57 -10.65 20.84
CA LEU E 106 13.21 -10.06 22.01
C LEU E 106 13.00 -8.55 22.09
N ARG E 107 12.97 -7.88 20.95
CA ARG E 107 12.75 -6.44 20.89
C ARG E 107 11.41 -6.00 21.46
N ARG E 108 10.42 -6.91 21.42
CA ARG E 108 9.06 -6.61 21.90
C ARG E 108 8.70 -7.39 23.18
N SER E 109 9.71 -8.03 23.77
CA SER E 109 9.55 -8.90 24.93
C SER E 109 9.24 -8.15 26.22
N GLY E 110 9.54 -6.86 26.24
CA GLY E 110 9.45 -6.07 27.46
C GLY E 110 10.59 -6.36 28.42
N GLY E 111 11.65 -6.98 27.89
CA GLY E 111 12.79 -7.42 28.71
C GLY E 111 12.72 -8.89 29.06
N ILE E 112 13.79 -9.40 29.64
CA ILE E 112 13.88 -10.82 30.02
C ILE E 112 14.11 -11.03 31.52
N GLY E 113 13.50 -12.07 32.05
CA GLY E 113 13.75 -12.53 33.40
C GLY E 113 14.30 -13.94 33.31
N LYS E 114 15.34 -14.23 34.07
CA LYS E 114 16.01 -15.52 33.99
C LYS E 114 15.61 -16.46 35.12
N GLU E 115 15.70 -17.76 34.83
CA GLU E 115 15.39 -18.80 35.80
C GLU E 115 16.28 -20.02 35.57
N SER E 116 16.72 -20.63 36.67
CA SER E 116 17.55 -21.83 36.61
C SER E 116 16.75 -23.02 36.11
N MET E 117 17.41 -23.88 35.33
CA MET E 117 16.78 -25.08 34.77
C MET E 117 16.98 -26.33 35.63
N GLY E 118 17.81 -26.21 36.68
CA GLY E 118 18.02 -27.29 37.63
C GLY E 118 18.89 -28.43 37.13
N PHE E 119 19.73 -28.15 36.14
CA PHE E 119 20.65 -29.17 35.63
C PHE E 119 21.90 -29.29 36.52
N THR E 120 22.06 -30.47 37.12
CA THR E 120 23.30 -30.81 37.81
C THR E 120 23.95 -32.01 37.10
N TYR E 121 25.26 -32.12 37.24
CA TYR E 121 26.04 -33.11 36.48
C TYR E 121 26.95 -33.94 37.37
N SER E 122 27.17 -35.19 36.97
CA SER E 122 28.09 -36.08 37.69
C SER E 122 28.95 -36.89 36.71
N GLY E 123 30.23 -36.99 37.05
CA GLY E 123 31.19 -37.78 36.27
C GLY E 123 31.77 -37.05 35.08
N ILE E 124 31.63 -35.72 35.08
CA ILE E 124 32.17 -34.87 34.02
C ILE E 124 32.65 -33.54 34.58
N ARG E 125 33.41 -32.81 33.77
CA ARG E 125 33.77 -31.44 34.10
C ARG E 125 32.74 -30.47 33.52
N THR E 126 32.55 -29.37 34.24
CA THR E 126 31.48 -28.42 34.00
C THR E 126 32.07 -27.03 33.73
N ASN E 127 33.35 -26.90 34.01
CA ASN E 127 34.04 -25.61 34.06
C ASN E 127 34.78 -25.21 32.77
N GLY E 128 34.29 -25.66 31.63
CA GLY E 128 34.87 -25.28 30.34
C GLY E 128 34.97 -23.77 30.23
N ALA E 129 36.13 -23.26 29.84
CA ALA E 129 36.36 -21.82 29.72
C ALA E 129 37.27 -21.48 28.55
N THR E 130 37.32 -20.20 28.19
CA THR E 130 38.14 -19.76 27.06
C THR E 130 38.70 -18.35 27.25
N SER E 131 39.86 -18.09 26.66
CA SER E 131 40.47 -16.76 26.70
C SER E 131 39.73 -15.76 25.80
N ALA E 132 38.83 -16.26 24.96
CA ALA E 132 37.99 -15.42 24.11
C ALA E 132 36.91 -14.71 24.92
N CYS E 133 36.53 -15.32 26.05
CA CYS E 133 35.55 -14.75 26.98
C CYS E 133 36.23 -14.43 28.30
N THR E 134 36.84 -13.25 28.41
CA THR E 134 37.59 -12.87 29.60
C THR E 134 36.77 -12.08 30.62
N ARG E 135 36.98 -12.45 31.89
CA ARG E 135 36.24 -11.91 33.02
C ARG E 135 37.16 -12.13 34.21
N SER E 136 38.15 -11.26 34.34
CA SER E 136 39.26 -11.46 35.28
C SER E 136 39.90 -12.83 35.06
N GLY E 137 40.27 -13.12 33.82
CA GLY E 137 40.80 -14.42 33.43
C GLY E 137 39.89 -15.17 32.46
N SER E 138 40.29 -16.39 32.10
CA SER E 138 39.48 -17.24 31.23
C SER E 138 38.13 -17.58 31.85
N SER E 139 37.07 -17.32 31.07
CA SER E 139 35.70 -17.51 31.51
C SER E 139 34.85 -18.01 30.32
N PHE E 140 33.54 -18.09 30.51
CA PHE E 140 32.66 -18.61 29.48
C PHE E 140 31.39 -17.77 29.39
N TYR E 141 30.36 -18.29 28.72
CA TYR E 141 29.05 -17.65 28.70
C TYR E 141 28.37 -17.83 30.05
N ALA E 142 27.93 -16.72 30.62
CA ALA E 142 27.38 -16.69 31.99
C ALA E 142 26.17 -17.62 32.21
N GLU E 143 25.31 -17.74 31.19
CA GLU E 143 24.09 -18.53 31.32
C GLU E 143 24.26 -19.99 30.91
N MET E 144 25.45 -20.32 30.39
CA MET E 144 25.70 -21.65 29.83
C MET E 144 26.81 -22.39 30.58
N LYS E 145 26.87 -23.71 30.38
CA LYS E 145 27.94 -24.54 30.92
C LYS E 145 28.60 -25.35 29.79
N TRP E 146 29.92 -25.21 29.67
CA TRP E 146 30.71 -26.01 28.73
C TRP E 146 31.03 -27.36 29.36
N LEU E 147 30.30 -28.40 28.95
CA LEU E 147 30.53 -29.75 29.46
C LEU E 147 31.66 -30.45 28.71
N LEU E 148 32.47 -31.20 29.46
CA LEU E 148 33.54 -32.04 28.90
C LEU E 148 33.98 -33.14 29.86
N SER E 149 34.70 -34.14 29.33
CA SER E 149 35.22 -35.26 30.12
C SER E 149 36.07 -34.83 31.32
N ASN E 150 36.26 -35.76 32.26
CA ASN E 150 37.07 -35.51 33.46
C ASN E 150 38.54 -35.23 33.19
N SER E 151 39.06 -35.78 32.09
CA SER E 151 40.46 -35.59 31.70
C SER E 151 40.62 -35.82 30.20
N ASP E 152 41.74 -35.37 29.65
CA ASP E 152 42.07 -35.57 28.23
C ASP E 152 41.71 -36.98 27.75
N ASN E 153 40.96 -37.03 26.64
CA ASN E 153 40.65 -38.28 25.93
C ASN E 153 39.71 -39.28 26.65
N ALA E 154 39.18 -38.90 27.81
CA ALA E 154 38.25 -39.75 28.53
C ALA E 154 36.85 -39.74 27.87
N ALA E 155 36.16 -40.88 27.96
CA ALA E 155 34.82 -41.02 27.40
C ALA E 155 33.82 -40.15 28.15
N PHE E 156 33.14 -39.29 27.40
CA PHE E 156 32.03 -38.50 27.92
C PHE E 156 30.79 -39.39 27.99
N PRO E 157 30.22 -39.56 29.19
CA PRO E 157 29.07 -40.46 29.38
C PRO E 157 27.82 -39.98 28.66
N GLN E 158 27.10 -40.92 28.06
CA GLN E 158 25.81 -40.64 27.43
C GLN E 158 24.87 -40.06 28.49
N MET E 159 24.36 -38.86 28.23
CA MET E 159 23.50 -38.18 29.20
C MET E 159 22.14 -37.78 28.65
N THR E 160 21.19 -37.64 29.57
CA THR E 160 19.88 -37.12 29.27
C THR E 160 19.56 -36.06 30.31
N LYS E 161 19.12 -34.89 29.85
CA LYS E 161 18.73 -33.80 30.74
C LYS E 161 17.40 -33.19 30.28
N ALA E 162 16.43 -33.16 31.19
CA ALA E 162 15.09 -32.72 30.86
C ALA E 162 14.63 -31.57 31.75
N TYR E 163 13.85 -30.67 31.17
CA TYR E 163 13.33 -29.50 31.87
C TYR E 163 11.90 -29.25 31.47
N ARG E 164 11.01 -29.19 32.46
CA ARG E 164 9.63 -28.80 32.23
C ARG E 164 9.46 -27.31 32.51
N ASN E 165 8.71 -26.63 31.65
CA ASN E 165 8.38 -25.23 31.84
C ASN E 165 7.25 -25.08 32.86
N PRO E 166 7.58 -24.64 34.09
CA PRO E 166 6.60 -24.56 35.17
C PRO E 166 5.88 -23.22 35.21
N ARG E 167 5.84 -22.51 34.08
CA ARG E 167 5.39 -21.13 34.06
C ARG E 167 4.18 -20.89 33.16
N ASN E 168 3.48 -19.81 33.48
CA ASN E 168 2.33 -19.28 32.75
C ASN E 168 2.60 -18.92 31.28
N LYS E 169 3.88 -18.72 30.93
CA LYS E 169 4.25 -18.28 29.57
C LYS E 169 5.45 -19.06 29.01
N PRO E 170 5.70 -18.97 27.67
CA PRO E 170 6.73 -19.80 27.04
C PRO E 170 8.16 -19.49 27.48
N ALA E 171 8.97 -20.54 27.63
CA ALA E 171 10.37 -20.42 28.01
C ALA E 171 11.27 -20.43 26.78
N LEU E 172 12.22 -19.50 26.73
CA LEU E 172 13.17 -19.47 25.64
C LEU E 172 14.38 -20.34 25.96
N ILE E 173 14.40 -21.53 25.36
CA ILE E 173 15.42 -22.54 25.62
C ILE E 173 16.57 -22.39 24.63
N ILE E 174 17.80 -22.39 25.14
CA ILE E 174 19.00 -22.26 24.31
C ILE E 174 19.98 -23.38 24.61
N TRP E 175 20.75 -23.77 23.60
CA TRP E 175 21.84 -24.72 23.76
C TRP E 175 22.87 -24.45 22.68
N GLY E 176 24.08 -24.97 22.88
CA GLY E 176 25.14 -24.79 21.91
C GLY E 176 25.76 -26.10 21.47
N VAL E 177 26.19 -26.14 20.21
CA VAL E 177 27.04 -27.21 19.71
C VAL E 177 28.47 -26.68 19.59
N HIS E 178 29.43 -27.40 20.15
CA HIS E 178 30.82 -27.01 20.02
C HIS E 178 31.52 -27.78 18.92
N HIS E 179 31.88 -27.06 17.86
CA HIS E 179 32.64 -27.64 16.77
C HIS E 179 34.13 -27.38 17.02
N SER E 180 34.87 -28.44 17.31
CA SER E 180 36.30 -28.34 17.63
C SER E 180 37.15 -27.94 16.43
N GLU E 181 38.39 -27.53 16.71
CA GLU E 181 39.34 -27.10 15.67
C GLU E 181 39.82 -28.28 14.82
N SER E 182 39.90 -29.46 15.43
CA SER E 182 40.33 -30.68 14.76
C SER E 182 39.61 -31.87 15.38
N VAL E 183 39.74 -33.03 14.72
CA VAL E 183 39.18 -34.26 15.27
C VAL E 183 39.87 -34.58 16.60
N SER E 184 41.20 -34.50 16.63
CA SER E 184 41.97 -34.85 17.83
C SER E 184 41.55 -34.00 19.03
N GLU E 185 41.22 -32.73 18.77
CA GLU E 185 40.74 -31.84 19.81
C GLU E 185 39.38 -32.32 20.36
N GLN E 186 38.48 -32.74 19.48
CA GLN E 186 37.19 -33.31 19.91
C GLN E 186 37.41 -34.58 20.74
N THR E 187 38.36 -35.41 20.31
CA THR E 187 38.77 -36.59 21.06
C THR E 187 39.37 -36.21 22.43
N LYS E 188 40.08 -35.08 22.48
CA LYS E 188 40.70 -34.61 23.72
C LYS E 188 39.66 -34.19 24.75
N LEU E 189 38.74 -33.32 24.35
CA LEU E 189 37.75 -32.76 25.25
C LEU E 189 36.67 -33.77 25.64
N TYR E 190 36.28 -34.59 24.68
CA TYR E 190 35.21 -35.56 24.87
C TYR E 190 35.80 -36.95 24.61
N GLY E 191 34.97 -37.96 24.40
CA GLY E 191 35.51 -39.27 24.04
C GLY E 191 35.95 -39.32 22.59
N SER E 192 36.42 -40.49 22.14
CA SER E 192 36.53 -40.74 20.71
C SER E 192 35.18 -41.29 20.24
N GLY E 193 34.90 -41.15 18.95
CA GLY E 193 33.70 -41.70 18.35
C GLY E 193 32.65 -40.68 17.97
N ASN E 194 31.60 -41.16 17.30
CA ASN E 194 30.49 -40.31 16.83
C ASN E 194 29.79 -39.57 17.97
N LYS E 195 29.71 -38.25 17.83
CA LYS E 195 29.06 -37.39 18.81
C LYS E 195 27.68 -36.97 18.28
N LEU E 196 26.68 -37.08 19.14
CA LEU E 196 25.30 -36.86 18.73
C LEU E 196 24.51 -36.14 19.82
N ILE E 197 23.86 -35.05 19.44
CA ILE E 197 23.03 -34.25 20.35
C ILE E 197 21.62 -34.15 19.78
N THR E 198 20.62 -34.56 20.56
CA THR E 198 19.22 -34.42 20.15
C THR E 198 18.44 -33.54 21.12
N VAL E 199 17.69 -32.60 20.55
CA VAL E 199 16.83 -31.70 21.32
C VAL E 199 15.38 -31.97 20.94
N ARG E 200 14.52 -32.15 21.93
CA ARG E 200 13.15 -32.58 21.69
C ARG E 200 12.14 -32.00 22.67
N SER E 201 11.15 -31.29 22.13
CA SER E 201 9.95 -30.92 22.87
C SER E 201 8.75 -31.58 22.17
N SER E 202 7.53 -31.17 22.51
CA SER E 202 6.36 -31.72 21.85
C SER E 202 6.10 -31.06 20.48
N LYS E 203 6.85 -29.99 20.19
CA LYS E 203 6.72 -29.27 18.94
C LYS E 203 8.05 -29.18 18.17
N TYR E 204 9.14 -29.58 18.81
CA TYR E 204 10.47 -29.44 18.23
C TYR E 204 11.22 -30.77 18.26
N GLN E 205 11.82 -31.13 17.13
CA GLN E 205 12.67 -32.31 17.05
C GLN E 205 13.77 -32.03 16.03
N GLN E 206 15.02 -32.12 16.48
CA GLN E 206 16.18 -31.81 15.65
C GLN E 206 17.44 -32.38 16.32
N SER E 207 18.28 -33.04 15.53
CA SER E 207 19.52 -33.61 16.03
C SER E 207 20.75 -32.93 15.43
N PHE E 208 21.79 -32.80 16.25
CA PHE E 208 22.99 -32.07 15.86
C PHE E 208 24.23 -32.94 15.98
N THR E 209 25.07 -32.91 14.95
CA THR E 209 26.39 -33.52 15.01
C THR E 209 27.43 -32.43 14.82
N PRO E 210 28.50 -32.43 15.65
CA PRO E 210 29.55 -31.44 15.52
C PRO E 210 30.34 -31.64 14.22
N ASN E 211 30.90 -30.54 13.73
CA ASN E 211 31.62 -30.51 12.46
C ASN E 211 33.04 -30.01 12.72
N PRO E 212 33.94 -30.91 13.18
CA PRO E 212 35.30 -30.55 13.57
C PRO E 212 36.10 -29.94 12.43
N GLY E 213 36.98 -29.00 12.77
CA GLY E 213 37.75 -28.24 11.79
C GLY E 213 37.43 -26.76 11.86
N ALA E 214 36.23 -26.46 12.35
CA ALA E 214 35.67 -25.11 12.32
C ALA E 214 36.09 -24.19 13.47
N ARG E 215 36.16 -24.75 14.68
CA ARG E 215 36.43 -24.00 15.92
C ARG E 215 35.40 -22.90 16.21
N ARG E 216 34.23 -23.31 16.69
CA ARG E 216 33.13 -22.40 16.96
C ARG E 216 32.06 -23.01 17.87
N ILE E 217 31.30 -22.15 18.55
CA ILE E 217 30.14 -22.56 19.32
C ILE E 217 28.89 -21.91 18.74
N ASP E 218 28.07 -22.72 18.07
CA ASP E 218 26.84 -22.23 17.44
C ASP E 218 25.64 -22.48 18.34
N PHE E 219 24.80 -21.45 18.49
CA PHE E 219 23.64 -21.55 19.37
C PHE E 219 22.35 -21.78 18.60
N HIS E 220 21.47 -22.58 19.21
CA HIS E 220 20.16 -22.89 18.64
C HIS E 220 19.11 -22.71 19.74
N TRP E 221 17.85 -22.52 19.35
CA TRP E 221 16.81 -22.16 20.29
C TRP E 221 15.44 -22.70 19.96
N LEU E 222 14.59 -22.78 20.97
CA LEU E 222 13.17 -23.10 20.80
C LEU E 222 12.37 -22.42 21.91
N LEU E 223 11.08 -22.19 21.63
CA LEU E 223 10.15 -21.73 22.65
C LEU E 223 9.41 -22.94 23.22
N LEU E 224 9.47 -23.10 24.54
CA LEU E 224 8.84 -24.22 25.22
C LEU E 224 7.53 -23.80 25.87
N ASP E 225 6.43 -24.39 25.42
CA ASP E 225 5.09 -24.09 25.94
C ASP E 225 4.99 -24.45 27.42
N PRO E 226 4.06 -23.78 28.15
CA PRO E 226 3.77 -24.16 29.53
C PRO E 226 3.51 -25.65 29.69
N ASN E 227 4.04 -26.23 30.77
CA ASN E 227 3.90 -27.66 31.11
C ASN E 227 4.57 -28.62 30.12
N ASP E 228 5.08 -28.09 29.01
CA ASP E 228 5.80 -28.90 28.02
C ASP E 228 7.25 -29.16 28.49
N THR E 229 7.87 -30.20 27.95
CA THR E 229 9.20 -30.60 28.39
C THR E 229 10.21 -30.63 27.24
N VAL E 230 11.37 -30.00 27.46
CA VAL E 230 12.49 -30.14 26.54
C VAL E 230 13.49 -31.18 27.06
N THR E 231 13.80 -32.15 26.20
CA THR E 231 14.72 -33.23 26.57
C THR E 231 16.00 -33.14 25.74
N PHE E 232 17.13 -33.05 26.43
CA PHE E 232 18.45 -33.03 25.80
C PHE E 232 19.11 -34.39 25.91
N THR E 233 19.57 -34.90 24.78
CA THR E 233 20.32 -36.15 24.75
C THR E 233 21.65 -35.87 24.07
N PHE E 234 22.75 -36.19 24.75
CA PHE E 234 24.07 -35.86 24.26
C PHE E 234 25.15 -36.77 24.84
N ASN E 235 26.28 -36.84 24.15
CA ASN E 235 27.45 -37.56 24.63
C ASN E 235 28.75 -36.77 24.39
N GLY E 236 28.63 -35.44 24.35
CA GLY E 236 29.75 -34.54 24.11
C GLY E 236 29.41 -33.36 23.21
N ALA E 237 30.38 -32.46 23.03
CA ALA E 237 30.25 -31.26 22.18
C ALA E 237 29.04 -30.38 22.50
N PHE E 238 28.50 -30.55 23.71
CA PHE E 238 27.26 -29.91 24.11
C PHE E 238 27.48 -28.75 25.07
N ILE E 239 27.09 -27.55 24.65
CA ILE E 239 27.11 -26.37 25.51
C ILE E 239 25.72 -26.23 26.11
N ALA E 240 25.60 -26.59 27.38
CA ALA E 240 24.30 -26.73 28.03
C ALA E 240 23.80 -25.44 28.66
N PRO E 241 22.47 -25.25 28.71
CA PRO E 241 21.92 -24.11 29.44
C PRO E 241 21.92 -24.34 30.94
N ASP E 242 22.22 -23.29 31.69
CA ASP E 242 22.05 -23.31 33.12
C ASP E 242 20.74 -22.60 33.43
N ARG E 243 20.40 -21.62 32.60
CA ARG E 243 19.21 -20.80 32.77
C ARG E 243 18.43 -20.63 31.48
N THR E 244 17.15 -20.34 31.62
CA THR E 244 16.26 -20.04 30.49
C THR E 244 15.62 -18.65 30.69
N SER E 245 15.05 -18.09 29.63
CA SER E 245 14.50 -16.74 29.68
C SER E 245 12.98 -16.71 29.65
N PHE E 246 12.42 -15.71 30.31
CA PHE E 246 10.99 -15.42 30.24
C PHE E 246 10.76 -13.95 29.94
N PHE E 247 9.85 -13.69 29.00
CA PHE E 247 9.55 -12.32 28.60
C PHE E 247 8.67 -11.64 29.64
N ARG E 248 8.83 -10.32 29.77
CA ARG E 248 8.16 -9.57 30.83
C ARG E 248 6.84 -8.99 30.36
N GLY E 249 6.82 -8.42 29.15
CA GLY E 249 5.60 -7.87 28.58
C GLY E 249 5.76 -7.32 27.17
N GLU E 250 5.64 -6.00 27.05
CA GLU E 250 5.67 -5.32 25.76
C GLU E 250 6.78 -4.29 25.72
N SER E 251 7.45 -4.19 24.57
CA SER E 251 8.47 -3.16 24.34
C SER E 251 8.61 -2.86 22.86
N LEU E 252 9.30 -1.76 22.56
CA LEU E 252 9.65 -1.42 21.19
C LEU E 252 11.16 -1.48 21.01
N GLY E 253 11.60 -2.05 19.90
CA GLY E 253 13.02 -2.11 19.57
C GLY E 253 13.42 -0.91 18.73
N VAL E 254 14.57 -0.31 19.03
CA VAL E 254 15.06 0.84 18.27
C VAL E 254 16.52 0.63 17.88
N GLN E 255 16.85 0.97 16.63
CA GLN E 255 18.24 0.96 16.17
C GLN E 255 18.68 2.38 15.88
N SER E 256 19.70 2.83 16.61
CA SER E 256 20.12 4.23 16.54
C SER E 256 21.57 4.43 16.97
N ASP E 257 22.15 5.56 16.57
CA ASP E 257 23.44 6.00 17.07
C ASP E 257 23.28 7.30 17.87
N ALA E 258 22.02 7.63 18.17
CA ALA E 258 21.68 8.86 18.87
C ALA E 258 21.65 8.67 20.39
N PRO E 259 22.28 9.58 21.14
CA PRO E 259 22.31 9.53 22.61
C PRO E 259 20.91 9.58 23.22
N LEU E 260 20.75 8.99 24.39
CA LEU E 260 19.47 9.02 25.09
C LEU E 260 19.22 10.41 25.68
N ASP E 261 17.94 10.79 25.75
CA ASP E 261 17.57 12.05 26.37
C ASP E 261 16.29 11.91 27.17
N SER E 262 16.44 11.92 28.50
CA SER E 262 15.33 11.78 29.42
C SER E 262 14.40 12.99 29.47
N SER E 263 14.78 14.09 28.79
CA SER E 263 14.03 15.34 28.89
C SER E 263 13.07 15.64 27.72
N CYS E 264 13.05 14.78 26.71
CA CYS E 264 12.05 14.90 25.65
C CYS E 264 11.18 13.65 25.54
N ARG E 265 9.94 13.84 25.09
CA ARG E 265 8.97 12.76 24.98
C ARG E 265 8.60 12.49 23.52
N GLY E 266 8.56 11.21 23.15
CA GLY E 266 8.25 10.82 21.77
C GLY E 266 7.83 9.36 21.67
N ASP E 267 7.16 9.04 20.57
CA ASP E 267 6.69 7.67 20.32
C ASP E 267 7.09 7.19 18.93
N CYS E 268 7.88 8.01 18.24
CA CYS E 268 8.35 7.69 16.89
C CYS E 268 9.86 7.81 16.81
N PHE E 269 10.52 6.68 16.58
CA PHE E 269 11.98 6.62 16.66
C PHE E 269 12.59 6.11 15.36
N HIS E 270 13.84 6.48 15.13
CA HIS E 270 14.56 6.05 13.92
C HIS E 270 16.07 6.14 14.10
N SER E 271 16.79 5.70 13.06
CA SER E 271 18.25 5.71 13.03
C SER E 271 18.89 6.96 13.62
N GLY E 272 18.42 8.14 13.18
CA GLY E 272 19.02 9.40 13.56
C GLY E 272 18.31 10.20 14.64
N GLY E 273 17.48 9.52 15.45
CA GLY E 273 16.83 10.18 16.58
C GLY E 273 15.34 9.92 16.71
N THR E 274 14.61 10.97 17.12
CA THR E 274 13.16 10.89 17.42
C THR E 274 12.40 11.96 16.66
N ILE E 275 11.23 11.59 16.15
CA ILE E 275 10.32 12.53 15.49
C ILE E 275 9.16 12.86 16.41
N VAL E 276 9.13 14.11 16.87
CA VAL E 276 8.10 14.62 17.77
C VAL E 276 7.21 15.56 16.97
N SER E 277 5.98 15.13 16.70
CA SER E 277 5.10 15.85 15.80
C SER E 277 3.63 15.47 15.94
N SER E 278 2.76 16.39 15.55
CA SER E 278 1.32 16.12 15.41
C SER E 278 0.93 16.13 13.94
N LEU E 279 1.89 16.44 13.08
CA LEU E 279 1.66 16.51 11.63
C LEU E 279 1.46 15.12 11.04
N PRO E 280 0.57 15.01 10.04
CA PRO E 280 0.24 13.73 9.43
C PRO E 280 1.40 13.09 8.63
N PHE E 281 2.34 13.90 8.17
CA PHE E 281 3.44 13.39 7.34
C PHE E 281 4.82 13.82 7.85
N GLN E 282 5.85 13.07 7.44
CA GLN E 282 7.23 13.40 7.78
C GLN E 282 8.19 13.12 6.62
N ASN E 283 9.16 14.01 6.41
CA ASN E 283 10.19 13.84 5.39
C ASN E 283 11.58 13.60 5.99
N ILE E 284 11.60 13.02 7.19
CA ILE E 284 12.85 12.86 7.94
C ILE E 284 13.53 11.52 7.66
N ASN E 285 12.82 10.42 7.87
CA ASN E 285 13.35 9.09 7.59
C ASN E 285 12.26 8.16 7.09
N SER E 286 12.56 7.45 6.00
CA SER E 286 11.64 6.45 5.45
C SER E 286 11.55 5.25 6.37
N ARG E 287 12.63 4.95 7.08
CA ARG E 287 12.67 3.82 8.00
C ARG E 287 12.45 4.30 9.43
N THR E 288 11.27 4.01 9.99
CA THR E 288 10.96 4.38 11.37
C THR E 288 10.36 3.21 12.14
N VAL E 289 10.31 3.34 13.47
CA VAL E 289 9.62 2.39 14.34
C VAL E 289 8.73 3.13 15.33
N GLY E 290 7.65 2.49 15.77
CA GLY E 290 6.70 3.12 16.70
C GLY E 290 5.54 3.80 15.99
N LYS E 291 4.92 4.76 16.68
CA LYS E 291 3.78 5.50 16.15
C LYS E 291 4.26 6.78 15.47
N CYS E 292 4.19 6.77 14.14
CA CYS E 292 4.82 7.81 13.33
C CYS E 292 3.89 8.48 12.34
N PRO E 293 4.20 9.72 11.97
CA PRO E 293 3.63 10.29 10.75
C PRO E 293 4.09 9.45 9.55
N ARG E 294 3.27 9.41 8.51
CA ARG E 294 3.60 8.63 7.33
C ARG E 294 4.69 9.33 6.52
N TYR E 295 5.69 8.56 6.08
CA TYR E 295 6.77 9.12 5.29
C TYR E 295 6.29 9.54 3.90
N VAL E 296 6.69 10.74 3.51
CA VAL E 296 6.45 11.25 2.17
C VAL E 296 7.77 11.78 1.64
N LYS E 297 7.89 11.88 0.32
CA LYS E 297 9.14 12.35 -0.29
C LYS E 297 9.17 13.87 -0.51
N GLN E 298 8.08 14.55 -0.22
CA GLN E 298 8.02 16.01 -0.30
C GLN E 298 8.57 16.65 0.97
N LYS E 299 9.29 17.76 0.81
CA LYS E 299 9.82 18.53 1.94
C LYS E 299 8.70 19.34 2.61
N SER E 300 7.77 19.82 1.78
CA SER E 300 6.73 20.72 2.24
C SER E 300 5.43 20.53 1.46
N LEU E 301 4.33 20.45 2.20
CA LEU E 301 2.99 20.44 1.62
C LEU E 301 2.13 21.35 2.46
N LEU E 302 1.95 22.59 2.01
CA LEU E 302 1.28 23.60 2.80
C LEU E 302 -0.23 23.55 2.66
N LEU E 303 -0.91 23.41 3.80
CA LEU E 303 -2.36 23.41 3.84
C LEU E 303 -2.88 24.81 4.11
N ALA E 304 -3.74 25.30 3.21
CA ALA E 304 -4.34 26.62 3.36
C ALA E 304 -5.22 26.67 4.60
N THR E 305 -5.11 27.76 5.35
CA THR E 305 -5.99 28.01 6.49
C THR E 305 -6.57 29.41 6.40
N GLY E 306 -6.70 29.90 5.17
CA GLY E 306 -7.27 31.21 4.92
C GLY E 306 -7.77 31.34 3.50
N MET E 307 -8.47 32.42 3.22
CA MET E 307 -9.00 32.67 1.88
C MET E 307 -7.91 33.04 0.89
N ARG E 308 -8.29 33.07 -0.38
CA ARG E 308 -7.48 33.64 -1.43
C ARG E 308 -7.06 35.06 -1.02
N ASN E 309 -5.76 35.33 -1.08
CA ASN E 309 -5.22 36.63 -0.70
C ASN E 309 -5.05 37.56 -1.89
N VAL E 310 -5.75 38.69 -1.84
CA VAL E 310 -5.71 39.67 -2.92
C VAL E 310 -5.37 41.05 -2.34
N PRO E 311 -4.08 41.42 -2.36
CA PRO E 311 -3.59 42.64 -1.70
C PRO E 311 -4.16 43.92 -2.31
N GLU E 312 -4.02 45.03 -1.56
CA GLU E 312 -4.48 46.33 -2.03
C GLU E 312 -3.53 46.92 -3.05
N GLY F 1 -11.87 30.98 -7.55
CA GLY F 1 -13.08 30.96 -6.68
C GLY F 1 -14.34 30.57 -7.43
N LEU F 2 -14.89 29.40 -7.10
CA LEU F 2 -16.14 28.91 -7.70
C LEU F 2 -17.33 29.86 -7.60
N PHE F 3 -17.33 30.75 -6.60
CA PHE F 3 -18.48 31.61 -6.35
C PHE F 3 -18.30 33.05 -6.84
N GLY F 4 -17.11 33.33 -7.39
CA GLY F 4 -16.85 34.56 -8.12
C GLY F 4 -16.89 35.88 -7.38
N ALA F 5 -16.85 35.82 -6.04
CA ALA F 5 -16.84 37.02 -5.21
C ALA F 5 -15.42 37.44 -4.85
N ILE F 6 -14.72 36.62 -4.06
CA ILE F 6 -13.32 36.86 -3.72
C ILE F 6 -12.47 36.58 -4.96
N ALA F 7 -11.64 37.56 -5.33
CA ALA F 7 -10.88 37.53 -6.60
C ALA F 7 -11.83 37.39 -7.79
N GLY F 8 -12.99 38.04 -7.68
CA GLY F 8 -14.01 38.04 -8.70
C GLY F 8 -14.54 39.44 -8.90
N PHE F 9 -15.82 39.66 -8.57
CA PHE F 9 -16.39 41.00 -8.70
C PHE F 9 -15.95 41.94 -7.58
N ILE F 10 -15.42 41.37 -6.49
CA ILE F 10 -14.69 42.15 -5.50
C ILE F 10 -13.21 42.20 -5.91
N GLU F 11 -12.78 43.38 -6.36
CA GLU F 11 -11.47 43.60 -6.97
C GLU F 11 -10.30 43.12 -6.09
N ASN F 12 -10.37 43.45 -4.80
CA ASN F 12 -9.31 43.13 -3.84
C ASN F 12 -9.80 43.09 -2.40
N GLY F 13 -8.97 42.55 -1.51
CA GLY F 13 -9.26 42.51 -0.08
C GLY F 13 -8.92 43.82 0.60
N TRP F 14 -9.20 43.90 1.90
CA TRP F 14 -8.89 45.09 2.68
C TRP F 14 -7.82 44.79 3.73
N GLU F 15 -6.63 45.34 3.54
CA GLU F 15 -5.53 45.15 4.48
C GLU F 15 -5.79 45.85 5.81
N GLY F 16 -6.64 46.87 5.77
CA GLY F 16 -7.04 47.59 6.97
C GLY F 16 -8.05 46.84 7.83
N LEU F 17 -8.71 45.84 7.24
CA LEU F 17 -9.67 45.00 7.97
C LEU F 17 -8.93 43.98 8.83
N ILE F 18 -8.36 44.45 9.93
CA ILE F 18 -7.68 43.59 10.90
C ILE F 18 -8.71 42.98 11.87
N ASN F 19 -9.95 43.48 11.80
CA ASN F 19 -11.03 43.10 12.69
C ASN F 19 -11.46 41.62 12.53
N GLY F 20 -11.70 41.19 11.29
CA GLY F 20 -12.15 39.82 10.99
C GLY F 20 -11.84 39.39 9.56
N TRP F 21 -12.63 38.45 9.04
CA TRP F 21 -12.43 37.93 7.69
C TRP F 21 -13.26 38.67 6.64
N TYR F 22 -14.52 38.94 6.99
CA TYR F 22 -15.43 39.65 6.10
C TYR F 22 -15.99 40.88 6.81
N GLY F 23 -16.34 41.89 6.03
CA GLY F 23 -16.87 43.12 6.61
C GLY F 23 -17.63 44.03 5.67
N PHE F 24 -18.00 45.18 6.22
CA PHE F 24 -18.71 46.24 5.51
C PHE F 24 -17.89 47.53 5.57
N ARG F 25 -17.88 48.26 4.47
CA ARG F 25 -17.30 49.60 4.41
C ARG F 25 -18.34 50.52 3.80
N HIS F 26 -18.65 51.61 4.50
CA HIS F 26 -19.73 52.50 4.09
C HIS F 26 -19.30 53.97 3.93
N GLN F 27 -19.94 54.65 2.98
CA GLN F 27 -19.77 56.09 2.78
C GLN F 27 -21.09 56.81 3.05
N ASN F 28 -21.04 57.90 3.82
CA ASN F 28 -22.20 58.75 4.02
C ASN F 28 -21.84 60.22 4.27
N ALA F 29 -22.75 60.95 4.92
CA ALA F 29 -22.53 62.36 5.25
C ALA F 29 -21.56 62.54 6.42
N GLN F 30 -21.06 61.42 6.96
CA GLN F 30 -20.22 61.45 8.15
C GLN F 30 -18.84 60.81 7.93
N GLY F 31 -18.62 60.27 6.72
CA GLY F 31 -17.32 59.74 6.33
C GLY F 31 -17.32 58.24 6.12
N GLU F 32 -16.13 57.67 5.91
CA GLU F 32 -15.97 56.23 5.74
C GLU F 32 -16.13 55.51 7.09
N GLY F 33 -16.35 54.20 7.03
CA GLY F 33 -16.45 53.36 8.23
C GLY F 33 -16.31 51.89 7.91
N THR F 34 -15.44 51.19 8.64
CA THR F 34 -15.22 49.76 8.43
C THR F 34 -15.55 48.94 9.69
N ALA F 35 -16.26 47.83 9.49
CA ALA F 35 -16.61 46.92 10.57
C ALA F 35 -16.63 45.46 10.09
N ALA F 36 -16.31 44.54 11.00
CA ALA F 36 -16.32 43.12 10.67
C ALA F 36 -17.69 42.48 10.90
N ASP F 37 -17.98 41.42 10.14
CA ASP F 37 -19.16 40.59 10.37
C ASP F 37 -18.75 39.32 11.09
N TYR F 38 -19.27 39.14 12.30
CA TYR F 38 -18.94 37.99 13.14
C TYR F 38 -19.41 36.65 12.53
N LYS F 39 -20.69 36.60 12.18
CA LYS F 39 -21.36 35.38 11.69
C LYS F 39 -20.59 34.66 10.58
N SER F 40 -20.30 35.38 9.50
CA SER F 40 -19.59 34.80 8.36
C SER F 40 -18.13 34.46 8.68
N THR F 41 -17.45 35.34 9.40
CA THR F 41 -16.06 35.14 9.79
C THR F 41 -15.93 33.86 10.61
N GLN F 42 -16.79 33.74 11.63
CA GLN F 42 -16.77 32.56 12.48
C GLN F 42 -17.13 31.30 11.70
N SER F 43 -18.04 31.44 10.74
CA SER F 43 -18.43 30.31 9.90
C SER F 43 -17.25 29.74 9.10
N ALA F 44 -16.39 30.63 8.61
CA ALA F 44 -15.23 30.22 7.80
C ALA F 44 -14.11 29.67 8.66
N ILE F 45 -13.81 30.35 9.77
CA ILE F 45 -12.81 29.88 10.73
C ILE F 45 -13.18 28.50 11.28
N ASP F 46 -14.45 28.36 11.70
CA ASP F 46 -14.96 27.09 12.23
C ASP F 46 -14.73 25.92 11.27
N GLN F 47 -14.93 26.17 9.98
CA GLN F 47 -14.75 25.14 8.96
C GLN F 47 -13.28 24.78 8.75
N ILE F 48 -12.41 25.79 8.73
CA ILE F 48 -10.96 25.57 8.60
C ILE F 48 -10.42 24.81 9.82
N THR F 49 -10.89 25.18 11.01
CA THR F 49 -10.57 24.46 12.25
C THR F 49 -10.99 23.00 12.12
N GLY F 50 -12.13 22.77 11.46
CA GLY F 50 -12.63 21.42 11.20
C GLY F 50 -11.69 20.56 10.39
N LYS F 51 -11.03 21.16 9.40
CA LYS F 51 -10.06 20.46 8.58
C LYS F 51 -8.83 20.11 9.41
N LEU F 52 -8.39 21.06 10.23
CA LEU F 52 -7.22 20.87 11.07
C LEU F 52 -7.41 19.76 12.08
N ASN F 53 -8.61 19.67 12.67
CA ASN F 53 -8.92 18.60 13.60
C ASN F 53 -8.81 17.22 12.95
N ARG F 54 -9.11 17.15 11.66
CA ARG F 54 -9.02 15.92 10.89
C ARG F 54 -7.60 15.49 10.60
N LEU F 55 -6.69 16.45 10.42
CA LEU F 55 -5.32 16.16 9.97
C LEU F 55 -4.25 16.21 11.06
N ILE F 56 -4.48 17.01 12.09
CA ILE F 56 -3.48 17.25 13.14
C ILE F 56 -3.82 16.46 14.41
N GLY F 57 -2.79 15.95 15.08
CA GLY F 57 -2.95 15.24 16.35
C GLY F 57 -3.58 13.86 16.24
N LYS F 58 -3.44 13.24 15.07
CA LYS F 58 -3.96 11.91 14.80
C LYS F 58 -3.23 10.84 15.61
N THR F 59 -3.96 9.82 16.06
CA THR F 59 -3.35 8.61 16.61
C THR F 59 -2.87 7.76 15.43
N ASN F 60 -1.67 7.20 15.55
CA ASN F 60 -1.08 6.40 14.47
C ASN F 60 -0.92 4.92 14.83
N GLN F 61 -0.73 4.08 13.82
CA GLN F 61 -0.44 2.67 14.02
C GLN F 61 1.01 2.46 14.42
N GLN F 62 1.25 1.49 15.28
CA GLN F 62 2.61 1.12 15.63
C GLN F 62 3.20 0.20 14.56
N PHE F 63 4.43 0.48 14.17
CA PHE F 63 5.16 -0.41 13.25
C PHE F 63 6.48 -0.80 13.86
N GLU F 64 6.80 -2.09 13.75
CA GLU F 64 8.05 -2.61 14.31
C GLU F 64 9.14 -2.64 13.25
N LEU F 65 10.35 -2.92 13.71
CA LEU F 65 11.51 -3.08 12.84
C LEU F 65 11.39 -4.44 12.16
N ILE F 66 11.49 -4.47 10.83
CA ILE F 66 11.51 -5.74 10.07
C ILE F 66 12.82 -5.88 9.31
N ASP F 67 13.79 -5.08 9.72
CA ASP F 67 14.96 -4.78 8.93
C ASP F 67 16.12 -4.71 9.91
N ASN F 68 17.35 -4.82 9.43
CA ASN F 68 18.48 -4.67 10.34
C ASN F 68 19.58 -3.78 9.77
N GLU F 69 19.83 -2.68 10.48
CA GLU F 69 20.76 -1.64 10.08
C GLU F 69 22.20 -2.04 10.40
N PHE F 70 22.39 -2.83 11.46
CA PHE F 70 23.71 -3.22 11.91
C PHE F 70 24.13 -4.59 11.38
N ASN F 71 23.15 -5.47 11.19
CA ASN F 71 23.39 -6.79 10.64
C ASN F 71 22.55 -7.03 9.39
N GLU F 72 23.18 -6.95 8.22
CA GLU F 72 22.49 -7.15 6.95
C GLU F 72 21.71 -8.47 6.95
N ILE F 73 20.40 -8.37 6.73
CA ILE F 73 19.54 -9.55 6.59
C ILE F 73 19.65 -10.07 5.16
N GLU F 74 19.16 -11.29 4.93
CA GLU F 74 19.23 -11.89 3.59
C GLU F 74 18.72 -10.90 2.54
N GLN F 75 19.50 -10.71 1.48
CA GLN F 75 19.18 -9.74 0.42
C GLN F 75 17.84 -10.01 -0.27
N GLN F 76 17.51 -11.29 -0.43
CA GLN F 76 16.22 -11.70 -0.98
C GLN F 76 15.07 -11.01 -0.22
N ILE F 77 15.03 -11.18 1.10
CA ILE F 77 14.00 -10.57 1.94
C ILE F 77 14.19 -9.06 2.03
N GLY F 78 15.44 -8.62 2.16
CA GLY F 78 15.78 -7.20 2.18
C GLY F 78 15.24 -6.43 0.99
N ASN F 79 15.50 -6.92 -0.22
CA ASN F 79 15.01 -6.28 -1.44
C ASN F 79 13.49 -6.22 -1.54
N VAL F 80 12.80 -7.20 -0.97
CA VAL F 80 11.33 -7.23 -0.92
C VAL F 80 10.82 -6.13 -0.01
N ILE F 81 11.41 -6.04 1.19
CA ILE F 81 11.08 -4.99 2.15
C ILE F 81 11.32 -3.61 1.54
N ASN F 82 12.52 -3.41 0.99
CA ASN F 82 12.88 -2.13 0.34
C ASN F 82 11.90 -1.77 -0.79
N TRP F 83 11.50 -2.77 -1.57
CA TRP F 83 10.49 -2.61 -2.62
C TRP F 83 9.15 -2.14 -2.05
N THR F 84 8.67 -2.86 -1.03
CA THR F 84 7.41 -2.55 -0.35
C THR F 84 7.43 -1.13 0.26
N ARG F 85 8.48 -0.86 1.03
CA ARG F 85 8.68 0.45 1.66
C ARG F 85 8.63 1.59 0.63
N ASP F 86 9.40 1.44 -0.46
CA ASP F 86 9.41 2.43 -1.53
C ASP F 86 8.03 2.60 -2.17
N ALA F 87 7.32 1.48 -2.37
CA ALA F 87 5.95 1.52 -2.89
C ALA F 87 5.00 2.28 -1.95
N MET F 88 5.17 2.09 -0.64
CA MET F 88 4.41 2.83 0.37
C MET F 88 4.72 4.33 0.29
N THR F 89 6.00 4.65 0.15
CA THR F 89 6.44 6.04 -0.05
C THR F 89 5.74 6.65 -1.27
N GLU F 90 5.64 5.90 -2.36
CA GLU F 90 4.98 6.34 -3.58
C GLU F 90 3.47 6.57 -3.38
N ILE F 91 2.85 5.74 -2.56
CA ILE F 91 1.41 5.83 -2.32
C ILE F 91 1.07 7.00 -1.39
N TRP F 92 1.77 7.10 -0.27
CA TRP F 92 1.53 8.17 0.68
C TRP F 92 1.90 9.55 0.13
N SER F 93 2.98 9.61 -0.66
CA SER F 93 3.36 10.85 -1.31
C SER F 93 2.26 11.35 -2.24
N TYR F 94 1.66 10.43 -3.00
CA TYR F 94 0.50 10.74 -3.84
C TYR F 94 -0.69 11.18 -2.97
N ASN F 95 -1.08 10.35 -2.01
CA ASN F 95 -2.19 10.66 -1.10
C ASN F 95 -2.07 12.03 -0.47
N ALA F 96 -0.87 12.35 0.02
CA ALA F 96 -0.57 13.60 0.70
C ALA F 96 -0.67 14.79 -0.23
N GLU F 97 -0.07 14.67 -1.41
CA GLU F 97 -0.10 15.72 -2.43
C GLU F 97 -1.55 16.00 -2.86
N LEU F 98 -2.31 14.93 -3.07
CA LEU F 98 -3.70 15.05 -3.51
C LEU F 98 -4.58 15.60 -2.40
N LEU F 99 -4.38 15.11 -1.18
CA LEU F 99 -5.13 15.58 -0.03
C LEU F 99 -5.02 17.09 0.14
N VAL F 100 -3.79 17.58 0.14
CA VAL F 100 -3.53 19.01 0.35
C VAL F 100 -4.08 19.83 -0.82
N ALA F 101 -3.86 19.37 -2.04
CA ALA F 101 -4.37 20.06 -3.23
C ALA F 101 -5.89 20.17 -3.20
N MET F 102 -6.57 19.04 -2.97
CA MET F 102 -8.02 19.00 -2.89
C MET F 102 -8.56 19.90 -1.77
N GLU F 103 -7.98 19.77 -0.58
CA GLU F 103 -8.38 20.57 0.57
C GLU F 103 -8.22 22.07 0.28
N ASN F 104 -7.10 22.45 -0.30
CA ASN F 104 -6.84 23.86 -0.60
C ASN F 104 -7.83 24.44 -1.61
N GLN F 105 -8.16 23.66 -2.63
CA GLN F 105 -9.17 24.03 -3.62
C GLN F 105 -10.48 24.38 -2.91
N HIS F 106 -10.88 23.49 -2.00
CA HIS F 106 -12.13 23.61 -1.26
C HIS F 106 -12.13 24.81 -0.33
N THR F 107 -11.08 24.94 0.47
CA THR F 107 -10.89 26.06 1.41
C THR F 107 -11.05 27.42 0.73
N ILE F 108 -10.44 27.56 -0.45
CA ILE F 108 -10.56 28.79 -1.23
C ILE F 108 -12.02 29.01 -1.67
N ASP F 109 -12.64 27.96 -2.21
CA ASP F 109 -14.03 28.04 -2.66
C ASP F 109 -15.00 28.26 -1.50
N LEU F 110 -14.70 27.64 -0.36
CA LEU F 110 -15.49 27.77 0.85
C LEU F 110 -15.51 29.22 1.34
N ALA F 111 -14.33 29.84 1.40
CA ALA F 111 -14.19 31.22 1.84
C ALA F 111 -14.93 32.18 0.90
N ASP F 112 -14.76 31.95 -0.40
CA ASP F 112 -15.43 32.70 -1.45
C ASP F 112 -16.95 32.61 -1.28
N SER F 113 -17.44 31.40 -1.03
CA SER F 113 -18.84 31.14 -0.74
C SER F 113 -19.39 32.03 0.38
N GLU F 114 -18.67 32.11 1.51
CA GLU F 114 -19.09 32.89 2.67
C GLU F 114 -19.26 34.37 2.34
N MET F 115 -18.34 34.89 1.53
CA MET F 115 -18.40 36.27 1.06
C MET F 115 -19.68 36.49 0.27
N SER F 116 -19.96 35.59 -0.67
CA SER F 116 -21.14 35.67 -1.51
C SER F 116 -22.42 35.61 -0.68
N LYS F 117 -22.47 34.68 0.27
CA LYS F 117 -23.64 34.50 1.15
C LYS F 117 -23.95 35.76 1.94
N LEU F 118 -22.88 36.43 2.39
CA LEU F 118 -23.01 37.68 3.15
C LEU F 118 -23.50 38.80 2.25
N TYR F 119 -22.93 38.87 1.04
CA TYR F 119 -23.34 39.83 0.04
C TYR F 119 -24.81 39.63 -0.36
N GLU F 120 -25.22 38.37 -0.53
CA GLU F 120 -26.60 38.05 -0.88
C GLU F 120 -27.57 38.34 0.27
N ARG F 121 -27.13 38.05 1.50
CA ARG F 121 -27.88 38.41 2.69
C ARG F 121 -28.23 39.90 2.62
N VAL F 122 -27.21 40.73 2.43
CA VAL F 122 -27.37 42.19 2.36
C VAL F 122 -28.26 42.63 1.20
N LYS F 123 -28.16 41.94 0.06
CA LYS F 123 -29.00 42.26 -1.09
C LYS F 123 -30.48 42.11 -0.77
N LYS F 124 -30.85 40.94 -0.27
CA LYS F 124 -32.22 40.64 0.11
C LYS F 124 -32.71 41.56 1.23
N GLN F 125 -31.79 41.94 2.11
CA GLN F 125 -32.08 42.83 3.21
C GLN F 125 -32.50 44.21 2.71
N LEU F 126 -31.76 44.73 1.74
CA LEU F 126 -31.95 46.09 1.25
C LEU F 126 -33.17 46.26 0.33
N ARG F 127 -33.73 45.14 -0.13
CA ARG F 127 -34.92 45.13 -0.98
C ARG F 127 -34.82 46.15 -2.13
N GLU F 128 -35.85 46.98 -2.27
CA GLU F 128 -35.92 47.98 -3.34
C GLU F 128 -35.35 49.34 -2.92
N ASN F 129 -34.46 49.32 -1.93
CA ASN F 129 -33.89 50.55 -1.40
C ASN F 129 -32.47 50.81 -1.91
N ALA F 130 -31.91 49.82 -2.59
CA ALA F 130 -30.53 49.92 -3.09
C ALA F 130 -30.37 49.24 -4.44
N GLU F 131 -29.30 49.60 -5.14
CA GLU F 131 -28.94 48.96 -6.40
C GLU F 131 -27.49 48.50 -6.35
N GLU F 132 -27.17 47.46 -7.11
CA GLU F 132 -25.83 46.88 -7.11
C GLU F 132 -24.85 47.67 -7.98
N ASP F 133 -23.67 47.94 -7.42
CA ASP F 133 -22.59 48.61 -8.11
C ASP F 133 -22.02 47.69 -9.19
N GLY F 134 -21.71 46.46 -8.79
CA GLY F 134 -21.00 45.51 -9.64
C GLY F 134 -19.63 45.20 -9.07
N THR F 135 -19.21 46.00 -8.09
CA THR F 135 -17.90 45.85 -7.47
C THR F 135 -18.00 45.33 -6.03
N GLY F 136 -19.22 44.98 -5.63
CA GLY F 136 -19.49 44.51 -4.27
C GLY F 136 -20.16 45.55 -3.40
N CYS F 137 -20.49 46.70 -3.98
CA CYS F 137 -21.12 47.79 -3.25
C CYS F 137 -22.62 47.88 -3.53
N PHE F 138 -23.37 48.39 -2.56
CA PHE F 138 -24.78 48.67 -2.75
C PHE F 138 -25.05 50.16 -2.70
N GLU F 139 -25.45 50.72 -3.85
CA GLU F 139 -25.82 52.14 -3.90
C GLU F 139 -27.19 52.36 -3.26
N ILE F 140 -27.17 53.00 -2.09
CA ILE F 140 -28.36 53.22 -1.28
C ILE F 140 -29.06 54.51 -1.73
N PHE F 141 -30.33 54.40 -2.06
CA PHE F 141 -31.09 55.53 -2.61
C PHE F 141 -31.91 56.30 -1.55
N HIS F 142 -31.41 56.31 -0.33
CA HIS F 142 -31.95 57.15 0.74
C HIS F 142 -30.82 57.59 1.66
N LYS F 143 -31.08 58.55 2.54
CA LYS F 143 -30.05 58.99 3.48
C LYS F 143 -29.96 58.01 4.64
N CYS F 144 -28.78 57.46 4.83
CA CYS F 144 -28.54 56.39 5.79
C CYS F 144 -27.42 56.80 6.75
N ASP F 145 -27.80 57.31 7.92
CA ASP F 145 -26.83 57.74 8.93
C ASP F 145 -26.12 56.57 9.60
N ASP F 146 -25.16 56.87 10.47
CA ASP F 146 -24.37 55.84 11.14
C ASP F 146 -25.22 54.77 11.83
N GLN F 147 -26.37 55.18 12.38
CA GLN F 147 -27.31 54.27 13.03
C GLN F 147 -28.02 53.40 12.00
N CYS F 148 -28.30 53.99 10.85
CA CYS F 148 -28.93 53.28 9.73
C CYS F 148 -27.96 52.27 9.12
N MET F 149 -26.69 52.63 9.06
CA MET F 149 -25.65 51.74 8.54
C MET F 149 -25.45 50.53 9.46
N GLU F 150 -25.51 50.76 10.77
CA GLU F 150 -25.37 49.68 11.74
C GLU F 150 -26.54 48.71 11.68
N SER F 151 -27.73 49.23 11.39
CA SER F 151 -28.94 48.41 11.29
C SER F 151 -28.81 47.41 10.15
N ILE F 152 -28.19 47.85 9.05
CA ILE F 152 -27.87 46.97 7.93
C ILE F 152 -26.89 45.90 8.38
N ARG F 153 -25.88 46.29 9.15
CA ARG F 153 -24.85 45.36 9.62
C ARG F 153 -25.41 44.30 10.57
N ASN F 154 -26.15 44.71 11.59
CA ASN F 154 -26.69 43.75 12.56
C ASN F 154 -28.14 43.28 12.29
N ASN F 155 -28.55 43.40 11.02
CA ASN F 155 -29.79 42.79 10.50
C ASN F 155 -31.09 43.27 11.18
N THR F 156 -31.24 44.58 11.33
CA THR F 156 -32.44 45.17 11.94
C THR F 156 -33.06 46.26 11.05
N TYR F 157 -32.34 46.61 9.99
CA TYR F 157 -32.80 47.52 8.94
C TYR F 157 -34.21 47.18 8.44
N ASP F 158 -35.13 48.14 8.56
CA ASP F 158 -36.50 47.99 8.06
C ASP F 158 -36.66 48.75 6.73
N HIS F 159 -36.72 47.99 5.64
CA HIS F 159 -36.79 48.55 4.29
C HIS F 159 -38.02 49.43 4.05
N THR F 160 -39.11 49.12 4.75
CA THR F 160 -40.37 49.86 4.66
C THR F 160 -40.18 51.32 5.04
N GLN F 161 -39.39 51.56 6.09
CA GLN F 161 -39.14 52.90 6.61
C GLN F 161 -38.58 53.85 5.54
N TYR F 162 -37.83 53.29 4.59
CA TYR F 162 -37.12 54.08 3.59
C TYR F 162 -37.62 53.89 2.16
N ARG F 163 -38.59 53.00 1.97
CA ARG F 163 -39.03 52.59 0.62
C ARG F 163 -39.57 53.74 -0.25
N THR F 164 -40.50 54.51 0.29
CA THR F 164 -41.05 55.68 -0.40
C THR F 164 -39.91 56.61 -0.87
N GLU F 165 -38.98 56.89 0.04
CA GLU F 165 -37.85 57.76 -0.23
C GLU F 165 -36.94 57.18 -1.32
N SER F 166 -36.65 55.89 -1.22
CA SER F 166 -35.77 55.20 -2.15
C SER F 166 -36.32 55.18 -3.58
N LEU F 167 -37.55 54.71 -3.73
CA LEU F 167 -38.17 54.55 -5.05
C LEU F 167 -38.21 55.85 -5.86
N GLN F 168 -38.55 56.96 -5.21
CA GLN F 168 -38.60 58.25 -5.90
C GLN F 168 -37.21 58.79 -6.25
N ASN F 169 -36.20 58.36 -5.50
CA ASN F 169 -34.81 58.70 -5.83
C ASN F 169 -34.26 57.83 -6.95
N ARG F 170 -34.95 56.72 -7.24
CA ARG F 170 -34.53 55.77 -8.27
C ARG F 170 -35.08 56.06 -9.67
N ILE F 171 -35.99 57.04 -9.79
CA ILE F 171 -36.58 57.38 -11.09
C ILE F 171 -35.86 58.55 -11.77
C1 NAG G . 11.33 -53.83 23.20
C2 NAG G . 11.85 -52.41 23.03
C3 NAG G . 11.40 -51.80 21.70
C4 NAG G . 11.38 -52.77 20.50
C5 NAG G . 11.16 -54.25 20.87
C6 NAG G . 11.70 -55.18 19.79
C7 NAG G . 12.22 -50.98 25.01
C8 NAG G . 11.56 -50.18 26.10
N2 NAG G . 11.39 -51.58 24.15
O1 NAG G . 11.81 -54.40 24.40
O3 NAG G . 12.20 -50.69 21.39
O4 NAG G . 10.35 -52.35 19.64
O5 NAG G . 11.78 -54.60 22.10
O6 NAG G . 10.64 -55.55 18.94
O7 NAG G . 13.44 -51.06 24.95
C1 GAL G . 10.81 -51.91 18.34
C2 GAL G . 9.60 -51.50 17.48
C3 GAL G . 9.99 -51.00 16.10
C4 GAL G . 11.14 -49.98 16.20
C5 GAL G . 12.26 -50.50 17.12
C6 GAL G . 13.37 -49.46 17.28
O2 GAL G . 8.69 -52.58 17.35
O3 GAL G . 8.82 -50.48 15.50
O4 GAL G . 10.66 -48.74 16.65
O5 GAL G . 11.72 -50.82 18.39
O6 GAL G . 14.55 -50.09 17.75
C1 SIA G . 7.80 -48.96 13.97
C2 SIA G . 8.90 -50.00 14.13
C3 SIA G . 8.50 -51.31 13.43
C4 SIA G . 8.62 -51.28 11.91
C5 SIA G . 9.92 -50.62 11.44
C6 SIA G . 10.19 -49.30 12.16
C7 SIA G . 11.53 -48.69 11.76
C8 SIA G . 11.90 -47.45 12.55
C9 SIA G . 12.87 -46.60 11.75
C10 SIA G . 10.70 -50.90 9.11
C11 SIA G . 11.78 -51.82 9.61
N5 SIA G . 9.85 -50.38 10.00
O1A SIA G . 6.61 -49.35 14.01
O1B SIA G . 8.11 -47.76 13.83
O4 SIA G . 8.57 -52.62 11.40
O6 SIA G . 10.13 -49.48 13.58
O7 SIA G . 12.59 -49.65 11.90
O8 SIA G . 10.73 -46.67 12.86
O9 SIA G . 13.26 -45.46 12.53
O10 SIA G . 10.58 -50.65 7.93
C1 NAG H . 1.32 -11.50 13.23
C2 NAG H . 2.15 -12.38 14.17
C3 NAG H . 1.31 -13.51 14.79
C4 NAG H . -0.14 -13.15 15.18
C5 NAG H . -0.75 -12.09 14.25
C6 NAG H . -2.01 -11.45 14.84
C7 NAG H . 4.54 -12.92 13.94
C8 NAG H . 5.58 -13.57 13.08
N2 NAG H . 3.28 -12.96 13.47
O3 NAG H . 1.99 -14.00 15.93
O4 NAG H . -0.91 -14.33 15.13
O5 NAG H . 0.18 -11.06 13.95
O6 NAG H . -2.37 -10.31 14.08
O7 NAG H . 4.87 -12.39 15.00
C1 NAG H . -1.54 -14.75 16.38
C2 NAG H . -0.61 -15.68 17.20
C3 NAG H . -1.09 -15.95 18.65
C4 NAG H . -2.00 -14.88 19.26
C5 NAG H . -2.90 -14.22 18.20
C6 NAG H . -3.81 -13.13 18.77
C7 NAG H . -1.30 -17.81 16.07
C8 NAG H . -0.76 -19.04 15.39
N2 NAG H . -0.37 -16.95 16.51
O3 NAG H . 0.04 -16.12 19.47
O4 NAG H . -2.78 -15.48 20.28
O5 NAG H . -2.08 -13.71 17.18
O6 NAG H . -3.18 -11.88 18.72
O7 NAG H . -2.52 -17.66 16.16
C1 GAL I . 35.79 -41.34 -17.81
C2 GAL I . 35.27 -39.90 -17.71
C3 GAL I . 35.81 -39.20 -16.46
C4 GAL I . 35.72 -40.08 -15.21
C5 GAL I . 36.16 -41.53 -15.48
C6 GAL I . 35.92 -42.43 -14.28
O2 GAL I . 35.65 -39.19 -18.87
O3 GAL I . 35.10 -37.99 -16.22
O4 GAL I . 34.39 -40.06 -14.71
O5 GAL I . 35.50 -42.04 -16.62
O6 GAL I . 36.78 -43.55 -14.34
C1 SIA I . 34.92 -36.00 -17.59
C2 SIA I . 35.81 -36.79 -16.65
C3 SIA I . 37.28 -36.58 -17.05
C4 SIA I . 37.87 -35.29 -16.49
C5 SIA I . 37.63 -35.20 -14.98
C6 SIA I . 36.14 -35.34 -14.64
C7 SIA I . 35.93 -35.33 -13.11
C8 SIA I . 34.47 -35.60 -12.67
C9 SIA I . 34.32 -35.44 -11.15
C10 SIA I . 39.25 -33.87 -13.66
C11 SIA I . 39.95 -35.14 -13.29
N5 SIA I . 38.17 -33.95 -14.46
O1A SIA I . 34.73 -34.77 -17.38
O1B SIA I . 34.40 -36.59 -18.55
O4 SIA I . 39.27 -35.24 -16.76
O6 SIA I . 35.56 -36.52 -15.25
O7 SIA I . 36.80 -36.28 -12.49
O8 SIA I . 33.58 -34.69 -13.32
O9 SIA I . 33.58 -36.54 -10.60
O10 SIA I . 39.64 -32.79 -13.26
C1 NAG J . -9.24 17.52 -27.08
C2 NAG J . -8.61 18.61 -27.94
C3 NAG J . -7.37 18.12 -28.69
C4 NAG J . -6.46 17.17 -27.89
C5 NAG J . -7.27 16.22 -27.00
C6 NAG J . -6.40 15.45 -26.02
C7 NAG J . -10.07 20.37 -28.84
C8 NAG J . -11.07 20.75 -29.90
N2 NAG J . -9.59 19.13 -28.90
O3 NAG J . -6.63 19.26 -29.10
O4 NAG J . -5.67 16.39 -28.79
O5 NAG J . -8.24 16.95 -26.26
O6 NAG J . -6.91 14.15 -25.86
O7 NAG J . -9.74 21.20 -27.98
C1 NAG J . -4.34 16.93 -28.97
C2 NAG J . -3.35 15.79 -29.24
C3 NAG J . -1.94 16.34 -29.53
C4 NAG J . -1.95 17.49 -30.53
C5 NAG J . -3.04 18.51 -30.20
C6 NAG J . -3.19 19.56 -31.30
C7 NAG J . -3.84 13.67 -28.11
C8 NAG J . -3.66 12.87 -26.85
N2 NAG J . -3.28 14.87 -28.11
O3 NAG J . -1.12 15.31 -30.03
O4 NAG J . -0.68 18.10 -30.54
O5 NAG J . -4.29 17.87 -30.02
O6 NAG J . -4.00 20.63 -30.84
O7 NAG J . -4.48 13.20 -29.05
C1 NAG K . 51.55 -23.41 22.55
C2 NAG K . 50.56 -23.19 21.42
C3 NAG K . 49.21 -22.78 21.98
C4 NAG K . 48.72 -23.66 23.14
C5 NAG K . 49.86 -24.06 24.11
C6 NAG K . 49.47 -25.24 24.99
C7 NAG K . 50.94 -22.24 19.17
C8 NAG K . 51.52 -21.09 18.39
N2 NAG K . 51.06 -22.17 20.49
O1 NAG K . 52.80 -23.84 22.04
O3 NAG K . 48.24 -22.80 20.94
O4 NAG K . 47.69 -22.98 23.83
O5 NAG K . 51.05 -24.42 23.41
O6 NAG K . 49.03 -24.76 26.25
O7 NAG K . 50.38 -23.17 18.57
C1 GAL K . 46.44 -23.73 23.84
C2 GAL K . 45.24 -22.79 23.95
C3 GAL K . 43.93 -23.56 24.02
C4 GAL K . 43.87 -24.68 22.97
C5 GAL K . 45.16 -25.50 22.94
C6 GAL K . 45.15 -26.56 21.84
O2 GAL K . 45.37 -21.97 25.09
O3 GAL K . 42.82 -22.69 23.84
O4 GAL K . 43.66 -24.10 21.70
O5 GAL K . 46.26 -24.64 22.77
O6 GAL K . 44.41 -27.68 22.24
C1 SIA K . 41.21 -21.24 24.92
C2 SIA K . 41.94 -22.57 24.98
C3 SIA K . 42.15 -22.98 26.45
C4 SIA K . 40.84 -23.43 27.11
C5 SIA K . 40.15 -24.51 26.28
C6 SIA K . 39.95 -24.04 24.84
C7 SIA K . 39.32 -25.13 23.96
C8 SIA K . 39.20 -24.74 22.50
C9 SIA K . 38.26 -25.69 21.76
C10 SIA K . 38.62 -26.07 27.39
C11 SIA K . 39.73 -27.09 27.37
N5 SIA K . 38.87 -24.87 26.86
O1A SIA K . 41.36 -20.41 25.85
O1B SIA K . 40.50 -20.99 23.93
O4 SIA K . 41.11 -23.92 28.43
O6 SIA K . 41.20 -23.58 24.28
O7 SIA K . 40.07 -26.36 24.05
O8 SIA K . 38.72 -23.40 22.37
O9 SIA K . 38.26 -25.39 20.35
O10 SIA K . 37.52 -26.33 27.85
C1 NAG L . -32.81 5.84 4.75
C2 NAG L . -33.65 5.56 3.49
C3 NAG L . -33.95 4.07 3.33
C4 NAG L . -32.78 3.14 3.67
C5 NAG L . -31.93 3.63 4.85
C6 NAG L . -30.60 2.87 4.91
C7 NAG L . -35.85 6.47 4.33
C8 NAG L . -36.97 7.38 3.96
N2 NAG L . -34.87 6.37 3.42
O3 NAG L . -34.33 3.83 1.98
O4 NAG L . -33.27 1.85 3.96
O5 NAG L . -31.66 5.02 4.75
O6 NAG L . -29.74 3.47 5.86
O7 NAG L . -35.87 5.89 5.42
C1 GOL M . -14.60 18.98 -3.53
O1 GOL M . -13.66 18.76 -4.55
C2 GOL M . -15.89 19.55 -4.12
O2 GOL M . -16.41 18.68 -5.10
C3 GOL M . -16.92 19.71 -2.97
O3 GOL M . -18.00 20.49 -3.39
C1 GOL N . -15.46 4.60 -6.14
O1 GOL N . -14.77 4.99 -4.98
C2 GOL N . -14.74 5.15 -7.37
O2 GOL N . -13.40 4.71 -7.38
C3 GOL N . -15.46 4.62 -8.61
O3 GOL N . -15.79 5.70 -9.46
C1 NAG O . 3.58 -15.34 -8.85
C2 NAG O . 3.80 -16.85 -8.98
C3 NAG O . 4.44 -17.28 -10.31
C4 NAG O . 3.91 -16.51 -11.51
C5 NAG O . 3.88 -15.00 -11.21
C6 NAG O . 3.35 -14.17 -12.37
C7 NAG O . 4.12 -18.05 -6.84
C8 NAG O . 5.12 -18.44 -5.80
N2 NAG O . 4.60 -17.32 -7.85
O3 NAG O . 4.24 -18.66 -10.52
O4 NAG O . 4.69 -16.77 -12.67
O5 NAG O . 3.08 -14.79 -10.06
O6 NAG O . 1.95 -14.35 -12.51
O7 NAG O . 2.96 -18.41 -6.74
C1 GOL P . -2.05 16.29 -6.65
O1 GOL P . -1.41 17.46 -7.08
C2 GOL P . -1.35 15.09 -7.27
O2 GOL P . -1.50 13.95 -6.43
C3 GOL P . -1.95 14.83 -8.64
O3 GOL P . -2.20 13.44 -8.79
C1 NAG Q . -1.74 31.21 10.70
C2 NAG Q . -1.80 31.73 12.15
C3 NAG Q . -0.40 31.92 12.74
C4 NAG Q . 0.44 30.65 12.51
C5 NAG Q . 0.47 30.35 11.02
C6 NAG Q . 1.41 29.19 10.65
C7 NAG Q . -2.32 34.14 11.69
C8 NAG Q . -3.34 35.22 11.93
N2 NAG Q . -2.61 32.95 12.22
O3 NAG Q . -0.48 32.22 14.12
O4 NAG Q . 1.75 30.83 13.05
O5 NAG Q . -0.86 30.10 10.56
O6 NAG Q . 0.83 27.94 10.92
O7 NAG Q . -1.31 34.40 11.02
C1 NAG R . 17.70 -1.48 1.53
C2 NAG R . 18.99 -2.20 1.11
C3 NAG R . 20.17 -1.87 2.04
C4 NAG R . 20.32 -0.35 2.20
C5 NAG R . 18.99 0.26 2.65
C6 NAG R . 19.10 1.78 2.73
C7 NAG R . 19.12 -4.42 0.03
C8 NAG R . 18.84 -5.89 0.19
N2 NAG R . 18.79 -3.65 1.08
O3 NAG R . 21.36 -2.41 1.53
O4 NAG R . 21.35 -0.05 3.13
O5 NAG R . 17.95 -0.09 1.74
O6 NAG R . 17.84 2.35 2.97
O7 NAG R . 19.62 -4.01 -1.02
C1 GOL S . -7.69 12.45 7.15
O1 GOL S . -6.79 12.78 6.14
C2 GOL S . -8.99 11.98 6.51
O2 GOL S . -8.87 10.62 6.12
C3 GOL S . -10.10 12.12 7.54
O3 GOL S . -11.21 12.68 6.89
#